data_7GAB
# 
_entry.id   7GAB 
# 
_audit_conform.dict_name       mmcif_pdbx.dic 
_audit_conform.dict_version    5.396 
_audit_conform.dict_location   http://mmcif.pdb.org/dictionaries/ascii/mmcif_pdbx.dic 
# 
loop_
_database_2.database_id 
_database_2.database_code 
_database_2.pdbx_database_accession 
_database_2.pdbx_DOI 
PDB   7GAB         pdb_00007gab 10.2210/pdb7gab/pdb 
WWPDB D_1001405932 ?            ?                   
# 
_pdbx_audit_revision_history.ordinal             1 
_pdbx_audit_revision_history.data_content_type   'Structure model' 
_pdbx_audit_revision_history.major_revision      1 
_pdbx_audit_revision_history.minor_revision      0 
_pdbx_audit_revision_history.revision_date       2024-09-04 
# 
_pdbx_audit_revision_details.ordinal             1 
_pdbx_audit_revision_details.revision_ordinal    1 
_pdbx_audit_revision_details.data_content_type   'Structure model' 
_pdbx_audit_revision_details.provider            repository 
_pdbx_audit_revision_details.type                'Initial release' 
_pdbx_audit_revision_details.description         ? 
_pdbx_audit_revision_details.details             ? 
# 
_pdbx_database_status.entry_id                        7GAB 
_pdbx_database_status.status_code                     REL 
_pdbx_database_status.status_code_sf                  REL 
_pdbx_database_status.status_code_mr                  ? 
_pdbx_database_status.status_code_cs                  ? 
_pdbx_database_status.recvd_initial_deposition_date   2023-08-10 
_pdbx_database_status.status_code_nmr_data            ? 
_pdbx_database_status.deposit_site                    RCSB 
_pdbx_database_status.process_site                    RCSB 
_pdbx_database_status.SG_entry                        ? 
_pdbx_database_status.pdb_format_compatible           Y 
_pdbx_database_status.methods_development_category    ? 
# 
_pdbx_contact_author.id                 1 
_pdbx_contact_author.email              knapp@pharmchem.uni-frankfurt.de 
_pdbx_contact_author.name_first         Stefan 
_pdbx_contact_author.name_last          Knapp 
_pdbx_contact_author.role               'principal investigator/group leader' 
_pdbx_contact_author.identifier_ORCID   0000-0001-5995-6494 
_pdbx_contact_author.name_mi            ? 
# 
loop_
_audit_author.name 
_audit_author.pdbx_ordinal 
_audit_author.identifier_ORCID 
'Kumar, A.'                            1 ? 
'Marples, P.G.'                        2 ? 
'Tomlinson, C.W.E.'                    3 ? 
'Fearon, D.'                           4 ? 
'von-Delft, F.'                        5 ? 
'Knapp, S.'                            6 ? 
'Structural Genomics Consortium (SGC)' 7 ? 
# 
_citation.id                        primary 
_citation.title                     'PanDDA analysis group deposition' 
_citation.journal_abbrev            'To Be Published' 
_citation.journal_volume            ? 
_citation.page_first                ? 
_citation.page_last                 ? 
_citation.year                      ? 
_citation.journal_id_ASTM           ? 
_citation.country                   ? 
_citation.journal_id_ISSN           ? 
_citation.journal_id_CSD            0353 
_citation.book_publisher            ? 
_citation.pdbx_database_id_PubMed   ? 
_citation.pdbx_database_id_DOI      ? 
# 
loop_
_citation_author.citation_id 
_citation_author.name 
_citation_author.identifier_ORCID 
_citation_author.ordinal 
primary 'Kumar, A.'                            ? 1 
primary 'Knapp, S.'                            ? 2 
primary 'Structural Genomics Consortium (SGC)' ? 3 
# 
loop_
_entity.id 
_entity.type 
_entity.src_method 
_entity.pdbx_description 
_entity.formula_weight 
_entity.pdbx_number_of_molecules 
_entity.pdbx_ec 
_entity.pdbx_mutation 
_entity.pdbx_fragment 
_entity.details 
1 polymer     man 'Microtubule-associated proteins 1A/1B light chain 3B' 14237.361 1  ? TruncationafterGly120 ? ? 
2 non-polymer syn 2-tert-butylbenzene-1,4-diol                           166.217   1  ? ?                     ? ? 
3 non-polymer syn 1,2-ETHANEDIOL                                         62.068    9  ? ?                     ? ? 
4 non-polymer syn 'CHLORIDE ION'                                         35.453    1  ? ?                     ? ? 
5 water       nat water                                                  18.015    92 ? ?                     ? ? 
# 
_entity_name_com.entity_id   1 
_entity_name_com.name        
;Autophagy-related protein LC3 B,Autophagy-related ubiquitin-like modifier LC3 B,MAP1 light chain 3-like protein 2,MAP1A/MAP1B light chain 3 B,MAP1A/MAP1B LC3 B,Microtubule-associated protein 1 light chain 3 beta
;
# 
_entity_poly.entity_id                      1 
_entity_poly.type                           'polypeptide(L)' 
_entity_poly.nstd_linkage                   no 
_entity_poly.nstd_monomer                   no 
_entity_poly.pdbx_seq_one_letter_code       
;SMPSEKTFKQRRTFEQRVEDVRLIREQHPTKIPVIIERYKGEKQLPVLDKTKFLVPDHVNMSELIKIIRRRLQLNANQAF
FLLVNGHSMVSVSTPISEVYESEKDEDGFLYMVYASQETFG
;
_entity_poly.pdbx_seq_one_letter_code_can   
;SMPSEKTFKQRRTFEQRVEDVRLIREQHPTKIPVIIERYKGEKQLPVLDKTKFLVPDHVNMSELIKIIRRRLQLNANQAF
FLLVNGHSMVSVSTPISEVYESEKDEDGFLYMVYASQETFG
;
_entity_poly.pdbx_strand_id                 A 
_entity_poly.pdbx_target_identifier         ? 
# 
loop_
_pdbx_entity_nonpoly.entity_id 
_pdbx_entity_nonpoly.name 
_pdbx_entity_nonpoly.comp_id 
2 2-tert-butylbenzene-1,4-diol EYK 
3 1,2-ETHANEDIOL               EDO 
4 'CHLORIDE ION'               CL  
5 water                        HOH 
# 
loop_
_entity_poly_seq.entity_id 
_entity_poly_seq.num 
_entity_poly_seq.mon_id 
_entity_poly_seq.hetero 
1 1   SER n 
1 2   MET n 
1 3   PRO n 
1 4   SER n 
1 5   GLU n 
1 6   LYS n 
1 7   THR n 
1 8   PHE n 
1 9   LYS n 
1 10  GLN n 
1 11  ARG n 
1 12  ARG n 
1 13  THR n 
1 14  PHE n 
1 15  GLU n 
1 16  GLN n 
1 17  ARG n 
1 18  VAL n 
1 19  GLU n 
1 20  ASP n 
1 21  VAL n 
1 22  ARG n 
1 23  LEU n 
1 24  ILE n 
1 25  ARG n 
1 26  GLU n 
1 27  GLN n 
1 28  HIS n 
1 29  PRO n 
1 30  THR n 
1 31  LYS n 
1 32  ILE n 
1 33  PRO n 
1 34  VAL n 
1 35  ILE n 
1 36  ILE n 
1 37  GLU n 
1 38  ARG n 
1 39  TYR n 
1 40  LYS n 
1 41  GLY n 
1 42  GLU n 
1 43  LYS n 
1 44  GLN n 
1 45  LEU n 
1 46  PRO n 
1 47  VAL n 
1 48  LEU n 
1 49  ASP n 
1 50  LYS n 
1 51  THR n 
1 52  LYS n 
1 53  PHE n 
1 54  LEU n 
1 55  VAL n 
1 56  PRO n 
1 57  ASP n 
1 58  HIS n 
1 59  VAL n 
1 60  ASN n 
1 61  MET n 
1 62  SER n 
1 63  GLU n 
1 64  LEU n 
1 65  ILE n 
1 66  LYS n 
1 67  ILE n 
1 68  ILE n 
1 69  ARG n 
1 70  ARG n 
1 71  ARG n 
1 72  LEU n 
1 73  GLN n 
1 74  LEU n 
1 75  ASN n 
1 76  ALA n 
1 77  ASN n 
1 78  GLN n 
1 79  ALA n 
1 80  PHE n 
1 81  PHE n 
1 82  LEU n 
1 83  LEU n 
1 84  VAL n 
1 85  ASN n 
1 86  GLY n 
1 87  HIS n 
1 88  SER n 
1 89  MET n 
1 90  VAL n 
1 91  SER n 
1 92  VAL n 
1 93  SER n 
1 94  THR n 
1 95  PRO n 
1 96  ILE n 
1 97  SER n 
1 98  GLU n 
1 99  VAL n 
1 100 TYR n 
1 101 GLU n 
1 102 SER n 
1 103 GLU n 
1 104 LYS n 
1 105 ASP n 
1 106 GLU n 
1 107 ASP n 
1 108 GLY n 
1 109 PHE n 
1 110 LEU n 
1 111 TYR n 
1 112 MET n 
1 113 VAL n 
1 114 TYR n 
1 115 ALA n 
1 116 SER n 
1 117 GLN n 
1 118 GLU n 
1 119 THR n 
1 120 PHE n 
1 121 GLY n 
# 
_entity_src_gen.entity_id                          1 
_entity_src_gen.pdbx_src_id                        1 
_entity_src_gen.pdbx_alt_source_flag               sample 
_entity_src_gen.pdbx_seq_type                      'Biological sequence' 
_entity_src_gen.pdbx_beg_seq_num                   1 
_entity_src_gen.pdbx_end_seq_num                   121 
_entity_src_gen.gene_src_common_name               human 
_entity_src_gen.gene_src_genus                     ? 
_entity_src_gen.pdbx_gene_src_gene                 'MAP1LC3B, MAP1ALC3' 
_entity_src_gen.gene_src_species                   ? 
_entity_src_gen.gene_src_strain                    ? 
_entity_src_gen.gene_src_tissue                    ? 
_entity_src_gen.gene_src_tissue_fraction           ? 
_entity_src_gen.gene_src_details                   ? 
_entity_src_gen.pdbx_gene_src_fragment             ? 
_entity_src_gen.pdbx_gene_src_scientific_name      'Homo sapiens' 
_entity_src_gen.pdbx_gene_src_ncbi_taxonomy_id     9606 
_entity_src_gen.pdbx_gene_src_variant              ? 
_entity_src_gen.pdbx_gene_src_cell_line            ? 
_entity_src_gen.pdbx_gene_src_atcc                 ? 
_entity_src_gen.pdbx_gene_src_organ                ? 
_entity_src_gen.pdbx_gene_src_organelle            ? 
_entity_src_gen.pdbx_gene_src_cell                 ? 
_entity_src_gen.pdbx_gene_src_cellular_location    ? 
_entity_src_gen.host_org_common_name               ? 
_entity_src_gen.pdbx_host_org_scientific_name      'Escherichia coli' 
_entity_src_gen.pdbx_host_org_ncbi_taxonomy_id     562 
_entity_src_gen.host_org_genus                     ? 
_entity_src_gen.pdbx_host_org_gene                 ? 
_entity_src_gen.pdbx_host_org_organ                ? 
_entity_src_gen.host_org_species                   ? 
_entity_src_gen.pdbx_host_org_tissue               ? 
_entity_src_gen.pdbx_host_org_tissue_fraction      ? 
_entity_src_gen.pdbx_host_org_strain               ? 
_entity_src_gen.pdbx_host_org_variant              ? 
_entity_src_gen.pdbx_host_org_cell_line            ? 
_entity_src_gen.pdbx_host_org_atcc                 ? 
_entity_src_gen.pdbx_host_org_culture_collection   ? 
_entity_src_gen.pdbx_host_org_cell                 ? 
_entity_src_gen.pdbx_host_org_organelle            ? 
_entity_src_gen.pdbx_host_org_cellular_location    ? 
_entity_src_gen.pdbx_host_org_vector_type          ? 
_entity_src_gen.pdbx_host_org_vector               ? 
_entity_src_gen.host_org_details                   ? 
_entity_src_gen.expression_system_id               ? 
_entity_src_gen.plasmid_name                       ? 
_entity_src_gen.plasmid_details                    ? 
_entity_src_gen.pdbx_description                   ? 
# 
loop_
_chem_comp.id 
_chem_comp.type 
_chem_comp.mon_nstd_flag 
_chem_comp.name 
_chem_comp.pdbx_synonyms 
_chem_comp.formula 
_chem_comp.formula_weight 
ALA 'L-peptide linking' y ALANINE                      ?                 'C3 H7 N O2'     89.093  
ARG 'L-peptide linking' y ARGININE                     ?                 'C6 H15 N4 O2 1' 175.209 
ASN 'L-peptide linking' y ASPARAGINE                   ?                 'C4 H8 N2 O3'    132.118 
ASP 'L-peptide linking' y 'ASPARTIC ACID'              ?                 'C4 H7 N O4'     133.103 
CL  non-polymer         . 'CHLORIDE ION'               ?                 'Cl -1'          35.453  
EDO non-polymer         . 1,2-ETHANEDIOL               'ETHYLENE GLYCOL' 'C2 H6 O2'       62.068  
EYK non-polymer         . 2-tert-butylbenzene-1,4-diol ?                 'C10 H14 O2'     166.217 
GLN 'L-peptide linking' y GLUTAMINE                    ?                 'C5 H10 N2 O3'   146.144 
GLU 'L-peptide linking' y 'GLUTAMIC ACID'              ?                 'C5 H9 N O4'     147.129 
GLY 'peptide linking'   y GLYCINE                      ?                 'C2 H5 N O2'     75.067  
HIS 'L-peptide linking' y HISTIDINE                    ?                 'C6 H10 N3 O2 1' 156.162 
HOH non-polymer         . WATER                        ?                 'H2 O'           18.015  
ILE 'L-peptide linking' y ISOLEUCINE                   ?                 'C6 H13 N O2'    131.173 
LEU 'L-peptide linking' y LEUCINE                      ?                 'C6 H13 N O2'    131.173 
LYS 'L-peptide linking' y LYSINE                       ?                 'C6 H15 N2 O2 1' 147.195 
MET 'L-peptide linking' y METHIONINE                   ?                 'C5 H11 N O2 S'  149.211 
PHE 'L-peptide linking' y PHENYLALANINE                ?                 'C9 H11 N O2'    165.189 
PRO 'L-peptide linking' y PROLINE                      ?                 'C5 H9 N O2'     115.130 
SER 'L-peptide linking' y SERINE                       ?                 'C3 H7 N O3'     105.093 
THR 'L-peptide linking' y THREONINE                    ?                 'C4 H9 N O3'     119.119 
TYR 'L-peptide linking' y TYROSINE                     ?                 'C9 H11 N O3'    181.189 
VAL 'L-peptide linking' y VALINE                       ?                 'C5 H11 N O2'    117.146 
# 
loop_
_pdbx_poly_seq_scheme.asym_id 
_pdbx_poly_seq_scheme.entity_id 
_pdbx_poly_seq_scheme.seq_id 
_pdbx_poly_seq_scheme.mon_id 
_pdbx_poly_seq_scheme.ndb_seq_num 
_pdbx_poly_seq_scheme.pdb_seq_num 
_pdbx_poly_seq_scheme.auth_seq_num 
_pdbx_poly_seq_scheme.pdb_mon_id 
_pdbx_poly_seq_scheme.auth_mon_id 
_pdbx_poly_seq_scheme.pdb_strand_id 
_pdbx_poly_seq_scheme.pdb_ins_code 
_pdbx_poly_seq_scheme.hetero 
A 1 1   SER 1   0   ?   ?   ?   A . n 
A 1 2   MET 2   1   ?   ?   ?   A . n 
A 1 3   PRO 3   2   ?   ?   ?   A . n 
A 1 4   SER 4   3   ?   ?   ?   A . n 
A 1 5   GLU 5   4   ?   ?   ?   A . n 
A 1 6   LYS 6   5   5   LYS LYS A . n 
A 1 7   THR 7   6   6   THR THR A . n 
A 1 8   PHE 8   7   7   PHE PHE A . n 
A 1 9   LYS 9   8   8   LYS LYS A . n 
A 1 10  GLN 10  9   9   GLN GLN A . n 
A 1 11  ARG 11  10  10  ARG ARG A . n 
A 1 12  ARG 12  11  11  ARG ARG A . n 
A 1 13  THR 13  12  12  THR THR A . n 
A 1 14  PHE 14  13  13  PHE PHE A . n 
A 1 15  GLU 15  14  14  GLU GLU A . n 
A 1 16  GLN 16  15  15  GLN GLN A . n 
A 1 17  ARG 17  16  16  ARG ARG A . n 
A 1 18  VAL 18  17  17  VAL VAL A . n 
A 1 19  GLU 19  18  18  GLU GLU A . n 
A 1 20  ASP 20  19  19  ASP ASP A . n 
A 1 21  VAL 21  20  20  VAL VAL A . n 
A 1 22  ARG 22  21  21  ARG ARG A . n 
A 1 23  LEU 23  22  22  LEU LEU A . n 
A 1 24  ILE 24  23  23  ILE ILE A . n 
A 1 25  ARG 25  24  24  ARG ARG A . n 
A 1 26  GLU 26  25  25  GLU GLU A . n 
A 1 27  GLN 27  26  26  GLN GLN A . n 
A 1 28  HIS 28  27  27  HIS HIS A . n 
A 1 29  PRO 29  28  28  PRO PRO A . n 
A 1 30  THR 30  29  29  THR THR A . n 
A 1 31  LYS 31  30  30  LYS LYS A . n 
A 1 32  ILE 32  31  31  ILE ILE A . n 
A 1 33  PRO 33  32  32  PRO PRO A . n 
A 1 34  VAL 34  33  33  VAL VAL A . n 
A 1 35  ILE 35  34  34  ILE ILE A . n 
A 1 36  ILE 36  35  35  ILE ILE A . n 
A 1 37  GLU 37  36  36  GLU GLU A . n 
A 1 38  ARG 38  37  37  ARG ARG A . n 
A 1 39  TYR 39  38  38  TYR TYR A . n 
A 1 40  LYS 40  39  39  LYS LYS A . n 
A 1 41  GLY 41  40  40  GLY GLY A . n 
A 1 42  GLU 42  41  41  GLU GLU A . n 
A 1 43  LYS 43  42  42  LYS LYS A . n 
A 1 44  GLN 44  43  43  GLN GLN A . n 
A 1 45  LEU 45  44  44  LEU LEU A . n 
A 1 46  PRO 46  45  45  PRO PRO A . n 
A 1 47  VAL 47  46  46  VAL VAL A . n 
A 1 48  LEU 48  47  47  LEU LEU A . n 
A 1 49  ASP 49  48  48  ASP ASP A . n 
A 1 50  LYS 50  49  49  LYS LYS A . n 
A 1 51  THR 51  50  50  THR THR A . n 
A 1 52  LYS 52  51  51  LYS LYS A . n 
A 1 53  PHE 53  52  52  PHE PHE A . n 
A 1 54  LEU 54  53  53  LEU LEU A . n 
A 1 55  VAL 55  54  54  VAL VAL A . n 
A 1 56  PRO 56  55  55  PRO PRO A . n 
A 1 57  ASP 57  56  56  ASP ASP A . n 
A 1 58  HIS 58  57  57  HIS HIS A . n 
A 1 59  VAL 59  58  58  VAL VAL A . n 
A 1 60  ASN 60  59  59  ASN ASN A . n 
A 1 61  MET 61  60  60  MET MET A . n 
A 1 62  SER 62  61  61  SER SER A . n 
A 1 63  GLU 63  62  62  GLU GLU A . n 
A 1 64  LEU 64  63  63  LEU LEU A . n 
A 1 65  ILE 65  64  64  ILE ILE A . n 
A 1 66  LYS 66  65  65  LYS LYS A . n 
A 1 67  ILE 67  66  66  ILE ILE A . n 
A 1 68  ILE 68  67  67  ILE ILE A . n 
A 1 69  ARG 69  68  68  ARG ARG A . n 
A 1 70  ARG 70  69  69  ARG ARG A . n 
A 1 71  ARG 71  70  70  ARG ARG A . n 
A 1 72  LEU 72  71  71  LEU LEU A . n 
A 1 73  GLN 73  72  72  GLN GLN A . n 
A 1 74  LEU 74  73  73  LEU LEU A . n 
A 1 75  ASN 75  74  74  ASN ASN A . n 
A 1 76  ALA 76  75  75  ALA ALA A . n 
A 1 77  ASN 77  76  76  ASN ASN A . n 
A 1 78  GLN 78  77  77  GLN GLN A . n 
A 1 79  ALA 79  78  78  ALA ALA A . n 
A 1 80  PHE 80  79  79  PHE PHE A . n 
A 1 81  PHE 81  80  80  PHE PHE A . n 
A 1 82  LEU 82  81  81  LEU LEU A . n 
A 1 83  LEU 83  82  82  LEU LEU A . n 
A 1 84  VAL 84  83  83  VAL VAL A . n 
A 1 85  ASN 85  84  84  ASN ASN A . n 
A 1 86  GLY 86  85  85  GLY GLY A . n 
A 1 87  HIS 87  86  86  HIS HIS A . n 
A 1 88  SER 88  87  87  SER SER A . n 
A 1 89  MET 89  88  88  MET MET A . n 
A 1 90  VAL 90  89  89  VAL VAL A . n 
A 1 91  SER 91  90  90  SER SER A . n 
A 1 92  VAL 92  91  91  VAL VAL A . n 
A 1 93  SER 93  92  92  SER SER A . n 
A 1 94  THR 94  93  93  THR THR A . n 
A 1 95  PRO 95  94  94  PRO PRO A . n 
A 1 96  ILE 96  95  95  ILE ILE A . n 
A 1 97  SER 97  96  96  SER SER A . n 
A 1 98  GLU 98  97  97  GLU GLU A . n 
A 1 99  VAL 99  98  98  VAL VAL A . n 
A 1 100 TYR 100 99  99  TYR TYR A . n 
A 1 101 GLU 101 100 100 GLU GLU A . n 
A 1 102 SER 102 101 101 SER SER A . n 
A 1 103 GLU 103 102 102 GLU GLU A . n 
A 1 104 LYS 104 103 103 LYS LYS A . n 
A 1 105 ASP 105 104 104 ASP ASP A . n 
A 1 106 GLU 106 105 105 GLU GLU A . n 
A 1 107 ASP 107 106 106 ASP ASP A . n 
A 1 108 GLY 108 107 107 GLY GLY A . n 
A 1 109 PHE 109 108 108 PHE PHE A . n 
A 1 110 LEU 110 109 109 LEU LEU A . n 
A 1 111 TYR 111 110 110 TYR TYR A . n 
A 1 112 MET 112 111 111 MET MET A . n 
A 1 113 VAL 113 112 112 VAL VAL A . n 
A 1 114 TYR 114 113 113 TYR TYR A . n 
A 1 115 ALA 115 114 114 ALA ALA A . n 
A 1 116 SER 116 115 115 SER SER A . n 
A 1 117 GLN 117 116 116 GLN GLN A . n 
A 1 118 GLU 118 117 117 GLU GLU A . n 
A 1 119 THR 119 118 118 THR THR A . n 
A 1 120 PHE 120 119 119 PHE PHE A . n 
A 1 121 GLY 121 120 ?   ?   ?   A . n 
# 
_pdbx_entity_instance_feature.ordinal        1 
_pdbx_entity_instance_feature.comp_id        EYK 
_pdbx_entity_instance_feature.asym_id        ? 
_pdbx_entity_instance_feature.seq_num        ? 
_pdbx_entity_instance_feature.auth_comp_id   EYK 
_pdbx_entity_instance_feature.auth_asym_id   ? 
_pdbx_entity_instance_feature.auth_seq_num   ? 
_pdbx_entity_instance_feature.feature_type   'SUBJECT OF INVESTIGATION' 
_pdbx_entity_instance_feature.details        ? 
# 
loop_
_pdbx_nonpoly_scheme.asym_id 
_pdbx_nonpoly_scheme.entity_id 
_pdbx_nonpoly_scheme.mon_id 
_pdbx_nonpoly_scheme.ndb_seq_num 
_pdbx_nonpoly_scheme.pdb_seq_num 
_pdbx_nonpoly_scheme.auth_seq_num 
_pdbx_nonpoly_scheme.pdb_mon_id 
_pdbx_nonpoly_scheme.auth_mon_id 
_pdbx_nonpoly_scheme.pdb_strand_id 
_pdbx_nonpoly_scheme.pdb_ins_code 
B 2 EYK 1  201 201 EYK LIG A . 
C 3 EDO 1  202 105 EDO EDO A . 
D 3 EDO 1  203 106 EDO EDO A . 
E 3 EDO 1  204 107 EDO EDO A . 
F 3 EDO 1  205 108 EDO EDO A . 
G 3 EDO 1  206 109 EDO EDO A . 
H 3 EDO 1  207 110 EDO EDO A . 
I 3 EDO 1  208 111 EDO EDO A . 
J 3 EDO 1  209 112 EDO EDO A . 
K 3 EDO 1  210 113 EDO EDO A . 
L 4 CL  1  211 114 CL  CL  A . 
M 5 HOH 1  301 56  HOH HOH A . 
M 5 HOH 2  302 62  HOH HOH A . 
M 5 HOH 3  303 10  HOH HOH A . 
M 5 HOH 4  304 22  HOH HOH A . 
M 5 HOH 5  305 82  HOH HOH A . 
M 5 HOH 6  306 74  HOH HOH A . 
M 5 HOH 7  307 48  HOH HOH A . 
M 5 HOH 8  308 43  HOH HOH A . 
M 5 HOH 9  309 19  HOH HOH A . 
M 5 HOH 10 310 40  HOH HOH A . 
M 5 HOH 11 311 33  HOH HOH A . 
M 5 HOH 12 312 4   HOH HOH A . 
M 5 HOH 13 313 55  HOH HOH A . 
M 5 HOH 14 314 59  HOH HOH A . 
M 5 HOH 15 315 34  HOH HOH A . 
M 5 HOH 16 316 73  HOH HOH A . 
M 5 HOH 17 317 75  HOH HOH A . 
M 5 HOH 18 318 16  HOH HOH A . 
M 5 HOH 19 319 12  HOH HOH A . 
M 5 HOH 20 320 21  HOH HOH A . 
M 5 HOH 21 321 20  HOH HOH A . 
M 5 HOH 22 322 91  HOH HOH A . 
M 5 HOH 23 323 45  HOH HOH A . 
M 5 HOH 24 324 32  HOH HOH A . 
M 5 HOH 25 325 64  HOH HOH A . 
M 5 HOH 26 326 25  HOH HOH A . 
M 5 HOH 27 327 42  HOH HOH A . 
M 5 HOH 28 328 18  HOH HOH A . 
M 5 HOH 29 329 15  HOH HOH A . 
M 5 HOH 30 330 86  HOH HOH A . 
M 5 HOH 31 331 92  HOH HOH A . 
M 5 HOH 32 332 17  HOH HOH A . 
M 5 HOH 33 333 84  HOH HOH A . 
M 5 HOH 34 334 35  HOH HOH A . 
M 5 HOH 35 335 27  HOH HOH A . 
M 5 HOH 36 336 41  HOH HOH A . 
M 5 HOH 37 337 8   HOH HOH A . 
M 5 HOH 38 338 1   HOH HOH A . 
M 5 HOH 39 339 23  HOH HOH A . 
M 5 HOH 40 340 24  HOH HOH A . 
M 5 HOH 41 341 2   HOH HOH A . 
M 5 HOH 42 342 66  HOH HOH A . 
M 5 HOH 43 343 71  HOH HOH A . 
M 5 HOH 44 344 52  HOH HOH A . 
M 5 HOH 45 345 83  HOH HOH A . 
M 5 HOH 46 346 49  HOH HOH A . 
M 5 HOH 47 347 9   HOH HOH A . 
M 5 HOH 48 348 69  HOH HOH A . 
M 5 HOH 49 349 93  HOH HOH A . 
M 5 HOH 50 350 89  HOH HOH A . 
M 5 HOH 51 351 7   HOH HOH A . 
M 5 HOH 52 352 51  HOH HOH A . 
M 5 HOH 53 353 53  HOH HOH A . 
M 5 HOH 54 354 36  HOH HOH A . 
M 5 HOH 55 355 44  HOH HOH A . 
M 5 HOH 56 356 37  HOH HOH A . 
M 5 HOH 57 357 13  HOH HOH A . 
M 5 HOH 58 358 6   HOH HOH A . 
M 5 HOH 59 359 67  HOH HOH A . 
M 5 HOH 60 360 63  HOH HOH A . 
M 5 HOH 61 361 14  HOH HOH A . 
M 5 HOH 62 362 11  HOH HOH A . 
M 5 HOH 63 363 57  HOH HOH A . 
M 5 HOH 64 364 85  HOH HOH A . 
M 5 HOH 65 365 31  HOH HOH A . 
M 5 HOH 66 366 5   HOH HOH A . 
M 5 HOH 67 367 39  HOH HOH A . 
M 5 HOH 68 368 80  HOH HOH A . 
M 5 HOH 69 369 3   HOH HOH A . 
M 5 HOH 70 370 77  HOH HOH A . 
M 5 HOH 71 371 46  HOH HOH A . 
M 5 HOH 72 372 72  HOH HOH A . 
M 5 HOH 73 373 60  HOH HOH A . 
M 5 HOH 74 374 94  HOH HOH A . 
M 5 HOH 75 375 79  HOH HOH A . 
M 5 HOH 76 376 78  HOH HOH A . 
M 5 HOH 77 377 68  HOH HOH A . 
M 5 HOH 78 378 28  HOH HOH A . 
M 5 HOH 79 379 90  HOH HOH A . 
M 5 HOH 80 380 54  HOH HOH A . 
M 5 HOH 81 381 76  HOH HOH A . 
M 5 HOH 82 382 50  HOH HOH A . 
M 5 HOH 83 383 81  HOH HOH A . 
M 5 HOH 84 384 47  HOH HOH A . 
M 5 HOH 85 385 70  HOH HOH A . 
M 5 HOH 86 386 26  HOH HOH A . 
M 5 HOH 87 387 30  HOH HOH A . 
M 5 HOH 88 388 29  HOH HOH A . 
M 5 HOH 89 389 87  HOH HOH A . 
M 5 HOH 90 390 65  HOH HOH A . 
M 5 HOH 91 391 88  HOH HOH A . 
M 5 HOH 92 392 61  HOH HOH A . 
# 
loop_
_pdbx_unobs_or_zero_occ_atoms.id 
_pdbx_unobs_or_zero_occ_atoms.PDB_model_num 
_pdbx_unobs_or_zero_occ_atoms.polymer_flag 
_pdbx_unobs_or_zero_occ_atoms.occupancy_flag 
_pdbx_unobs_or_zero_occ_atoms.auth_asym_id 
_pdbx_unobs_or_zero_occ_atoms.auth_comp_id 
_pdbx_unobs_or_zero_occ_atoms.auth_seq_id 
_pdbx_unobs_or_zero_occ_atoms.PDB_ins_code 
_pdbx_unobs_or_zero_occ_atoms.auth_atom_id 
_pdbx_unobs_or_zero_occ_atoms.label_alt_id 
_pdbx_unobs_or_zero_occ_atoms.label_asym_id 
_pdbx_unobs_or_zero_occ_atoms.label_comp_id 
_pdbx_unobs_or_zero_occ_atoms.label_seq_id 
_pdbx_unobs_or_zero_occ_atoms.label_atom_id 
1 1 Y 1 A GLN 116 ? CG  ? A GLN 117 CG  
2 1 Y 1 A GLN 116 ? CD  ? A GLN 117 CD  
3 1 Y 1 A GLN 116 ? OE1 ? A GLN 117 OE1 
4 1 Y 1 A GLN 116 ? NE2 ? A GLN 117 NE2 
5 1 Y 1 A THR 118 ? OG1 ? A THR 119 OG1 
6 1 Y 1 A THR 118 ? CG2 ? A THR 119 CG2 
# 
loop_
_software.pdbx_ordinal 
_software.name 
_software.version 
_software.date 
_software.type 
_software.contact_author 
_software.contact_author_email 
_software.classification 
_software.location 
_software.language 
_software.citation_id 
1 REFMAC      5.8.0267 ?               program 'Garib N. Murshudov' garib@ysbl.york.ac.uk    refinement        
http://www.ccp4.ac.uk/dist/html/refmac5.html        Fortran_77 ? 
2 Aimless     0.7.7    23/04/21        program 'Phil Evans'         ?                        'data scaling'    
http://www.mrc-lmb.cam.ac.uk/harry/pre/aimless.html ?          ? 
3 PDB_EXTRACT 3.23     'SEP. 23, 2016' package PDB                  deposit@deposit.rcsb.org 'data extraction' 
http://sw-tools.pdb.org/apps/PDB_EXTRACT/           C++        ? 
4 XDS         .        ?               program ?                    ?                        'data reduction'  ? ?          ? 
5 REFMAC      .        ?               program ?                    ?                        phasing           ? ?          ? 
# 
_cell.entry_id           7GAB 
_cell.length_a           60.892 
_cell.length_b           60.892 
_cell.length_c           35.588 
_cell.angle_alpha        90.000 
_cell.angle_beta         90.000 
_cell.angle_gamma        90.000 
_cell.Z_PDB              4 
_cell.pdbx_unique_axis   ? 
# 
_symmetry.entry_id                         7GAB 
_symmetry.space_group_name_H-M             'P 43' 
_symmetry.pdbx_full_space_group_name_H-M   ? 
_symmetry.cell_setting                     ? 
_symmetry.Int_Tables_number                78 
# 
_exptl.crystals_number   1 
_exptl.entry_id          7GAB 
_exptl.method            'X-RAY DIFFRACTION' 
# 
_exptl_crystal.id                    1 
_exptl_crystal.pdbx_mosaicity        0.000 
_exptl_crystal.pdbx_mosaicity_esd    ? 
_exptl_crystal.density_Matthews      2.23 
_exptl_crystal.density_diffrn        ? 
_exptl_crystal.density_meas          ? 
_exptl_crystal.density_meas_temp     ? 
_exptl_crystal.density_percent_sol   44.83 
_exptl_crystal.size_max              ? 
_exptl_crystal.size_mid              ? 
_exptl_crystal.size_min              ? 
_exptl_crystal.size_rad              ? 
_exptl_crystal.description           ? 
# 
_exptl_crystal_grow.crystal_id      1 
_exptl_crystal_grow.method          'VAPOR DIFFUSION, SITTING DROP' 
_exptl_crystal_grow.pH              4.7 
_exptl_crystal_grow.temp            293 
_exptl_crystal_grow.pdbx_details    '36% PEG 8000, 0.1M acetate pH 4.7' 
_exptl_crystal_grow.temp_details    ? 
_exptl_crystal_grow.pdbx_pH_range   ? 
# 
_diffrn.id                     1 
_diffrn.ambient_temp           100 
_diffrn.crystal_id             1 
_diffrn.ambient_temp_details   ? 
# 
_diffrn_detector.detector               PIXEL 
_diffrn_detector.type                   'DECTRIS PILATUS 6M' 
_diffrn_detector.pdbx_collection_date   2023-02-08 
_diffrn_detector.diffrn_id              1 
_diffrn_detector.details                ? 
# 
_diffrn_radiation.diffrn_id                        1 
_diffrn_radiation.wavelength_id                    1 
_diffrn_radiation.pdbx_diffrn_protocol             'SINGLE WAVELENGTH' 
_diffrn_radiation.pdbx_monochromatic_or_laue_m_l   ? 
_diffrn_radiation.monochromator                    ? 
_diffrn_radiation.pdbx_scattering_type             x-ray 
# 
_diffrn_radiation_wavelength.id           1 
_diffrn_radiation_wavelength.wavelength   0.92124 
_diffrn_radiation_wavelength.wt           1.0 
# 
_diffrn_source.diffrn_id                   1 
_diffrn_source.source                      SYNCHROTRON 
_diffrn_source.type                        'DIAMOND BEAMLINE I04-1' 
_diffrn_source.pdbx_wavelength_list        0.92124 
_diffrn_source.pdbx_synchrotron_site       Diamond 
_diffrn_source.pdbx_synchrotron_beamline   I04-1 
_diffrn_source.pdbx_wavelength             ? 
# 
_reflns.entry_id                     7GAB 
_reflns.pdbx_diffrn_id               1 
_reflns.pdbx_ordinal                 1 
_reflns.observed_criterion_sigma_I   ? 
_reflns.observed_criterion_sigma_F   ? 
_reflns.d_resolution_low             43.050 
_reflns.d_resolution_high            2.230 
_reflns.number_obs                   6512 
_reflns.number_all                   ? 
_reflns.percent_possible_obs         100.000 
_reflns.pdbx_Rmerge_I_obs            0.144 
_reflns.pdbx_Rsym_value              ? 
_reflns.pdbx_netI_over_sigmaI        10.300 
_reflns.B_iso_Wilson_estimate        ? 
_reflns.pdbx_redundancy              13.400 
_reflns.pdbx_Rrim_I_all              0.150 
_reflns.pdbx_Rpim_I_all              0.041 
_reflns.pdbx_CC_half                 0.996 
_reflns.pdbx_netI_over_av_sigmaI     ? 
_reflns.pdbx_number_measured_all     87203 
_reflns.pdbx_scaling_rejects         0 
_reflns.pdbx_chi_squared             ? 
_reflns.Rmerge_F_all                 ? 
_reflns.Rmerge_F_obs                 ? 
_reflns.observed_criterion_F_max     ? 
_reflns.observed_criterion_F_min     ? 
_reflns.observed_criterion_I_max     ? 
_reflns.observed_criterion_I_min     ? 
_reflns.pdbx_d_res_high_opt          ? 
_reflns.pdbx_d_res_low_opt           ? 
_reflns.details                      ? 
_reflns.pdbx_CC_star                 ? 
# 
loop_
_reflns_shell.pdbx_diffrn_id 
_reflns_shell.pdbx_ordinal 
_reflns_shell.d_res_high 
_reflns_shell.d_res_low 
_reflns_shell.number_measured_obs 
_reflns_shell.number_measured_all 
_reflns_shell.number_unique_obs 
_reflns_shell.pdbx_rejects 
_reflns_shell.Rmerge_I_obs 
_reflns_shell.meanI_over_sigI_obs 
_reflns_shell.pdbx_Rsym_value 
_reflns_shell.pdbx_chi_squared 
_reflns_shell.pdbx_redundancy 
_reflns_shell.percent_possible_obs 
_reflns_shell.pdbx_netI_over_sigmaI_obs 
_reflns_shell.number_possible 
_reflns_shell.number_unique_all 
_reflns_shell.Rmerge_F_all 
_reflns_shell.Rmerge_F_obs 
_reflns_shell.Rmerge_I_all 
_reflns_shell.meanI_over_sigI_all 
_reflns_shell.percent_possible_all 
_reflns_shell.pdbx_Rrim_I_all 
_reflns_shell.pdbx_Rpim_I_all 
_reflns_shell.pdbx_CC_half 
_reflns_shell.pdbx_CC_star 
1 1 2.230 2.310  ? 7854 584 ? 3.603 ? ? ? 13.400 ? 0.500  ? ? ? ? ? ? 100.000 3.747 1.022 0.279 ? 
1 2 8.930 43.050 ? 1223 116 ? 0.052 ? ? ? 10.500 ? 44.600 ? ? ? ? ? ? 99.200  0.055 0.017 0.990 ? 
# 
_refine.entry_id                                 7GAB 
_refine.pdbx_refine_id                           'X-RAY DIFFRACTION' 
_refine.ls_d_res_high                            2.2300 
_refine.ls_d_res_low                             43.0900 
_refine.pdbx_ls_sigma_F                          0.000 
_refine.pdbx_data_cutoff_high_absF               ? 
_refine.pdbx_data_cutoff_low_absF                ? 
_refine.ls_percent_reflns_obs                    99.8900 
_refine.ls_number_reflns_obs                     6243 
_refine.ls_number_reflns_all                     ? 
_refine.pdbx_ls_cross_valid_method               THROUGHOUT 
_refine.ls_matrix_type                           ? 
_refine.pdbx_R_Free_selection_details            RANDOM 
_refine.details                                  
'HYDROGENS HAVE BEEN ADDED IN THE RIDING POSITIONS U VALUES      : REFINED INDIVIDUALLY' 
_refine.ls_R_factor_all                          ? 
_refine.ls_R_factor_obs                          0.1902 
_refine.ls_R_factor_R_work                       0.1868 
_refine.ls_wR_factor_R_work                      ? 
_refine.ls_R_factor_R_free                       0.2755 
_refine.ls_wR_factor_R_free                      ? 
_refine.ls_percent_reflns_R_free                 3.9000 
_refine.ls_number_reflns_R_free                  251 
_refine.ls_number_reflns_R_work                  ? 
_refine.ls_R_factor_R_free_error                 ? 
_refine.B_iso_mean                               66.3170 
_refine.solvent_model_param_bsol                 ? 
_refine.solvent_model_param_ksol                 ? 
_refine.pdbx_isotropic_thermal_model             ? 
_refine.aniso_B[1][1]                            0.3900 
_refine.aniso_B[2][2]                            0.3900 
_refine.aniso_B[3][3]                            -0.7700 
_refine.aniso_B[1][2]                            -0.0000 
_refine.aniso_B[1][3]                            -0.0000 
_refine.aniso_B[2][3]                            -0.0000 
_refine.correlation_coeff_Fo_to_Fc               0.9670 
_refine.correlation_coeff_Fo_to_Fc_free          0.9210 
_refine.overall_SU_R_Cruickshank_DPI             ? 
_refine.pdbx_overall_SU_R_free_Cruickshank_DPI   ? 
_refine.pdbx_overall_SU_R_Blow_DPI               ? 
_refine.pdbx_overall_SU_R_free_Blow_DPI          ? 
_refine.overall_SU_R_free                        ? 
_refine.pdbx_overall_ESU_R                       0.4500 
_refine.pdbx_overall_ESU_R_Free                  0.2820 
_refine.overall_SU_ML                            0.3280 
_refine.overall_SU_B                             15.0170 
_refine.solvent_model_details                    MASK 
_refine.pdbx_solvent_vdw_probe_radii             1.2000 
_refine.pdbx_solvent_ion_probe_radii             0.8000 
_refine.pdbx_solvent_shrinkage_radii             0.8000 
_refine.ls_number_parameters                     ? 
_refine.ls_number_restraints                     ? 
_refine.pdbx_starting_model                      8Q53 
_refine.pdbx_method_to_determine_struct          'FOURIER SYNTHESIS' 
_refine.pdbx_stereochemistry_target_values       'MAXIMUM LIKELIHOOD' 
_refine.pdbx_stereochem_target_val_spec_case     ? 
_refine.overall_FOM_work_R_set                   ? 
_refine.B_iso_max                                186.990 
_refine.B_iso_min                                34.610 
_refine.pdbx_overall_phase_error                 ? 
_refine.occupancy_max                            ? 
_refine.occupancy_min                            ? 
_refine.pdbx_diffrn_id                           1 
_refine.pdbx_TLS_residual_ADP_flag               ? 
_refine.pdbx_ls_sigma_I                          ? 
_refine.pdbx_data_cutoff_high_rms_absF           ? 
_refine.ls_R_factor_R_free_error_details         ? 
# 
_refine_hist.cycle_id                         final 
_refine_hist.pdbx_refine_id                   'X-RAY DIFFRACTION' 
_refine_hist.d_res_high                       2.2300 
_refine_hist.d_res_low                        43.0900 
_refine_hist.pdbx_number_atoms_ligand         49 
_refine_hist.number_atoms_solvent             92 
_refine_hist.number_atoms_total               1095 
_refine_hist.pdbx_number_residues_total       113 
_refine_hist.pdbx_B_iso_mean_ligand           98.23 
_refine_hist.pdbx_B_iso_mean_solvent          71.67 
_refine_hist.pdbx_number_atoms_protein        954 
_refine_hist.pdbx_number_atoms_nucleic_acid   0 
# 
loop_
_refine_ls_restr.pdbx_refine_id 
_refine_ls_restr.type 
_refine_ls_restr.number 
_refine_ls_restr.dev_ideal 
_refine_ls_restr.dev_ideal_target 
_refine_ls_restr.weight 
_refine_ls_restr.pdbx_restraint_function 
'X-RAY DIFFRACTION' r_bond_refined_d       1338 0.009  0.014  ? ? 
'X-RAY DIFFRACTION' r_bond_other_d         1217 0.001  0.014  ? ? 
'X-RAY DIFFRACTION' r_angle_refined_deg    1650 1.625  1.667  ? ? 
'X-RAY DIFFRACTION' r_angle_other_deg      2767 1.219  1.582  ? ? 
'X-RAY DIFFRACTION' r_dihedral_angle_1_deg 156  6.720  5.000  ? ? 
'X-RAY DIFFRACTION' r_dihedral_angle_2_deg 70   27.908 19.429 ? ? 
'X-RAY DIFFRACTION' r_dihedral_angle_3_deg 224  15.738 15.000 ? ? 
'X-RAY DIFFRACTION' r_dihedral_angle_4_deg 15   21.101 15.000 ? ? 
'X-RAY DIFFRACTION' r_chiral_restr         154  0.074  0.200  ? ? 
'X-RAY DIFFRACTION' r_gen_planes_refined   1413 0.007  0.020  ? ? 
'X-RAY DIFFRACTION' r_gen_planes_other     309  0.002  0.020  ? ? 
'X-RAY DIFFRACTION' r_mcbond_it            622  5.365  6.375  ? ? 
'X-RAY DIFFRACTION' r_mcbond_other         619  5.370  6.373  ? ? 
'X-RAY DIFFRACTION' r_mcangle_it           740  8.165  9.575  ? ? 
# 
_refine_ls_shell.d_res_high                       2.2330 
_refine_ls_shell.d_res_low                        2.2910 
_refine_ls_shell.pdbx_total_number_of_bins_used   20 
_refine_ls_shell.percent_reflns_obs               98.9400 
_refine_ls_shell.number_reflns_R_work             450 
_refine_ls_shell.R_factor_all                     ? 
_refine_ls_shell.R_factor_R_work                  0.3520 
_refine_ls_shell.R_factor_R_free                  0.3380 
_refine_ls_shell.percent_reflns_R_free            ? 
_refine_ls_shell.number_reflns_R_free             17 
_refine_ls_shell.R_factor_R_free_error            ? 
_refine_ls_shell.number_reflns_all                467 
_refine_ls_shell.number_reflns_obs                ? 
_refine_ls_shell.pdbx_refine_id                   'X-RAY DIFFRACTION' 
_refine_ls_shell.R_factor_obs                     ? 
# 
_struct.entry_id                  7GAB 
_struct.title                     'PanDDA analysis group deposition -- Crystal Structure of MAP1LC3B in complex with Z1255402624' 
_struct.pdbx_model_details        ? 
_struct.pdbx_CASP_flag            ? 
_struct.pdbx_model_type_details   ? 
# 
_struct_keywords.entry_id        7GAB 
_struct_keywords.text            'SGC - Diamond I04-1 fragment screening, PanDDA, XChemExplorer, STRUCTURAL PROTEIN' 
_struct_keywords.pdbx_keywords   'STRUCTURAL PROTEIN' 
# 
loop_
_struct_asym.id 
_struct_asym.pdbx_blank_PDB_chainid_flag 
_struct_asym.pdbx_modified 
_struct_asym.entity_id 
_struct_asym.details 
A N N 1 ? 
B N N 2 ? 
C N N 3 ? 
D N N 3 ? 
E N N 3 ? 
F N N 3 ? 
G N N 3 ? 
H N N 3 ? 
I N N 3 ? 
J N N 3 ? 
K N N 3 ? 
L N N 4 ? 
M N N 5 ? 
# 
_struct_ref.id                         1 
_struct_ref.db_name                    UNP 
_struct_ref.db_code                    MLP3B_HUMAN 
_struct_ref.pdbx_db_accession          Q9GZQ8 
_struct_ref.pdbx_db_isoform            ? 
_struct_ref.entity_id                  1 
_struct_ref.pdbx_seq_one_letter_code   
;MPSEKTFKQRRTFEQRVEDVRLIREQHPTKIPVIIERYKGEKQLPVLDKTKFLVPDHVNMSELIKIIRRRLQLNANQAFF
LLVNGHSMVSVSTPISEVYESEKDEDGFLYMVYASQETFG
;
_struct_ref.pdbx_align_begin           1 
# 
_struct_ref_seq.align_id                      1 
_struct_ref_seq.ref_id                        1 
_struct_ref_seq.pdbx_PDB_id_code              7GAB 
_struct_ref_seq.pdbx_strand_id                A 
_struct_ref_seq.seq_align_beg                 2 
_struct_ref_seq.pdbx_seq_align_beg_ins_code   ? 
_struct_ref_seq.seq_align_end                 121 
_struct_ref_seq.pdbx_seq_align_end_ins_code   ? 
_struct_ref_seq.pdbx_db_accession             Q9GZQ8 
_struct_ref_seq.db_align_beg                  1 
_struct_ref_seq.pdbx_db_align_beg_ins_code    ? 
_struct_ref_seq.db_align_end                  120 
_struct_ref_seq.pdbx_db_align_end_ins_code    ? 
_struct_ref_seq.pdbx_auth_seq_align_beg       1 
_struct_ref_seq.pdbx_auth_seq_align_end       120 
# 
_struct_ref_seq_dif.align_id                     1 
_struct_ref_seq_dif.pdbx_pdb_id_code             7GAB 
_struct_ref_seq_dif.mon_id                       SER 
_struct_ref_seq_dif.pdbx_pdb_strand_id           A 
_struct_ref_seq_dif.seq_num                      1 
_struct_ref_seq_dif.pdbx_pdb_ins_code            ? 
_struct_ref_seq_dif.pdbx_seq_db_name             UNP 
_struct_ref_seq_dif.pdbx_seq_db_accession_code   Q9GZQ8 
_struct_ref_seq_dif.db_mon_id                    ? 
_struct_ref_seq_dif.pdbx_seq_db_seq_num          ? 
_struct_ref_seq_dif.details                      'expression tag' 
_struct_ref_seq_dif.pdbx_auth_seq_num            0 
_struct_ref_seq_dif.pdbx_ordinal                 1 
# 
_pdbx_struct_assembly.id                   1 
_pdbx_struct_assembly.details              author_and_software_defined_assembly 
_pdbx_struct_assembly.method_details       PISA 
_pdbx_struct_assembly.oligomeric_details   monomeric 
_pdbx_struct_assembly.oligomeric_count     1 
# 
_pdbx_struct_assembly_gen.assembly_id       1 
_pdbx_struct_assembly_gen.oper_expression   1 
_pdbx_struct_assembly_gen.asym_id_list      A,B,C,D,E,F,G,H,I,J,K,L,M 
# 
_pdbx_struct_oper_list.id                   1 
_pdbx_struct_oper_list.type                 'identity operation' 
_pdbx_struct_oper_list.name                 1_555 
_pdbx_struct_oper_list.symmetry_operation   x,y,z 
_pdbx_struct_oper_list.matrix[1][1]         1.0000000000 
_pdbx_struct_oper_list.matrix[1][2]         0.0000000000 
_pdbx_struct_oper_list.matrix[1][3]         0.0000000000 
_pdbx_struct_oper_list.vector[1]            0.0000000000 
_pdbx_struct_oper_list.matrix[2][1]         0.0000000000 
_pdbx_struct_oper_list.matrix[2][2]         1.0000000000 
_pdbx_struct_oper_list.matrix[2][3]         0.0000000000 
_pdbx_struct_oper_list.vector[2]            0.0000000000 
_pdbx_struct_oper_list.matrix[3][1]         0.0000000000 
_pdbx_struct_oper_list.matrix[3][2]         0.0000000000 
_pdbx_struct_oper_list.matrix[3][3]         1.0000000000 
_pdbx_struct_oper_list.vector[3]            0.0000000000 
# 
loop_
_struct_conf.conf_type_id 
_struct_conf.id 
_struct_conf.pdbx_PDB_helix_id 
_struct_conf.beg_label_comp_id 
_struct_conf.beg_label_asym_id 
_struct_conf.beg_label_seq_id 
_struct_conf.pdbx_beg_PDB_ins_code 
_struct_conf.end_label_comp_id 
_struct_conf.end_label_asym_id 
_struct_conf.end_label_seq_id 
_struct_conf.pdbx_end_PDB_ins_code 
_struct_conf.beg_auth_comp_id 
_struct_conf.beg_auth_asym_id 
_struct_conf.beg_auth_seq_id 
_struct_conf.end_auth_comp_id 
_struct_conf.end_auth_asym_id 
_struct_conf.end_auth_seq_id 
_struct_conf.pdbx_PDB_helix_class 
_struct_conf.details 
_struct_conf.pdbx_PDB_helix_length 
HELX_P HELX_P1 AA1 THR A 7  ? ARG A 12  ? THR A 6  ARG A 11  1 ? 6  
HELX_P HELX_P2 AA2 THR A 13 ? HIS A 28  ? THR A 12 HIS A 27  1 ? 16 
HELX_P HELX_P3 AA3 ASN A 60 ? LEU A 72  ? ASN A 59 LEU A 71  1 ? 13 
HELX_P HELX_P4 AA4 PRO A 95 ? LYS A 104 ? PRO A 94 LYS A 103 1 ? 10 
# 
_struct_conf_type.id          HELX_P 
_struct_conf_type.criteria    ? 
_struct_conf_type.reference   ? 
# 
_struct_sheet.id               AA1 
_struct_sheet.type             ? 
_struct_sheet.number_strands   5 
_struct_sheet.details          ? 
# 
loop_
_struct_sheet_order.sheet_id 
_struct_sheet_order.range_id_1 
_struct_sheet_order.range_id_2 
_struct_sheet_order.offset 
_struct_sheet_order.sense 
AA1 1 2 ? anti-parallel 
AA1 2 3 ? parallel      
AA1 3 4 ? anti-parallel 
AA1 4 5 ? anti-parallel 
# 
loop_
_struct_sheet_range.sheet_id 
_struct_sheet_range.id 
_struct_sheet_range.beg_label_comp_id 
_struct_sheet_range.beg_label_asym_id 
_struct_sheet_range.beg_label_seq_id 
_struct_sheet_range.pdbx_beg_PDB_ins_code 
_struct_sheet_range.end_label_comp_id 
_struct_sheet_range.end_label_asym_id 
_struct_sheet_range.end_label_seq_id 
_struct_sheet_range.pdbx_end_PDB_ins_code 
_struct_sheet_range.beg_auth_comp_id 
_struct_sheet_range.beg_auth_asym_id 
_struct_sheet_range.beg_auth_seq_id 
_struct_sheet_range.end_auth_comp_id 
_struct_sheet_range.end_auth_asym_id 
_struct_sheet_range.end_auth_seq_id 
AA1 1 LYS A 52  ? PRO A 56  ? LYS A 51  PRO A 55  
AA1 2 LYS A 31  ? ARG A 38  ? LYS A 30  ARG A 37  
AA1 3 LEU A 110 ? ALA A 115 ? LEU A 109 ALA A 114 
AA1 4 PHE A 81  ? VAL A 84  ? PHE A 80  VAL A 83  
AA1 5 HIS A 87  ? SER A 88  ? HIS A 86  SER A 87  
# 
loop_
_pdbx_struct_sheet_hbond.sheet_id 
_pdbx_struct_sheet_hbond.range_id_1 
_pdbx_struct_sheet_hbond.range_id_2 
_pdbx_struct_sheet_hbond.range_1_label_atom_id 
_pdbx_struct_sheet_hbond.range_1_label_comp_id 
_pdbx_struct_sheet_hbond.range_1_label_asym_id 
_pdbx_struct_sheet_hbond.range_1_label_seq_id 
_pdbx_struct_sheet_hbond.range_1_PDB_ins_code 
_pdbx_struct_sheet_hbond.range_1_auth_atom_id 
_pdbx_struct_sheet_hbond.range_1_auth_comp_id 
_pdbx_struct_sheet_hbond.range_1_auth_asym_id 
_pdbx_struct_sheet_hbond.range_1_auth_seq_id 
_pdbx_struct_sheet_hbond.range_2_label_atom_id 
_pdbx_struct_sheet_hbond.range_2_label_comp_id 
_pdbx_struct_sheet_hbond.range_2_label_asym_id 
_pdbx_struct_sheet_hbond.range_2_label_seq_id 
_pdbx_struct_sheet_hbond.range_2_PDB_ins_code 
_pdbx_struct_sheet_hbond.range_2_auth_atom_id 
_pdbx_struct_sheet_hbond.range_2_auth_comp_id 
_pdbx_struct_sheet_hbond.range_2_auth_asym_id 
_pdbx_struct_sheet_hbond.range_2_auth_seq_id 
AA1 1 2 O PHE A 53  ? O PHE A 52  N VAL A 34  ? N VAL A 33  
AA1 2 3 N GLU A 37  ? N GLU A 36  O MET A 112 ? O MET A 111 
AA1 3 4 O VAL A 113 ? O VAL A 112 N LEU A 83  ? N LEU A 82  
AA1 4 5 N VAL A 84  ? N VAL A 83  O HIS A 87  ? O HIS A 86  
# 
_pdbx_entry_details.entry_id                   7GAB 
_pdbx_entry_details.compound_details           ? 
_pdbx_entry_details.source_details             ? 
_pdbx_entry_details.nonpolymer_details         ? 
_pdbx_entry_details.sequence_details           ? 
_pdbx_entry_details.has_ligand_of_interest     Y 
_pdbx_entry_details.has_protein_modification   ? 
# 
loop_
_pdbx_validate_close_contact.id 
_pdbx_validate_close_contact.PDB_model_num 
_pdbx_validate_close_contact.auth_atom_id_1 
_pdbx_validate_close_contact.auth_asym_id_1 
_pdbx_validate_close_contact.auth_comp_id_1 
_pdbx_validate_close_contact.auth_seq_id_1 
_pdbx_validate_close_contact.PDB_ins_code_1 
_pdbx_validate_close_contact.label_alt_id_1 
_pdbx_validate_close_contact.auth_atom_id_2 
_pdbx_validate_close_contact.auth_asym_id_2 
_pdbx_validate_close_contact.auth_comp_id_2 
_pdbx_validate_close_contact.auth_seq_id_2 
_pdbx_validate_close_contact.PDB_ins_code_2 
_pdbx_validate_close_contact.label_alt_id_2 
_pdbx_validate_close_contact.dist 
1 1 O   A HOH 354 ? ? O  A HOH 387 ? ? 1.68 
2 1 O   A HOH 343 ? ? O  A HOH 348 ? ? 1.96 
3 1 O   A HOH 368 ? ? O  A HOH 375 ? ? 2.04 
4 1 OG1 A THR 6   ? ? O  A HOH 301 ? ? 2.04 
5 1 OE2 A GLU 97  ? ? O  A HOH 302 ? ? 2.08 
6 1 O   A LEU 81  ? ? O  A HOH 303 ? ? 2.10 
7 1 OE2 A GLU 41  ? ? OG A SER 115 ? ? 2.16 
# 
_pdbx_validate_symm_contact.id                1 
_pdbx_validate_symm_contact.PDB_model_num     1 
_pdbx_validate_symm_contact.auth_atom_id_1    OE2 
_pdbx_validate_symm_contact.auth_asym_id_1    A 
_pdbx_validate_symm_contact.auth_comp_id_1    GLU 
_pdbx_validate_symm_contact.auth_seq_id_1     25 
_pdbx_validate_symm_contact.PDB_ins_code_1    ? 
_pdbx_validate_symm_contact.label_alt_id_1    ? 
_pdbx_validate_symm_contact.site_symmetry_1   1_555 
_pdbx_validate_symm_contact.auth_atom_id_2    NZ 
_pdbx_validate_symm_contact.auth_asym_id_2    A 
_pdbx_validate_symm_contact.auth_comp_id_2    LYS 
_pdbx_validate_symm_contact.auth_seq_id_2     49 
_pdbx_validate_symm_contact.PDB_ins_code_2    ? 
_pdbx_validate_symm_contact.label_alt_id_2    ? 
_pdbx_validate_symm_contact.site_symmetry_2   3_544 
_pdbx_validate_symm_contact.dist              2.16 
# 
_phasing.method   MR 
# 
loop_
_pdbx_unobs_or_zero_occ_residues.id 
_pdbx_unobs_or_zero_occ_residues.PDB_model_num 
_pdbx_unobs_or_zero_occ_residues.polymer_flag 
_pdbx_unobs_or_zero_occ_residues.occupancy_flag 
_pdbx_unobs_or_zero_occ_residues.auth_asym_id 
_pdbx_unobs_or_zero_occ_residues.auth_comp_id 
_pdbx_unobs_or_zero_occ_residues.auth_seq_id 
_pdbx_unobs_or_zero_occ_residues.PDB_ins_code 
_pdbx_unobs_or_zero_occ_residues.label_asym_id 
_pdbx_unobs_or_zero_occ_residues.label_comp_id 
_pdbx_unobs_or_zero_occ_residues.label_seq_id 
1 1 Y 1 A SER 0   ? A SER 1   
2 1 Y 1 A MET 1   ? A MET 2   
3 1 Y 1 A PRO 2   ? A PRO 3   
4 1 Y 1 A SER 3   ? A SER 4   
5 1 Y 1 A GLU 4   ? A GLU 5   
6 1 Y 1 A GLY 120 ? A GLY 121 
# 
loop_
_chem_comp_atom.comp_id 
_chem_comp_atom.atom_id 
_chem_comp_atom.type_symbol 
_chem_comp_atom.pdbx_aromatic_flag 
_chem_comp_atom.pdbx_stereo_config 
_chem_comp_atom.pdbx_ordinal 
ALA N    N  N N 1   
ALA CA   C  N S 2   
ALA C    C  N N 3   
ALA O    O  N N 4   
ALA CB   C  N N 5   
ALA OXT  O  N N 6   
ALA H    H  N N 7   
ALA H2   H  N N 8   
ALA HA   H  N N 9   
ALA HB1  H  N N 10  
ALA HB2  H  N N 11  
ALA HB3  H  N N 12  
ALA HXT  H  N N 13  
ARG N    N  N N 14  
ARG CA   C  N S 15  
ARG C    C  N N 16  
ARG O    O  N N 17  
ARG CB   C  N N 18  
ARG CG   C  N N 19  
ARG CD   C  N N 20  
ARG NE   N  N N 21  
ARG CZ   C  N N 22  
ARG NH1  N  N N 23  
ARG NH2  N  N N 24  
ARG OXT  O  N N 25  
ARG H    H  N N 26  
ARG H2   H  N N 27  
ARG HA   H  N N 28  
ARG HB2  H  N N 29  
ARG HB3  H  N N 30  
ARG HG2  H  N N 31  
ARG HG3  H  N N 32  
ARG HD2  H  N N 33  
ARG HD3  H  N N 34  
ARG HE   H  N N 35  
ARG HH11 H  N N 36  
ARG HH12 H  N N 37  
ARG HH21 H  N N 38  
ARG HH22 H  N N 39  
ARG HXT  H  N N 40  
ASN N    N  N N 41  
ASN CA   C  N S 42  
ASN C    C  N N 43  
ASN O    O  N N 44  
ASN CB   C  N N 45  
ASN CG   C  N N 46  
ASN OD1  O  N N 47  
ASN ND2  N  N N 48  
ASN OXT  O  N N 49  
ASN H    H  N N 50  
ASN H2   H  N N 51  
ASN HA   H  N N 52  
ASN HB2  H  N N 53  
ASN HB3  H  N N 54  
ASN HD21 H  N N 55  
ASN HD22 H  N N 56  
ASN HXT  H  N N 57  
ASP N    N  N N 58  
ASP CA   C  N S 59  
ASP C    C  N N 60  
ASP O    O  N N 61  
ASP CB   C  N N 62  
ASP CG   C  N N 63  
ASP OD1  O  N N 64  
ASP OD2  O  N N 65  
ASP OXT  O  N N 66  
ASP H    H  N N 67  
ASP H2   H  N N 68  
ASP HA   H  N N 69  
ASP HB2  H  N N 70  
ASP HB3  H  N N 71  
ASP HD2  H  N N 72  
ASP HXT  H  N N 73  
CL  CL   CL N N 74  
EDO C1   C  N N 75  
EDO O1   O  N N 76  
EDO C2   C  N N 77  
EDO O2   O  N N 78  
EDO H11  H  N N 79  
EDO H12  H  N N 80  
EDO HO1  H  N N 81  
EDO H21  H  N N 82  
EDO H22  H  N N 83  
EDO HO2  H  N N 84  
EYK CAA  C  N N 85  
EYK CAL  C  N N 86  
EYK CAB  C  N N 87  
EYK CAC  C  N N 88  
EYK CAK  C  Y N 89  
EYK CAH  C  Y N 90  
EYK CAI  C  Y N 91  
EYK OAD  O  N N 92  
EYK CAF  C  Y N 93  
EYK CAG  C  Y N 94  
EYK CAJ  C  Y N 95  
EYK OAE  O  N N 96  
EYK HAA  H  N N 97  
EYK HAAA H  N N 98  
EYK HAAB H  N N 99  
EYK HAB  H  N N 100 
EYK HABA H  N N 101 
EYK HABB H  N N 102 
EYK HAC  H  N N 103 
EYK HACA H  N N 104 
EYK HACB H  N N 105 
EYK HAH  H  N N 106 
EYK HOAD H  N N 107 
EYK HAF  H  N N 108 
EYK HAG  H  N N 109 
EYK HOAE H  N N 110 
GLN N    N  N N 111 
GLN CA   C  N S 112 
GLN C    C  N N 113 
GLN O    O  N N 114 
GLN CB   C  N N 115 
GLN CG   C  N N 116 
GLN CD   C  N N 117 
GLN OE1  O  N N 118 
GLN NE2  N  N N 119 
GLN OXT  O  N N 120 
GLN H    H  N N 121 
GLN H2   H  N N 122 
GLN HA   H  N N 123 
GLN HB2  H  N N 124 
GLN HB3  H  N N 125 
GLN HG2  H  N N 126 
GLN HG3  H  N N 127 
GLN HE21 H  N N 128 
GLN HE22 H  N N 129 
GLN HXT  H  N N 130 
GLU N    N  N N 131 
GLU CA   C  N S 132 
GLU C    C  N N 133 
GLU O    O  N N 134 
GLU CB   C  N N 135 
GLU CG   C  N N 136 
GLU CD   C  N N 137 
GLU OE1  O  N N 138 
GLU OE2  O  N N 139 
GLU OXT  O  N N 140 
GLU H    H  N N 141 
GLU H2   H  N N 142 
GLU HA   H  N N 143 
GLU HB2  H  N N 144 
GLU HB3  H  N N 145 
GLU HG2  H  N N 146 
GLU HG3  H  N N 147 
GLU HE2  H  N N 148 
GLU HXT  H  N N 149 
GLY N    N  N N 150 
GLY CA   C  N N 151 
GLY C    C  N N 152 
GLY O    O  N N 153 
GLY OXT  O  N N 154 
GLY H    H  N N 155 
GLY H2   H  N N 156 
GLY HA2  H  N N 157 
GLY HA3  H  N N 158 
GLY HXT  H  N N 159 
HIS N    N  N N 160 
HIS CA   C  N S 161 
HIS C    C  N N 162 
HIS O    O  N N 163 
HIS CB   C  N N 164 
HIS CG   C  Y N 165 
HIS ND1  N  Y N 166 
HIS CD2  C  Y N 167 
HIS CE1  C  Y N 168 
HIS NE2  N  Y N 169 
HIS OXT  O  N N 170 
HIS H    H  N N 171 
HIS H2   H  N N 172 
HIS HA   H  N N 173 
HIS HB2  H  N N 174 
HIS HB3  H  N N 175 
HIS HD1  H  N N 176 
HIS HD2  H  N N 177 
HIS HE1  H  N N 178 
HIS HE2  H  N N 179 
HIS HXT  H  N N 180 
HOH O    O  N N 181 
HOH H1   H  N N 182 
HOH H2   H  N N 183 
ILE N    N  N N 184 
ILE CA   C  N S 185 
ILE C    C  N N 186 
ILE O    O  N N 187 
ILE CB   C  N S 188 
ILE CG1  C  N N 189 
ILE CG2  C  N N 190 
ILE CD1  C  N N 191 
ILE OXT  O  N N 192 
ILE H    H  N N 193 
ILE H2   H  N N 194 
ILE HA   H  N N 195 
ILE HB   H  N N 196 
ILE HG12 H  N N 197 
ILE HG13 H  N N 198 
ILE HG21 H  N N 199 
ILE HG22 H  N N 200 
ILE HG23 H  N N 201 
ILE HD11 H  N N 202 
ILE HD12 H  N N 203 
ILE HD13 H  N N 204 
ILE HXT  H  N N 205 
LEU N    N  N N 206 
LEU CA   C  N S 207 
LEU C    C  N N 208 
LEU O    O  N N 209 
LEU CB   C  N N 210 
LEU CG   C  N N 211 
LEU CD1  C  N N 212 
LEU CD2  C  N N 213 
LEU OXT  O  N N 214 
LEU H    H  N N 215 
LEU H2   H  N N 216 
LEU HA   H  N N 217 
LEU HB2  H  N N 218 
LEU HB3  H  N N 219 
LEU HG   H  N N 220 
LEU HD11 H  N N 221 
LEU HD12 H  N N 222 
LEU HD13 H  N N 223 
LEU HD21 H  N N 224 
LEU HD22 H  N N 225 
LEU HD23 H  N N 226 
LEU HXT  H  N N 227 
LYS N    N  N N 228 
LYS CA   C  N S 229 
LYS C    C  N N 230 
LYS O    O  N N 231 
LYS CB   C  N N 232 
LYS CG   C  N N 233 
LYS CD   C  N N 234 
LYS CE   C  N N 235 
LYS NZ   N  N N 236 
LYS OXT  O  N N 237 
LYS H    H  N N 238 
LYS H2   H  N N 239 
LYS HA   H  N N 240 
LYS HB2  H  N N 241 
LYS HB3  H  N N 242 
LYS HG2  H  N N 243 
LYS HG3  H  N N 244 
LYS HD2  H  N N 245 
LYS HD3  H  N N 246 
LYS HE2  H  N N 247 
LYS HE3  H  N N 248 
LYS HZ1  H  N N 249 
LYS HZ2  H  N N 250 
LYS HZ3  H  N N 251 
LYS HXT  H  N N 252 
MET N    N  N N 253 
MET CA   C  N S 254 
MET C    C  N N 255 
MET O    O  N N 256 
MET CB   C  N N 257 
MET CG   C  N N 258 
MET SD   S  N N 259 
MET CE   C  N N 260 
MET OXT  O  N N 261 
MET H    H  N N 262 
MET H2   H  N N 263 
MET HA   H  N N 264 
MET HB2  H  N N 265 
MET HB3  H  N N 266 
MET HG2  H  N N 267 
MET HG3  H  N N 268 
MET HE1  H  N N 269 
MET HE2  H  N N 270 
MET HE3  H  N N 271 
MET HXT  H  N N 272 
PHE N    N  N N 273 
PHE CA   C  N S 274 
PHE C    C  N N 275 
PHE O    O  N N 276 
PHE CB   C  N N 277 
PHE CG   C  Y N 278 
PHE CD1  C  Y N 279 
PHE CD2  C  Y N 280 
PHE CE1  C  Y N 281 
PHE CE2  C  Y N 282 
PHE CZ   C  Y N 283 
PHE OXT  O  N N 284 
PHE H    H  N N 285 
PHE H2   H  N N 286 
PHE HA   H  N N 287 
PHE HB2  H  N N 288 
PHE HB3  H  N N 289 
PHE HD1  H  N N 290 
PHE HD2  H  N N 291 
PHE HE1  H  N N 292 
PHE HE2  H  N N 293 
PHE HZ   H  N N 294 
PHE HXT  H  N N 295 
PRO N    N  N N 296 
PRO CA   C  N S 297 
PRO C    C  N N 298 
PRO O    O  N N 299 
PRO CB   C  N N 300 
PRO CG   C  N N 301 
PRO CD   C  N N 302 
PRO OXT  O  N N 303 
PRO H    H  N N 304 
PRO HA   H  N N 305 
PRO HB2  H  N N 306 
PRO HB3  H  N N 307 
PRO HG2  H  N N 308 
PRO HG3  H  N N 309 
PRO HD2  H  N N 310 
PRO HD3  H  N N 311 
PRO HXT  H  N N 312 
SER N    N  N N 313 
SER CA   C  N S 314 
SER C    C  N N 315 
SER O    O  N N 316 
SER CB   C  N N 317 
SER OG   O  N N 318 
SER OXT  O  N N 319 
SER H    H  N N 320 
SER H2   H  N N 321 
SER HA   H  N N 322 
SER HB2  H  N N 323 
SER HB3  H  N N 324 
SER HG   H  N N 325 
SER HXT  H  N N 326 
THR N    N  N N 327 
THR CA   C  N S 328 
THR C    C  N N 329 
THR O    O  N N 330 
THR CB   C  N R 331 
THR OG1  O  N N 332 
THR CG2  C  N N 333 
THR OXT  O  N N 334 
THR H    H  N N 335 
THR H2   H  N N 336 
THR HA   H  N N 337 
THR HB   H  N N 338 
THR HG1  H  N N 339 
THR HG21 H  N N 340 
THR HG22 H  N N 341 
THR HG23 H  N N 342 
THR HXT  H  N N 343 
TYR N    N  N N 344 
TYR CA   C  N S 345 
TYR C    C  N N 346 
TYR O    O  N N 347 
TYR CB   C  N N 348 
TYR CG   C  Y N 349 
TYR CD1  C  Y N 350 
TYR CD2  C  Y N 351 
TYR CE1  C  Y N 352 
TYR CE2  C  Y N 353 
TYR CZ   C  Y N 354 
TYR OH   O  N N 355 
TYR OXT  O  N N 356 
TYR H    H  N N 357 
TYR H2   H  N N 358 
TYR HA   H  N N 359 
TYR HB2  H  N N 360 
TYR HB3  H  N N 361 
TYR HD1  H  N N 362 
TYR HD2  H  N N 363 
TYR HE1  H  N N 364 
TYR HE2  H  N N 365 
TYR HH   H  N N 366 
TYR HXT  H  N N 367 
VAL N    N  N N 368 
VAL CA   C  N S 369 
VAL C    C  N N 370 
VAL O    O  N N 371 
VAL CB   C  N N 372 
VAL CG1  C  N N 373 
VAL CG2  C  N N 374 
VAL OXT  O  N N 375 
VAL H    H  N N 376 
VAL H2   H  N N 377 
VAL HA   H  N N 378 
VAL HB   H  N N 379 
VAL HG11 H  N N 380 
VAL HG12 H  N N 381 
VAL HG13 H  N N 382 
VAL HG21 H  N N 383 
VAL HG22 H  N N 384 
VAL HG23 H  N N 385 
VAL HXT  H  N N 386 
# 
loop_
_chem_comp_bond.comp_id 
_chem_comp_bond.atom_id_1 
_chem_comp_bond.atom_id_2 
_chem_comp_bond.value_order 
_chem_comp_bond.pdbx_aromatic_flag 
_chem_comp_bond.pdbx_stereo_config 
_chem_comp_bond.pdbx_ordinal 
ALA N   CA   sing N N 1   
ALA N   H    sing N N 2   
ALA N   H2   sing N N 3   
ALA CA  C    sing N N 4   
ALA CA  CB   sing N N 5   
ALA CA  HA   sing N N 6   
ALA C   O    doub N N 7   
ALA C   OXT  sing N N 8   
ALA CB  HB1  sing N N 9   
ALA CB  HB2  sing N N 10  
ALA CB  HB3  sing N N 11  
ALA OXT HXT  sing N N 12  
ARG N   CA   sing N N 13  
ARG N   H    sing N N 14  
ARG N   H2   sing N N 15  
ARG CA  C    sing N N 16  
ARG CA  CB   sing N N 17  
ARG CA  HA   sing N N 18  
ARG C   O    doub N N 19  
ARG C   OXT  sing N N 20  
ARG CB  CG   sing N N 21  
ARG CB  HB2  sing N N 22  
ARG CB  HB3  sing N N 23  
ARG CG  CD   sing N N 24  
ARG CG  HG2  sing N N 25  
ARG CG  HG3  sing N N 26  
ARG CD  NE   sing N N 27  
ARG CD  HD2  sing N N 28  
ARG CD  HD3  sing N N 29  
ARG NE  CZ   sing N N 30  
ARG NE  HE   sing N N 31  
ARG CZ  NH1  sing N N 32  
ARG CZ  NH2  doub N N 33  
ARG NH1 HH11 sing N N 34  
ARG NH1 HH12 sing N N 35  
ARG NH2 HH21 sing N N 36  
ARG NH2 HH22 sing N N 37  
ARG OXT HXT  sing N N 38  
ASN N   CA   sing N N 39  
ASN N   H    sing N N 40  
ASN N   H2   sing N N 41  
ASN CA  C    sing N N 42  
ASN CA  CB   sing N N 43  
ASN CA  HA   sing N N 44  
ASN C   O    doub N N 45  
ASN C   OXT  sing N N 46  
ASN CB  CG   sing N N 47  
ASN CB  HB2  sing N N 48  
ASN CB  HB3  sing N N 49  
ASN CG  OD1  doub N N 50  
ASN CG  ND2  sing N N 51  
ASN ND2 HD21 sing N N 52  
ASN ND2 HD22 sing N N 53  
ASN OXT HXT  sing N N 54  
ASP N   CA   sing N N 55  
ASP N   H    sing N N 56  
ASP N   H2   sing N N 57  
ASP CA  C    sing N N 58  
ASP CA  CB   sing N N 59  
ASP CA  HA   sing N N 60  
ASP C   O    doub N N 61  
ASP C   OXT  sing N N 62  
ASP CB  CG   sing N N 63  
ASP CB  HB2  sing N N 64  
ASP CB  HB3  sing N N 65  
ASP CG  OD1  doub N N 66  
ASP CG  OD2  sing N N 67  
ASP OD2 HD2  sing N N 68  
ASP OXT HXT  sing N N 69  
EDO C1  O1   sing N N 70  
EDO C1  C2   sing N N 71  
EDO C1  H11  sing N N 72  
EDO C1  H12  sing N N 73  
EDO O1  HO1  sing N N 74  
EDO C2  O2   sing N N 75  
EDO C2  H21  sing N N 76  
EDO C2  H22  sing N N 77  
EDO O2  HO2  sing N N 78  
EYK CAA CAL  sing N N 79  
EYK CAL CAB  sing N N 80  
EYK CAL CAC  sing N N 81  
EYK CAL CAK  sing N N 82  
EYK CAK CAH  doub Y N 83  
EYK CAK CAJ  sing Y N 84  
EYK CAH CAI  sing Y N 85  
EYK CAI OAD  sing N N 86  
EYK CAI CAF  doub Y N 87  
EYK CAF CAG  sing Y N 88  
EYK CAG CAJ  doub Y N 89  
EYK CAJ OAE  sing N N 90  
EYK CAA HAA  sing N N 91  
EYK CAA HAAA sing N N 92  
EYK CAA HAAB sing N N 93  
EYK CAB HAB  sing N N 94  
EYK CAB HABA sing N N 95  
EYK CAB HABB sing N N 96  
EYK CAC HAC  sing N N 97  
EYK CAC HACA sing N N 98  
EYK CAC HACB sing N N 99  
EYK CAH HAH  sing N N 100 
EYK OAD HOAD sing N N 101 
EYK CAF HAF  sing N N 102 
EYK CAG HAG  sing N N 103 
EYK OAE HOAE sing N N 104 
GLN N   CA   sing N N 105 
GLN N   H    sing N N 106 
GLN N   H2   sing N N 107 
GLN CA  C    sing N N 108 
GLN CA  CB   sing N N 109 
GLN CA  HA   sing N N 110 
GLN C   O    doub N N 111 
GLN C   OXT  sing N N 112 
GLN CB  CG   sing N N 113 
GLN CB  HB2  sing N N 114 
GLN CB  HB3  sing N N 115 
GLN CG  CD   sing N N 116 
GLN CG  HG2  sing N N 117 
GLN CG  HG3  sing N N 118 
GLN CD  OE1  doub N N 119 
GLN CD  NE2  sing N N 120 
GLN NE2 HE21 sing N N 121 
GLN NE2 HE22 sing N N 122 
GLN OXT HXT  sing N N 123 
GLU N   CA   sing N N 124 
GLU N   H    sing N N 125 
GLU N   H2   sing N N 126 
GLU CA  C    sing N N 127 
GLU CA  CB   sing N N 128 
GLU CA  HA   sing N N 129 
GLU C   O    doub N N 130 
GLU C   OXT  sing N N 131 
GLU CB  CG   sing N N 132 
GLU CB  HB2  sing N N 133 
GLU CB  HB3  sing N N 134 
GLU CG  CD   sing N N 135 
GLU CG  HG2  sing N N 136 
GLU CG  HG3  sing N N 137 
GLU CD  OE1  doub N N 138 
GLU CD  OE2  sing N N 139 
GLU OE2 HE2  sing N N 140 
GLU OXT HXT  sing N N 141 
GLY N   CA   sing N N 142 
GLY N   H    sing N N 143 
GLY N   H2   sing N N 144 
GLY CA  C    sing N N 145 
GLY CA  HA2  sing N N 146 
GLY CA  HA3  sing N N 147 
GLY C   O    doub N N 148 
GLY C   OXT  sing N N 149 
GLY OXT HXT  sing N N 150 
HIS N   CA   sing N N 151 
HIS N   H    sing N N 152 
HIS N   H2   sing N N 153 
HIS CA  C    sing N N 154 
HIS CA  CB   sing N N 155 
HIS CA  HA   sing N N 156 
HIS C   O    doub N N 157 
HIS C   OXT  sing N N 158 
HIS CB  CG   sing N N 159 
HIS CB  HB2  sing N N 160 
HIS CB  HB3  sing N N 161 
HIS CG  ND1  sing Y N 162 
HIS CG  CD2  doub Y N 163 
HIS ND1 CE1  doub Y N 164 
HIS ND1 HD1  sing N N 165 
HIS CD2 NE2  sing Y N 166 
HIS CD2 HD2  sing N N 167 
HIS CE1 NE2  sing Y N 168 
HIS CE1 HE1  sing N N 169 
HIS NE2 HE2  sing N N 170 
HIS OXT HXT  sing N N 171 
HOH O   H1   sing N N 172 
HOH O   H2   sing N N 173 
ILE N   CA   sing N N 174 
ILE N   H    sing N N 175 
ILE N   H2   sing N N 176 
ILE CA  C    sing N N 177 
ILE CA  CB   sing N N 178 
ILE CA  HA   sing N N 179 
ILE C   O    doub N N 180 
ILE C   OXT  sing N N 181 
ILE CB  CG1  sing N N 182 
ILE CB  CG2  sing N N 183 
ILE CB  HB   sing N N 184 
ILE CG1 CD1  sing N N 185 
ILE CG1 HG12 sing N N 186 
ILE CG1 HG13 sing N N 187 
ILE CG2 HG21 sing N N 188 
ILE CG2 HG22 sing N N 189 
ILE CG2 HG23 sing N N 190 
ILE CD1 HD11 sing N N 191 
ILE CD1 HD12 sing N N 192 
ILE CD1 HD13 sing N N 193 
ILE OXT HXT  sing N N 194 
LEU N   CA   sing N N 195 
LEU N   H    sing N N 196 
LEU N   H2   sing N N 197 
LEU CA  C    sing N N 198 
LEU CA  CB   sing N N 199 
LEU CA  HA   sing N N 200 
LEU C   O    doub N N 201 
LEU C   OXT  sing N N 202 
LEU CB  CG   sing N N 203 
LEU CB  HB2  sing N N 204 
LEU CB  HB3  sing N N 205 
LEU CG  CD1  sing N N 206 
LEU CG  CD2  sing N N 207 
LEU CG  HG   sing N N 208 
LEU CD1 HD11 sing N N 209 
LEU CD1 HD12 sing N N 210 
LEU CD1 HD13 sing N N 211 
LEU CD2 HD21 sing N N 212 
LEU CD2 HD22 sing N N 213 
LEU CD2 HD23 sing N N 214 
LEU OXT HXT  sing N N 215 
LYS N   CA   sing N N 216 
LYS N   H    sing N N 217 
LYS N   H2   sing N N 218 
LYS CA  C    sing N N 219 
LYS CA  CB   sing N N 220 
LYS CA  HA   sing N N 221 
LYS C   O    doub N N 222 
LYS C   OXT  sing N N 223 
LYS CB  CG   sing N N 224 
LYS CB  HB2  sing N N 225 
LYS CB  HB3  sing N N 226 
LYS CG  CD   sing N N 227 
LYS CG  HG2  sing N N 228 
LYS CG  HG3  sing N N 229 
LYS CD  CE   sing N N 230 
LYS CD  HD2  sing N N 231 
LYS CD  HD3  sing N N 232 
LYS CE  NZ   sing N N 233 
LYS CE  HE2  sing N N 234 
LYS CE  HE3  sing N N 235 
LYS NZ  HZ1  sing N N 236 
LYS NZ  HZ2  sing N N 237 
LYS NZ  HZ3  sing N N 238 
LYS OXT HXT  sing N N 239 
MET N   CA   sing N N 240 
MET N   H    sing N N 241 
MET N   H2   sing N N 242 
MET CA  C    sing N N 243 
MET CA  CB   sing N N 244 
MET CA  HA   sing N N 245 
MET C   O    doub N N 246 
MET C   OXT  sing N N 247 
MET CB  CG   sing N N 248 
MET CB  HB2  sing N N 249 
MET CB  HB3  sing N N 250 
MET CG  SD   sing N N 251 
MET CG  HG2  sing N N 252 
MET CG  HG3  sing N N 253 
MET SD  CE   sing N N 254 
MET CE  HE1  sing N N 255 
MET CE  HE2  sing N N 256 
MET CE  HE3  sing N N 257 
MET OXT HXT  sing N N 258 
PHE N   CA   sing N N 259 
PHE N   H    sing N N 260 
PHE N   H2   sing N N 261 
PHE CA  C    sing N N 262 
PHE CA  CB   sing N N 263 
PHE CA  HA   sing N N 264 
PHE C   O    doub N N 265 
PHE C   OXT  sing N N 266 
PHE CB  CG   sing N N 267 
PHE CB  HB2  sing N N 268 
PHE CB  HB3  sing N N 269 
PHE CG  CD1  doub Y N 270 
PHE CG  CD2  sing Y N 271 
PHE CD1 CE1  sing Y N 272 
PHE CD1 HD1  sing N N 273 
PHE CD2 CE2  doub Y N 274 
PHE CD2 HD2  sing N N 275 
PHE CE1 CZ   doub Y N 276 
PHE CE1 HE1  sing N N 277 
PHE CE2 CZ   sing Y N 278 
PHE CE2 HE2  sing N N 279 
PHE CZ  HZ   sing N N 280 
PHE OXT HXT  sing N N 281 
PRO N   CA   sing N N 282 
PRO N   CD   sing N N 283 
PRO N   H    sing N N 284 
PRO CA  C    sing N N 285 
PRO CA  CB   sing N N 286 
PRO CA  HA   sing N N 287 
PRO C   O    doub N N 288 
PRO C   OXT  sing N N 289 
PRO CB  CG   sing N N 290 
PRO CB  HB2  sing N N 291 
PRO CB  HB3  sing N N 292 
PRO CG  CD   sing N N 293 
PRO CG  HG2  sing N N 294 
PRO CG  HG3  sing N N 295 
PRO CD  HD2  sing N N 296 
PRO CD  HD3  sing N N 297 
PRO OXT HXT  sing N N 298 
SER N   CA   sing N N 299 
SER N   H    sing N N 300 
SER N   H2   sing N N 301 
SER CA  C    sing N N 302 
SER CA  CB   sing N N 303 
SER CA  HA   sing N N 304 
SER C   O    doub N N 305 
SER C   OXT  sing N N 306 
SER CB  OG   sing N N 307 
SER CB  HB2  sing N N 308 
SER CB  HB3  sing N N 309 
SER OG  HG   sing N N 310 
SER OXT HXT  sing N N 311 
THR N   CA   sing N N 312 
THR N   H    sing N N 313 
THR N   H2   sing N N 314 
THR CA  C    sing N N 315 
THR CA  CB   sing N N 316 
THR CA  HA   sing N N 317 
THR C   O    doub N N 318 
THR C   OXT  sing N N 319 
THR CB  OG1  sing N N 320 
THR CB  CG2  sing N N 321 
THR CB  HB   sing N N 322 
THR OG1 HG1  sing N N 323 
THR CG2 HG21 sing N N 324 
THR CG2 HG22 sing N N 325 
THR CG2 HG23 sing N N 326 
THR OXT HXT  sing N N 327 
TYR N   CA   sing N N 328 
TYR N   H    sing N N 329 
TYR N   H2   sing N N 330 
TYR CA  C    sing N N 331 
TYR CA  CB   sing N N 332 
TYR CA  HA   sing N N 333 
TYR C   O    doub N N 334 
TYR C   OXT  sing N N 335 
TYR CB  CG   sing N N 336 
TYR CB  HB2  sing N N 337 
TYR CB  HB3  sing N N 338 
TYR CG  CD1  doub Y N 339 
TYR CG  CD2  sing Y N 340 
TYR CD1 CE1  sing Y N 341 
TYR CD1 HD1  sing N N 342 
TYR CD2 CE2  doub Y N 343 
TYR CD2 HD2  sing N N 344 
TYR CE1 CZ   doub Y N 345 
TYR CE1 HE1  sing N N 346 
TYR CE2 CZ   sing Y N 347 
TYR CE2 HE2  sing N N 348 
TYR CZ  OH   sing N N 349 
TYR OH  HH   sing N N 350 
TYR OXT HXT  sing N N 351 
VAL N   CA   sing N N 352 
VAL N   H    sing N N 353 
VAL N   H2   sing N N 354 
VAL CA  C    sing N N 355 
VAL CA  CB   sing N N 356 
VAL CA  HA   sing N N 357 
VAL C   O    doub N N 358 
VAL C   OXT  sing N N 359 
VAL CB  CG1  sing N N 360 
VAL CB  CG2  sing N N 361 
VAL CB  HB   sing N N 362 
VAL CG1 HG11 sing N N 363 
VAL CG1 HG12 sing N N 364 
VAL CG1 HG13 sing N N 365 
VAL CG2 HG21 sing N N 366 
VAL CG2 HG22 sing N N 367 
VAL CG2 HG23 sing N N 368 
VAL OXT HXT  sing N N 369 
# 
_pdbx_audit_support.ordinal                1 
_pdbx_audit_support.funding_organization   'European Union (EU)' 
_pdbx_audit_support.grant_number           875510 
_pdbx_audit_support.country                'European Union' 
# 
_pdbx_deposit_group.group_id            G_1002273 
_pdbx_deposit_group.group_description   
;MAP1LC3B screened against the DSi-poised Fragment Library by X-ray Crystallography at the XChem facility of Diamond Light Source beamline I04-1
;
_pdbx_deposit_group.group_title         'PanDDA analysis group deposition' 
_pdbx_deposit_group.group_type          'changed state' 
# 
_atom_sites.entry_id                    7GAB 
_atom_sites.fract_transf_matrix[1][1]   0.00029116 
_atom_sites.fract_transf_matrix[1][2]   -0.01236361 
_atom_sites.fract_transf_matrix[1][3]   0.01080608 
_atom_sites.fract_transf_matrix[2][1]   -0.01267569 
_atom_sites.fract_transf_matrix[2][2]   0.00670113 
_atom_sites.fract_transf_matrix[2][3]   0.00800853 
_atom_sites.fract_transf_matrix[3][1]   -0.01785936 
_atom_sites.fract_transf_matrix[3][2]   -0.01451298 
_atom_sites.fract_transf_matrix[3][3]   -0.01612361 
_atom_sites.fract_transf_vector[1]      0.186238 
_atom_sites.fract_transf_vector[2]      -0.380058 
_atom_sites.fract_transf_vector[3]      0.022139 
# 
loop_
_atom_type.symbol 
C  
CL 
N  
O  
S  
# 
loop_
_atom_site.group_PDB 
_atom_site.id 
_atom_site.type_symbol 
_atom_site.label_atom_id 
_atom_site.label_alt_id 
_atom_site.label_comp_id 
_atom_site.label_asym_id 
_atom_site.label_entity_id 
_atom_site.label_seq_id 
_atom_site.pdbx_PDB_ins_code 
_atom_site.Cartn_x 
_atom_site.Cartn_y 
_atom_site.Cartn_z 
_atom_site.occupancy 
_atom_site.B_iso_or_equiv 
_atom_site.pdbx_formal_charge 
_atom_site.auth_seq_id 
_atom_site.auth_comp_id 
_atom_site.auth_asym_id 
_atom_site.auth_atom_id 
_atom_site.pdbx_PDB_model_num 
ATOM   1    N  N   . LYS A 1 6   ? 0.812   16.918  3.807   1.00 113.15 ? 5   LYS A N   1 
ATOM   2    C  CA  . LYS A 1 6   ? -0.277  15.916  4.028   1.00 118.36 ? 5   LYS A CA  1 
ATOM   3    C  C   . LYS A 1 6   ? 0.189   14.508  3.619   1.00 110.35 ? 5   LYS A C   1 
ATOM   4    O  O   . LYS A 1 6   ? 0.362   13.680  4.521   1.00 95.99  ? 5   LYS A O   1 
ATOM   5    C  CB  . LYS A 1 6   ? -1.542  16.317  3.263   1.00 119.09 ? 5   LYS A CB  1 
ATOM   6    C  CG  . LYS A 1 6   ? -2.549  17.097  4.088   1.00 112.50 ? 5   LYS A CG  1 
ATOM   7    C  CD  . LYS A 1 6   ? -3.085  16.308  5.257   1.00 105.38 ? 5   LYS A CD  1 
ATOM   8    C  CE  . LYS A 1 6   ? -4.432  16.815  5.716   1.00 103.70 ? 5   LYS A CE  1 
ATOM   9    N  NZ  . LYS A 1 6   ? -4.402  18.280  5.936   1.00 106.96 ? 5   LYS A NZ  1 
ATOM   10   N  N   . THR A 1 7   ? 0.363   14.246  2.315   1.00 107.74 ? 6   THR A N   1 
ATOM   11   C  CA  . THR A 1 7   ? 0.755   12.918  1.756   1.00 92.76  ? 6   THR A CA  1 
ATOM   12   C  C   . THR A 1 7   ? 2.207   12.617  2.113   1.00 85.15  ? 6   THR A C   1 
ATOM   13   O  O   . THR A 1 7   ? 2.991   13.579  2.284   1.00 76.05  ? 6   THR A O   1 
ATOM   14   C  CB  . THR A 1 7   ? 0.666   12.787  0.223   1.00 102.50 ? 6   THR A CB  1 
ATOM   15   O  OG1 . THR A 1 7   ? 1.797   13.441  -0.360  1.00 82.79  ? 6   THR A OG1 1 
ATOM   16   C  CG2 . THR A 1 7   ? -0.633  13.298  -0.375  1.00 113.15 ? 6   THR A CG2 1 
ATOM   17   N  N   . PHE A 1 8   ? 2.537   11.325  2.132   1.00 75.03  ? 7   PHE A N   1 
ATOM   18   C  CA  . PHE A 1 8   ? 3.847   10.740  2.528   1.00 79.65  ? 7   PHE A CA  1 
ATOM   19   C  C   . PHE A 1 8   ? 5.030   11.362  1.764   1.00 77.40  ? 7   PHE A C   1 
ATOM   20   O  O   . PHE A 1 8   ? 6.041   11.819  2.376   1.00 82.49  ? 7   PHE A O   1 
ATOM   21   C  CB  . PHE A 1 8   ? 3.845   9.226   2.283   1.00 71.59  ? 7   PHE A CB  1 
ATOM   22   C  CG  . PHE A 1 8   ? 5.080   8.553   2.805   1.00 62.37  ? 7   PHE A CG  1 
ATOM   23   C  CD1 . PHE A 1 8   ? 5.280   8.442   4.176   1.00 62.55  ? 7   PHE A CD1 1 
ATOM   24   C  CD2 . PHE A 1 8   ? 6.076   8.127   1.946   1.00 59.41  ? 7   PHE A CD2 1 
ATOM   25   C  CE1 . PHE A 1 8   ? 6.418   7.841   4.684   1.00 62.20  ? 7   PHE A CE1 1 
ATOM   26   C  CE2 . PHE A 1 8   ? 7.218   7.537   2.462   1.00 60.59  ? 7   PHE A CE2 1 
ATOM   27   C  CZ  . PHE A 1 8   ? 7.389   7.397   3.825   1.00 53.94  ? 7   PHE A CZ  1 
ATOM   28   N  N   . LYS A 1 9   ? 4.951   11.337  0.437   1.00 75.36  ? 8   LYS A N   1 
ATOM   29   C  CA  . LYS A 1 9   ? 6.023   11.863  -0.444  1.00 73.42  ? 8   LYS A CA  1 
ATOM   30   C  C   . LYS A 1 9   ? 6.322   13.327  -0.054  1.00 80.03  ? 8   LYS A C   1 
ATOM   31   O  O   . LYS A 1 9   ? 7.523   13.705  -0.042  1.00 73.74  ? 8   LYS A O   1 
ATOM   32   C  CB  . LYS A 1 9   ? 5.604   11.682  -1.909  1.00 68.69  ? 8   LYS A CB  1 
ATOM   33   C  CG  . LYS A 1 9   ? 5.883   10.307  -2.498  1.00 74.42  ? 8   LYS A CG  1 
ATOM   34   C  CD  . LYS A 1 9   ? 5.864   10.251  -4.008  1.00 70.14  ? 8   LYS A CD  1 
ATOM   35   C  CE  . LYS A 1 9   ? 6.248   8.891   -4.550  1.00 80.03  ? 8   LYS A CE  1 
ATOM   36   N  NZ  . LYS A 1 9   ? 5.904   8.726   -5.983  1.00 87.88  ? 8   LYS A NZ  1 
ATOM   37   N  N   . GLN A 1 10  ? 5.249   14.088  0.236   1.00 79.93  ? 9   GLN A N   1 
ATOM   38   C  CA  . GLN A 1 10  ? 5.201   15.497  0.719   1.00 74.94  ? 9   GLN A CA  1 
ATOM   39   C  C   . GLN A 1 10  ? 5.976   15.661  2.036   1.00 69.22  ? 9   GLN A C   1 
ATOM   40   O  O   . GLN A 1 10  ? 6.784   16.595  2.147   1.00 74.19  ? 9   GLN A O   1 
ATOM   41   C  CB  . GLN A 1 10  ? 3.743   15.955  0.906   1.00 68.38  ? 9   GLN A CB  1 
ATOM   42   C  CG  . GLN A 1 10  ? 3.018   16.238  -0.408  1.00 78.31  ? 9   GLN A CG  1 
ATOM   43   C  CD  . GLN A 1 10  ? 1.546   16.559  -0.247  1.00 86.64  ? 9   GLN A CD  1 
ATOM   44   O  OE1 . GLN A 1 10  ? 0.960   16.450  0.836   1.00 93.77  ? 9   GLN A OE1 1 
ATOM   45   N  NE2 . GLN A 1 10  ? 0.923   16.966  -1.343  1.00 88.16  ? 9   GLN A NE2 1 
ATOM   46   N  N   A ARG A 1 11  ? 5.716   14.771  3.001   0.34 70.02  ? 10  ARG A N   1 
ATOM   47   N  N   B ARG A 1 11  ? 5.734   14.764  2.995   0.17 67.04  ? 10  ARG A N   1 
ATOM   48   C  CA  A ARG A 1 11  ? 6.253   14.832  4.390   0.34 66.63  ? 10  ARG A CA  1 
ATOM   49   C  CA  B ARG A 1 11  ? 6.259   14.852  4.384   0.17 63.21  ? 10  ARG A CA  1 
ATOM   50   C  C   A ARG A 1 11  ? 7.748   14.506  4.407   0.34 63.93  ? 10  ARG A C   1 
ATOM   51   C  C   B ARG A 1 11  ? 7.749   14.493  4.426   0.17 62.53  ? 10  ARG A C   1 
ATOM   52   O  O   A ARG A 1 11  ? 8.464   15.147  5.188   0.34 67.56  ? 10  ARG A O   1 
ATOM   53   O  O   B ARG A 1 11  ? 8.461   15.105  5.239   0.17 64.31  ? 10  ARG A O   1 
ATOM   54   C  CB  A ARG A 1 11  ? 5.525   13.844  5.306   0.34 68.98  ? 10  ARG A CB  1 
ATOM   55   C  CB  B ARG A 1 11  ? 5.458   13.935  5.310   0.17 61.58  ? 10  ARG A CB  1 
ATOM   56   C  CG  A ARG A 1 11  ? 4.054   14.155  5.535   0.34 75.95  ? 10  ARG A CG  1 
ATOM   57   C  CG  B ARG A 1 11  ? 4.022   14.385  5.529   0.17 62.95  ? 10  ARG A CG  1 
ATOM   58   C  CD  A ARG A 1 11  ? 3.452   13.264  6.614   0.34 85.23  ? 10  ARG A CD  1 
ATOM   59   C  CD  B ARG A 1 11  ? 3.232   13.384  6.351   0.17 64.73  ? 10  ARG A CD  1 
ATOM   60   N  NE  A ARG A 1 11  ? 2.706   12.110  6.113   0.34 88.70  ? 10  ARG A NE  1 
ATOM   61   N  NE  B ARG A 1 11  ? 2.395   12.510  5.537   0.17 63.41  ? 10  ARG A NE  1 
ATOM   62   C  CZ  A ARG A 1 11  ? 2.991   10.839  6.388   0.34 90.51  ? 10  ARG A CZ  1 
ATOM   63   C  CZ  B ARG A 1 11  ? 1.820   11.399  5.980   0.17 60.34  ? 10  ARG A CZ  1 
ATOM   64   N  NH1 A ARG A 1 11  ? 4.021   10.535  7.162   0.34 88.77  ? 10  ARG A NH1 1 
ATOM   65   N  NH1 B ARG A 1 11  ? 2.004   11.017  7.233   0.17 62.39  ? 10  ARG A NH1 1 
ATOM   66   N  NH2 A ARG A 1 11  ? 2.239   9.875   5.888   0.34 90.48  ? 10  ARG A NH2 1 
ATOM   67   N  NH2 B ARG A 1 11  ? 1.073   10.673  5.167   0.17 59.43  ? 10  ARG A NH2 1 
ATOM   68   N  N   . ARG A 1 12  ? 8.202   13.537  3.605   1.00 62.41  ? 11  ARG A N   1 
ATOM   69   C  CA  . ARG A 1 12  ? 9.633   13.060  3.654   1.00 64.78  ? 11  ARG A CA  1 
ATOM   70   C  C   . ARG A 1 12  ? 10.365  13.332  2.332   1.00 68.71  ? 11  ARG A C   1 
ATOM   71   O  O   . ARG A 1 12  ? 9.784   13.081  1.285   1.00 61.75  ? 11  ARG A O   1 
ATOM   72   C  CB  . ARG A 1 12  ? 9.734   11.562  3.989   1.00 71.64  ? 11  ARG A CB  1 
ATOM   73   C  CG  . ARG A 1 12  ? 8.976   11.104  5.237   1.00 72.94  ? 11  ARG A CG  1 
ATOM   74   C  CD  . ARG A 1 12  ? 9.641   11.381  6.574   1.00 76.04  ? 11  ARG A CD  1 
ATOM   75   N  NE  . ARG A 1 12  ? 10.910  10.675  6.755   1.00 88.70  ? 11  ARG A NE  1 
ATOM   76   C  CZ  . ARG A 1 12  ? 11.744  10.838  7.792   1.00 107.50 ? 11  ARG A CZ  1 
ATOM   77   N  NH1 . ARG A 1 12  ? 11.455  11.683  8.775   1.00 119.88 ? 11  ARG A NH1 1 
ATOM   78   N  NH2 . ARG A 1 12  ? 12.873  10.149  7.844   1.00 108.14 ? 11  ARG A NH2 1 
ATOM   79   N  N   . THR A 1 13  ? 11.628  13.768  2.393   1.00 60.76  ? 12  THR A N   1 
ATOM   80   C  CA  . THR A 1 13  ? 12.471  13.990  1.195   1.00 63.03  ? 12  THR A CA  1 
ATOM   81   C  C   . THR A 1 13  ? 12.735  12.636  0.494   1.00 62.24  ? 12  THR A C   1 
ATOM   82   O  O   . THR A 1 13  ? 12.773  11.603  1.129   1.00 70.39  ? 12  THR A O   1 
ATOM   83   C  CB  . THR A 1 13  ? 13.785  14.712  1.540   1.00 60.30  ? 12  THR A CB  1 
ATOM   84   O  OG1 . THR A 1 13  ? 14.672  13.772  2.136   1.00 72.08  ? 12  THR A OG1 1 
ATOM   85   C  CG2 . THR A 1 13  ? 13.651  15.878  2.486   1.00 65.61  ? 12  THR A CG2 1 
ATOM   86   N  N   . PHE A 1 14  ? 12.960  12.640  -0.804  1.00 59.11  ? 13  PHE A N   1 
ATOM   87   C  CA  . PHE A 1 14  ? 13.435  11.449  -1.532  1.00 67.18  ? 13  PHE A CA  1 
ATOM   88   C  C   . PHE A 1 14  ? 14.574  10.795  -0.737  1.00 68.03  ? 13  PHE A C   1 
ATOM   89   O  O   . PHE A 1 14  ? 14.640  9.554   -0.673  1.00 71.89  ? 13  PHE A O   1 
ATOM   90   C  CB  . PHE A 1 14  ? 13.879  11.848  -2.939  1.00 69.76  ? 13  PHE A CB  1 
ATOM   91   C  CG  . PHE A 1 14  ? 14.213  10.669  -3.812  1.00 61.43  ? 13  PHE A CG  1 
ATOM   92   C  CD1 . PHE A 1 14  ? 13.223  10.029  -4.535  1.00 51.76  ? 13  PHE A CD1 1 
ATOM   93   C  CD2 . PHE A 1 14  ? 15.507  10.179  -3.872  1.00 59.90  ? 13  PHE A CD2 1 
ATOM   94   C  CE1 . PHE A 1 14  ? 13.521  8.932   -5.324  1.00 60.32  ? 13  PHE A CE1 1 
ATOM   95   C  CE2 . PHE A 1 14  ? 15.812  9.089   -4.680  1.00 64.00  ? 13  PHE A CE2 1 
ATOM   96   C  CZ  . PHE A 1 14  ? 14.814  8.450   -5.389  1.00 62.69  ? 13  PHE A CZ  1 
ATOM   97   N  N   . GLU A 1 15  ? 15.447  11.606  -0.146  1.00 66.14  ? 14  GLU A N   1 
ATOM   98   C  CA  . GLU A 1 15  ? 16.647  11.145  0.599   1.00 62.65  ? 14  GLU A CA  1 
ATOM   99   C  C   . GLU A 1 15  ? 16.186  10.327  1.818   1.00 62.73  ? 14  GLU A C   1 
ATOM   100  O  O   . GLU A 1 15  ? 16.785  9.286   2.136   1.00 51.45  ? 14  GLU A O   1 
ATOM   101  C  CB  . GLU A 1 15  ? 17.512  12.353  0.999   1.00 80.07  ? 14  GLU A CB  1 
ATOM   102  C  CG  . GLU A 1 15  ? 18.924  11.992  1.496   1.00 87.25  ? 14  GLU A CG  1 
ATOM   103  C  CD  . GLU A 1 15  ? 19.944  13.126  1.631   1.00 98.46  ? 14  GLU A CD  1 
ATOM   104  O  OE1 . GLU A 1 15  ? 19.843  14.140  0.892   1.00 105.21 ? 14  GLU A OE1 1 
ATOM   105  O  OE2 . GLU A 1 15  ? 20.871  12.982  2.464   1.00 96.33  ? 14  GLU A OE2 1 
ATOM   106  N  N   . GLN A 1 16  ? 15.139  10.782  2.492   1.00 59.73  ? 15  GLN A N   1 
ATOM   107  C  CA  . GLN A 1 16  ? 14.685  10.159  3.745   1.00 60.91  ? 15  GLN A CA  1 
ATOM   108  C  C   . GLN A 1 16  ? 13.987  8.838   3.419   1.00 67.04  ? 15  GLN A C   1 
ATOM   109  O  O   . GLN A 1 16  ? 14.263  7.813   4.080   1.00 61.32  ? 15  GLN A O   1 
ATOM   110  C  CB  . GLN A 1 16  ? 13.763  11.136  4.464   1.00 64.46  ? 15  GLN A CB  1 
ATOM   111  C  CG  . GLN A 1 16  ? 14.547  12.247  5.156   1.00 66.48  ? 15  GLN A CG  1 
ATOM   112  C  CD  . GLN A 1 16  ? 13.664  13.339  5.694   1.00 63.73  ? 15  GLN A CD  1 
ATOM   113  O  OE1 . GLN A 1 16  ? 12.556  13.567  5.199   1.00 55.29  ? 15  GLN A OE1 1 
ATOM   114  N  NE2 . GLN A 1 16  ? 14.164  14.005  6.723   1.00 70.82  ? 15  GLN A NE2 1 
ATOM   115  N  N   A ARG A 1 17  ? 13.089  8.871   2.429   0.15 62.00  ? 16  ARG A N   1 
ATOM   116  N  N   B ARG A 1 17  ? 13.100  8.865   2.423   0.35 65.48  ? 16  ARG A N   1 
ATOM   117  C  CA  A ARG A 1 17  ? 12.310  7.697   1.958   0.15 59.76  ? 16  ARG A CA  1 
ATOM   118  C  CA  B ARG A 1 17  ? 12.320  7.686   1.976   0.35 64.43  ? 16  ARG A CA  1 
ATOM   119  C  C   A ARG A 1 17  ? 13.284  6.596   1.528   0.15 59.72  ? 16  ARG A C   1 
ATOM   120  C  C   B ARG A 1 17  ? 13.297  6.596   1.539   0.35 63.29  ? 16  ARG A C   1 
ATOM   121  O  O   A ARG A 1 17  ? 13.058  5.432   1.908   0.15 64.55  ? 16  ARG A O   1 
ATOM   122  O  O   B ARG A 1 17  ? 13.098  5.437   1.942   0.35 74.68  ? 16  ARG A O   1 
ATOM   123  C  CB  A ARG A 1 17  ? 11.377  8.101   0.813   0.15 57.66  ? 16  ARG A CB  1 
ATOM   124  C  CB  B ARG A 1 17  ? 11.348  8.092   0.869   0.35 64.92  ? 16  ARG A CB  1 
ATOM   125  C  CG  A ARG A 1 17  ? 10.385  9.191   1.194   0.15 57.97  ? 16  ARG A CG  1 
ATOM   126  C  CG  B ARG A 1 17  ? 10.225  8.984   1.373   0.35 70.71  ? 16  ARG A CG  1 
ATOM   127  C  CD  A ARG A 1 17  ? 9.257   9.363   0.194   0.15 58.63  ? 16  ARG A CD  1 
ATOM   128  C  CD  B ARG A 1 17  ? 9.199   9.345   0.315   0.35 80.21  ? 16  ARG A CD  1 
ATOM   129  N  NE  A ARG A 1 17  ? 9.712   9.527   -1.183  0.15 60.38  ? 16  ARG A NE  1 
ATOM   130  N  NE  B ARG A 1 17  ? 9.446   10.642  -0.304  0.35 90.51  ? 16  ARG A NE  1 
ATOM   131  C  CZ  A ARG A 1 17  ? 9.628   10.657  -1.882  0.15 59.01  ? 16  ARG A CZ  1 
ATOM   132  C  CZ  B ARG A 1 17  ? 9.888   10.819  -1.546  0.35 96.33  ? 16  ARG A CZ  1 
ATOM   133  N  NH1 A ARG A 1 17  ? 9.098   11.741  -1.340  0.15 56.56  ? 16  ARG A NH1 1 
ATOM   134  N  NH1 B ARG A 1 17  ? 10.137  9.776   -2.322  0.35 101.49 ? 16  ARG A NH1 1 
ATOM   135  N  NH2 A ARG A 1 17  ? 10.070  10.690  -3.126  0.15 58.53  ? 16  ARG A NH2 1 
ATOM   136  N  NH2 B ARG A 1 17  ? 10.080  12.040  -2.007  0.35 99.23  ? 16  ARG A NH2 1 
ATOM   137  N  N   . VAL A 1 18  ? 14.332  6.962   0.787   1.00 56.47  ? 17  VAL A N   1 
ATOM   138  C  CA  . VAL A 1 18  ? 15.362  5.996   0.303   1.00 58.70  ? 17  VAL A CA  1 
ATOM   139  C  C   . VAL A 1 18  ? 16.062  5.305   1.481   1.00 70.90  ? 17  VAL A C   1 
ATOM   140  O  O   . VAL A 1 18  ? 16.325  4.048   1.415   1.00 63.43  ? 17  VAL A O   1 
ATOM   141  C  CB  . VAL A 1 18  ? 16.384  6.720   -0.579  1.00 53.94  ? 17  VAL A CB  1 
ATOM   142  C  CG1 . VAL A 1 18  ? 17.742  6.030   -0.560  1.00 65.54  ? 17  VAL A CG1 1 
ATOM   143  C  CG2 . VAL A 1 18  ? 15.842  6.887   -1.992  1.00 57.96  ? 17  VAL A CG2 1 
ATOM   144  N  N   . GLU A 1 19  ? 16.401  6.096   2.499   1.00 74.91  ? 18  GLU A N   1 
ATOM   145  C  CA  . GLU A 1 19  ? 17.237  5.618   3.619   1.00 74.13  ? 18  GLU A CA  1 
ATOM   146  C  C   . GLU A 1 19  ? 16.371  4.725   4.510   1.00 67.23  ? 18  GLU A C   1 
ATOM   147  O  O   . GLU A 1 19  ? 16.895  3.699   4.980   1.00 70.05  ? 18  GLU A O   1 
ATOM   148  C  CB  . GLU A 1 19  ? 17.915  6.774   4.356   1.00 86.11  ? 18  GLU A CB  1 
ATOM   149  C  CG  . GLU A 1 19  ? 19.356  6.955   3.916   1.00 100.55 ? 18  GLU A CG  1 
ATOM   150  C  CD  . GLU A 1 19  ? 20.270  5.757   4.133   1.00 112.03 ? 18  GLU A CD  1 
ATOM   151  O  OE1 . GLU A 1 19  ? 20.306  5.214   5.276   1.00 114.59 ? 18  GLU A OE1 1 
ATOM   152  O  OE2 . GLU A 1 19  ? 20.949  5.367   3.156   1.00 127.43 ? 18  GLU A OE2 1 
ATOM   153  N  N   . ASP A 1 20  ? 15.090  5.051   4.688   1.00 61.57  ? 19  ASP A N   1 
ATOM   154  C  CA  . ASP A 1 20  ? 14.177  4.201   5.500   1.00 65.21  ? 19  ASP A CA  1 
ATOM   155  C  C   . ASP A 1 20  ? 13.988  2.835   4.832   1.00 68.13  ? 19  ASP A C   1 
ATOM   156  O  O   . ASP A 1 20  ? 13.869  1.855   5.559   1.00 67.88  ? 19  ASP A O   1 
ATOM   157  C  CB  . ASP A 1 20  ? 12.844  4.873   5.776   1.00 68.06  ? 19  ASP A CB  1 
ATOM   158  C  CG  . ASP A 1 20  ? 12.160  4.276   7.000   1.00 89.18  ? 19  ASP A CG  1 
ATOM   159  O  OD1 . ASP A 1 20  ? 10.933  4.341   7.037   1.00 106.25 ? 19  ASP A OD1 1 
ATOM   160  O  OD2 . ASP A 1 20  ? 12.859  3.752   7.923   1.00 93.86  ? 19  ASP A OD2 1 
ATOM   161  N  N   . VAL A 1 21  ? 13.957  2.793   3.499   1.00 64.44  ? 20  VAL A N   1 
ATOM   162  C  CA  . VAL A 1 21  ? 13.779  1.551   2.710   1.00 59.29  ? 20  VAL A CA  1 
ATOM   163  C  C   . VAL A 1 21  ? 15.036  0.714   2.939   1.00 57.59  ? 20  VAL A C   1 
ATOM   164  O  O   . VAL A 1 21  ? 14.859  -0.522  3.116   1.00 55.49  ? 20  VAL A O   1 
ATOM   165  C  CB  . VAL A 1 21  ? 13.497  1.818   1.214   1.00 53.82  ? 20  VAL A CB  1 
ATOM   166  C  CG1 . VAL A 1 21  ? 13.832  0.626   0.317   1.00 54.57  ? 20  VAL A CG1 1 
ATOM   167  C  CG2 . VAL A 1 21  ? 12.069  2.274   0.998   1.00 45.77  ? 20  VAL A CG2 1 
ATOM   168  N  N   . ARG A 1 22  ? 16.216  1.355   2.986   1.00 66.29  ? 21  ARG A N   1 
ATOM   169  C  CA  . ARG A 1 22  ? 17.537  0.671   3.110   1.00 63.55  ? 21  ARG A CA  1 
ATOM   170  C  C   . ARG A 1 22  ? 17.663  0.050   4.508   1.00 61.67  ? 21  ARG A C   1 
ATOM   171  O  O   . ARG A 1 22  ? 18.424  -0.945  4.640   1.00 57.11  ? 21  ARG A O   1 
ATOM   172  C  CB  . ARG A 1 22  ? 18.713  1.620   2.850   1.00 79.19  ? 21  ARG A CB  1 
ATOM   173  C  CG  . ARG A 1 22  ? 19.012  1.904   1.383   1.00 91.80  ? 21  ARG A CG  1 
ATOM   174  C  CD  . ARG A 1 22  ? 20.155  2.899   1.216   1.00 96.62  ? 21  ARG A CD  1 
ATOM   175  N  NE  . ARG A 1 22  ? 20.447  3.283   -0.169  1.00 106.23 ? 21  ARG A NE  1 
ATOM   176  C  CZ  . ARG A 1 22  ? 21.247  4.289   -0.540  1.00 111.75 ? 21  ARG A CZ  1 
ATOM   177  N  NH1 . ARG A 1 22  ? 21.848  5.041   0.367   1.00 123.23 ? 21  ARG A NH1 1 
ATOM   178  N  NH2 . ARG A 1 22  ? 21.449  4.542   -1.822  1.00 110.07 ? 21  ARG A NH2 1 
ATOM   179  N  N   . LEU A 1 23  ? 16.958  0.620   5.494   1.00 57.66  ? 22  LEU A N   1 
ATOM   180  C  CA  . LEU A 1 23  ? 16.950  0.195   6.920   1.00 63.86  ? 22  LEU A CA  1 
ATOM   181  C  C   . LEU A 1 23  ? 16.034  -1.040  7.077   1.00 61.08  ? 22  LEU A C   1 
ATOM   182  O  O   . LEU A 1 23  ? 16.474  -2.041  7.700   1.00 64.17  ? 22  LEU A O   1 
ATOM   183  C  CB  . LEU A 1 23  ? 16.476  1.379   7.788   1.00 67.50  ? 22  LEU A CB  1 
ATOM   184  C  CG  . LEU A 1 23  ? 16.416  1.135   9.304   1.00 76.69  ? 22  LEU A CG  1 
ATOM   185  C  CD1 . LEU A 1 23  ? 17.812  0.876   9.870   1.00 74.96  ? 22  LEU A CD1 1 
ATOM   186  C  CD2 . LEU A 1 23  ? 15.704  2.266   10.047  1.00 76.75  ? 22  LEU A CD2 1 
ATOM   187  N  N   . ILE A 1 24  ? 14.800  -0.951  6.558   1.00 59.26  ? 23  ILE A N   1 
ATOM   188  C  CA  . ILE A 1 24  ? 13.792  -2.053  6.475   1.00 53.78  ? 23  ILE A CA  1 
ATOM   189  C  C   . ILE A 1 24  ? 14.443  -3.267  5.792   1.00 47.45  ? 23  ILE A C   1 
ATOM   190  O  O   . ILE A 1 24  ? 14.184  -4.378  6.205   1.00 61.39  ? 23  ILE A O   1 
ATOM   191  C  CB  . ILE A 1 24  ? 12.521  -1.553  5.769   1.00 49.94  ? 23  ILE A CB  1 
ATOM   192  C  CG1 . ILE A 1 24  ? 11.915  -0.355  6.515   1.00 50.47  ? 23  ILE A CG1 1 
ATOM   193  C  CG2 . ILE A 1 24  ? 11.526  -2.688  5.643   1.00 53.18  ? 23  ILE A CG2 1 
ATOM   194  C  CD1 . ILE A 1 24  ? 10.722  0.270   5.855   1.00 53.73  ? 23  ILE A CD1 1 
ATOM   195  N  N   . ARG A 1 25  ? 15.329  -3.059  4.829   1.00 54.82  ? 24  ARG A N   1 
ATOM   196  C  CA  . ARG A 1 25  ? 16.123  -4.150  4.203   1.00 58.10  ? 24  ARG A CA  1 
ATOM   197  C  C   . ARG A 1 25  ? 16.954  -4.839  5.273   1.00 61.19  ? 24  ARG A C   1 
ATOM   198  O  O   . ARG A 1 25  ? 16.930  -6.042  5.309   1.00 72.08  ? 24  ARG A O   1 
ATOM   199  C  CB  . ARG A 1 25  ? 17.067  -3.638  3.110   1.00 60.77  ? 24  ARG A CB  1 
ATOM   200  C  CG  . ARG A 1 25  ? 16.416  -3.564  1.740   1.00 69.65  ? 24  ARG A CG  1 
ATOM   201  C  CD  . ARG A 1 25  ? 17.351  -3.157  0.614   1.00 73.64  ? 24  ARG A CD  1 
ATOM   202  N  NE  . ARG A 1 25  ? 16.569  -2.488  -0.422  1.00 86.49  ? 24  ARG A NE  1 
ATOM   203  C  CZ  . ARG A 1 25  ? 16.993  -1.474  -1.175  1.00 93.22  ? 24  ARG A CZ  1 
ATOM   204  N  NH1 . ARG A 1 25  ? 18.231  -1.013  -1.062  1.00 98.07  ? 24  ARG A NH1 1 
ATOM   205  N  NH2 . ARG A 1 25  ? 16.158  -0.920  -2.038  1.00 97.62  ? 24  ARG A NH2 1 
ATOM   206  N  N   . GLU A 1 26  ? 17.702  -4.065  6.048   1.00 62.78  ? 25  GLU A N   1 
ATOM   207  C  CA  . GLU A 1 26  ? 18.685  -4.538  7.047   1.00 64.55  ? 25  GLU A CA  1 
ATOM   208  C  C   . GLU A 1 26  ? 17.919  -5.209  8.193   1.00 56.50  ? 25  GLU A C   1 
ATOM   209  O  O   . GLU A 1 26  ? 18.244  -6.338  8.519   1.00 69.74  ? 25  GLU A O   1 
ATOM   210  C  CB  . GLU A 1 26  ? 19.536  -3.360  7.545   1.00 79.90  ? 25  GLU A CB  1 
ATOM   211  C  CG  . GLU A 1 26  ? 21.011  -3.702  7.750   1.00 87.63  ? 25  GLU A CG  1 
ATOM   212  C  CD  . GLU A 1 26  ? 21.775  -4.048  6.478   1.00 99.64  ? 25  GLU A CD  1 
ATOM   213  O  OE1 . GLU A 1 26  ? 21.404  -3.503  5.413   1.00 95.21  ? 25  GLU A OE1 1 
ATOM   214  O  OE2 . GLU A 1 26  ? 22.726  -4.868  6.546   1.00 101.22 ? 25  GLU A OE2 1 
ATOM   215  N  N   . GLN A 1 27  ? 16.897  -4.548  8.714   1.00 45.14  ? 26  GLN A N   1 
ATOM   216  C  CA  . GLN A 1 27  ? 16.141  -4.924  9.929   1.00 51.24  ? 26  GLN A CA  1 
ATOM   217  C  C   . GLN A 1 27  ? 14.926  -5.822  9.643   1.00 58.50  ? 26  GLN A C   1 
ATOM   218  O  O   . GLN A 1 27  ? 14.391  -6.390  10.615  1.00 61.55  ? 26  GLN A O   1 
ATOM   219  C  CB  . GLN A 1 27  ? 15.646  -3.642  10.608  1.00 54.64  ? 26  GLN A CB  1 
ATOM   220  C  CG  . GLN A 1 27  ? 16.734  -2.863  11.342  1.00 66.71  ? 26  GLN A CG  1 
ATOM   221  C  CD  . GLN A 1 27  ? 16.217  -1.656  12.106  1.00 87.59  ? 26  GLN A CD  1 
ATOM   222  O  OE1 . GLN A 1 27  ? 15.013  -1.412  12.202  1.00 88.96  ? 26  GLN A OE1 1 
ATOM   223  N  NE2 . GLN A 1 27  ? 17.138  -0.879  12.667  1.00 90.47  ? 26  GLN A NE2 1 
ATOM   224  N  N   . HIS A 1 28  ? 14.383  -5.845  8.422   1.00 53.53  ? 27  HIS A N   1 
ATOM   225  C  CA  . HIS A 1 28  ? 13.162  -6.627  8.100   1.00 49.61  ? 27  HIS A CA  1 
ATOM   226  C  C   . HIS A 1 28  ? 13.289  -7.110  6.692   1.00 47.39  ? 27  HIS A C   1 
ATOM   227  O  O   . HIS A 1 28  ? 12.518  -6.698  5.831   1.00 57.12  ? 27  HIS A O   1 
ATOM   228  C  CB  . HIS A 1 28  ? 11.905  -5.799  8.225   1.00 61.38  ? 27  HIS A CB  1 
ATOM   229  C  CG  . HIS A 1 28  ? 11.676  -5.331  9.608   1.00 66.75  ? 27  HIS A CG  1 
ATOM   230  N  ND1 . HIS A 1 28  ? 10.752  -5.901  10.453  1.00 68.88  ? 27  HIS A ND1 1 
ATOM   231  C  CD2 . HIS A 1 28  ? 12.257  -4.339  10.286  1.00 70.75  ? 27  HIS A CD2 1 
ATOM   232  C  CE1 . HIS A 1 28  ? 10.751  -5.249  11.592  1.00 66.04  ? 27  HIS A CE1 1 
ATOM   233  N  NE2 . HIS A 1 28  ? 11.659  -4.300  11.510  1.00 65.79  ? 27  HIS A NE2 1 
ATOM   234  N  N   . PRO A 1 29  ? 14.303  -7.960  6.462   1.00 41.43  ? 28  PRO A N   1 
ATOM   235  C  CA  . PRO A 1 29  ? 14.680  -8.368  5.123   1.00 52.12  ? 28  PRO A CA  1 
ATOM   236  C  C   . PRO A 1 29  ? 13.579  -9.160  4.398   1.00 48.66  ? 28  PRO A C   1 
ATOM   237  O  O   . PRO A 1 29  ? 13.542  -9.117  3.164   1.00 43.25  ? 28  PRO A O   1 
ATOM   238  C  CB  . PRO A 1 29  ? 15.979  -9.173  5.345   1.00 48.20  ? 28  PRO A CB  1 
ATOM   239  C  CG  . PRO A 1 29  ? 15.845  -9.690  6.771   1.00 58.83  ? 28  PRO A CG  1 
ATOM   240  C  CD  . PRO A 1 29  ? 15.158  -8.559  7.499   1.00 51.27  ? 28  PRO A CD  1 
ATOM   241  N  N   . THR A 1 30  ? 12.706  -9.872  5.114   1.00 47.65  ? 29  THR A N   1 
ATOM   242  C  CA  . THR A 1 30  ? 11.654  -10.663 4.425   1.00 43.55  ? 29  THR A CA  1 
ATOM   243  C  C   . THR A 1 30  ? 10.390  -9.813  4.210   1.00 42.76  ? 29  THR A C   1 
ATOM   244  O  O   . THR A 1 30  ? 9.382   -10.378 3.781   1.00 45.72  ? 29  THR A O   1 
ATOM   245  C  CB  . THR A 1 30  ? 11.330  -11.977 5.148   1.00 44.46  ? 29  THR A CB  1 
ATOM   246  O  OG1 . THR A 1 30  ? 10.509  -11.611 6.258   1.00 35.93  ? 29  THR A OG1 1 
ATOM   247  C  CG2 . THR A 1 30  ? 12.560  -12.761 5.551   1.00 41.31  ? 29  THR A CG2 1 
ATOM   248  N  N   . LYS A 1 31  ? 10.421  -8.505  4.448   1.00 44.53  ? 30  LYS A N   1 
ATOM   249  C  CA  . LYS A 1 31  ? 9.174   -7.696  4.384   1.00 41.35  ? 30  LYS A CA  1 
ATOM   250  C  C   . LYS A 1 31  ? 9.225   -6.734  3.210   1.00 43.01  ? 30  LYS A C   1 
ATOM   251  O  O   . LYS A 1 31  ? 10.311  -6.160  2.939   1.00 43.92  ? 30  LYS A O   1 
ATOM   252  C  CB  . LYS A 1 31  ? 8.993   -6.851  5.628   1.00 43.50  ? 30  LYS A CB  1 
ATOM   253  C  CG  . LYS A 1 31  ? 8.854   -7.658  6.906   1.00 50.50  ? 30  LYS A CG  1 
ATOM   254  C  CD  . LYS A 1 31  ? 7.728   -8.666  6.839   1.00 61.02  ? 30  LYS A CD  1 
ATOM   255  C  CE  . LYS A 1 31  ? 7.793   -9.700  7.949   1.00 55.86  ? 30  LYS A CE  1 
ATOM   256  N  NZ  . LYS A 1 31  ? 8.158   -9.065  9.240   1.00 52.73  ? 30  LYS A NZ  1 
ATOM   257  N  N   . ILE A 1 32  ? 8.071   -6.521  2.567   1.00 44.31  ? 31  ILE A N   1 
ATOM   258  C  CA  . ILE A 1 32  ? 7.911   -5.504  1.494   1.00 42.15  ? 31  ILE A CA  1 
ATOM   259  C  C   . ILE A 1 32  ? 7.502   -4.192  2.180   1.00 50.30  ? 31  ILE A C   1 
ATOM   260  O  O   . ILE A 1 32  ? 6.559   -4.147  3.001   1.00 48.24  ? 31  ILE A O   1 
ATOM   261  C  CB  . ILE A 1 32  ? 6.899   -5.999  0.434   1.00 46.53  ? 31  ILE A CB  1 
ATOM   262  C  CG1 . ILE A 1 32  ? 7.371   -7.256  -0.313  1.00 41.90  ? 31  ILE A CG1 1 
ATOM   263  C  CG2 . ILE A 1 32  ? 6.535   -4.880  -0.521  1.00 45.31  ? 31  ILE A CG2 1 
ATOM   264  C  CD1 . ILE A 1 32  ? 8.811   -7.238  -0.754  1.00 41.38  ? 31  ILE A CD1 1 
ATOM   265  N  N   . PRO A 1 33  ? 8.186   -3.074  1.849   1.00 46.79  ? 32  PRO A N   1 
ATOM   266  C  CA  . PRO A 1 33  ? 7.835   -1.760  2.397   1.00 44.26  ? 32  PRO A CA  1 
ATOM   267  C  C   . PRO A 1 33  ? 6.692   -1.151  1.609   1.00 46.56  ? 32  PRO A C   1 
ATOM   268  O  O   . PRO A 1 33  ? 6.927   -0.744  0.429   1.00 45.33  ? 32  PRO A O   1 
ATOM   269  C  CB  . PRO A 1 33  ? 9.088   -0.921  2.186   1.00 45.81  ? 32  PRO A CB  1 
ATOM   270  C  CG  . PRO A 1 33  ? 9.826   -1.577  1.030   1.00 45.42  ? 32  PRO A CG  1 
ATOM   271  C  CD  . PRO A 1 33  ? 9.406   -3.026  1.019   1.00 51.16  ? 32  PRO A CD  1 
ATOM   272  N  N   . VAL A 1 34  ? 5.513   -1.126  2.213   1.00 38.07  ? 33  VAL A N   1 
ATOM   273  C  CA  . VAL A 1 34  ? 4.296   -0.628  1.486   1.00 42.75  ? 33  VAL A CA  1 
ATOM   274  C  C   . VAL A 1 34  ? 3.834   0.692   2.144   1.00 52.10  ? 33  VAL A C   1 
ATOM   275  O  O   . VAL A 1 34  ? 3.631   0.704   3.396   1.00 45.39  ? 33  VAL A O   1 
ATOM   276  C  CB  . VAL A 1 34  ? 3.157   -1.661  1.467   1.00 40.13  ? 33  VAL A CB  1 
ATOM   277  C  CG1 . VAL A 1 34  ? 1.985   -1.197  0.624   1.00 45.86  ? 33  VAL A CG1 1 
ATOM   278  C  CG2 . VAL A 1 34  ? 3.574   -3.071  1.040   1.00 39.84  ? 33  VAL A CG2 1 
ATOM   279  N  N   . ILE A 1 35  ? 3.663   1.746   1.334   1.00 52.16  ? 34  ILE A N   1 
ATOM   280  C  CA  . ILE A 1 35  ? 2.874   2.959   1.683   1.00 48.16  ? 34  ILE A CA  1 
ATOM   281  C  C   . ILE A 1 35  ? 1.436   2.737   1.272   1.00 50.61  ? 34  ILE A C   1 
ATOM   282  O  O   . ILE A 1 35  ? 1.226   2.520   0.081   1.00 51.95  ? 34  ILE A O   1 
ATOM   283  C  CB  . ILE A 1 35  ? 3.425   4.183   0.963   1.00 55.29  ? 34  ILE A CB  1 
ATOM   284  C  CG1 . ILE A 1 35  ? 4.918   4.376   1.228   1.00 53.78  ? 34  ILE A CG1 1 
ATOM   285  C  CG2 . ILE A 1 35  ? 2.604   5.397   1.363   1.00 58.36  ? 34  ILE A CG2 1 
ATOM   286  C  CD1 . ILE A 1 35  ? 5.304   4.364   2.690   1.00 59.42  ? 34  ILE A CD1 1 
ATOM   287  N  N   . ILE A 1 36  ? 0.492   2.840   2.201   1.00 49.37  ? 35  ILE A N   1 
ATOM   288  C  CA  . ILE A 1 36  ? -0.958  2.683   1.887   1.00 52.37  ? 35  ILE A CA  1 
ATOM   289  C  C   . ILE A 1 36  ? -1.692  3.927   2.365   1.00 62.54  ? 35  ILE A C   1 
ATOM   290  O  O   . ILE A 1 36  ? -1.609  4.250   3.538   1.00 60.60  ? 35  ILE A O   1 
ATOM   291  C  CB  . ILE A 1 36  ? -1.568  1.435   2.537   1.00 57.01  ? 35  ILE A CB  1 
ATOM   292  C  CG1 . ILE A 1 36  ? -0.617  0.233   2.444   1.00 55.98  ? 35  ILE A CG1 1 
ATOM   293  C  CG2 . ILE A 1 36  ? -2.941  1.184   1.911   1.00 53.11  ? 35  ILE A CG2 1 
ATOM   294  C  CD1 . ILE A 1 36  ? -1.248  -1.107  2.825   1.00 58.54  ? 35  ILE A CD1 1 
ATOM   295  N  N   . GLU A 1 37  ? -2.402  4.588   1.463   1.00 72.51  ? 36  GLU A N   1 
ATOM   296  C  CA  . GLU A 1 37  ? -2.934  5.953   1.682   1.00 70.63  ? 36  GLU A CA  1 
ATOM   297  C  C   . GLU A 1 37  ? -4.374  6.010   1.174   1.00 70.85  ? 36  GLU A C   1 
ATOM   298  O  O   . GLU A 1 37  ? -4.683  5.368   0.166   1.00 55.41  ? 36  GLU A O   1 
ATOM   299  C  CB  . GLU A 1 37  ? -2.031  6.963   0.971   1.00 70.30  ? 36  GLU A CB  1 
ATOM   300  C  CG  . GLU A 1 37  ? -0.723  7.174   1.712   1.00 73.99  ? 36  GLU A CG  1 
ATOM   301  C  CD  . GLU A 1 37  ? 0.070   8.414   1.343   1.00 76.31  ? 36  GLU A CD  1 
ATOM   302  O  OE1 . GLU A 1 37  ? 0.410   8.559   0.161   1.00 70.91  ? 36  GLU A OE1 1 
ATOM   303  O  OE2 . GLU A 1 37  ? 0.355   9.226   2.255   1.00 79.71  ? 36  GLU A OE2 1 
ATOM   304  N  N   . ARG A 1 38  ? -5.227  6.758   1.868   1.00 83.29  ? 37  ARG A N   1 
ATOM   305  C  CA  . ARG A 1 38  ? -6.608  7.028   1.403   1.00 77.97  ? 37  ARG A CA  1 
ATOM   306  C  C   . ARG A 1 38  ? -6.547  8.014   0.237   1.00 78.15  ? 37  ARG A C   1 
ATOM   307  O  O   . ARG A 1 38  ? -5.724  8.955   0.277   1.00 80.98  ? 37  ARG A O   1 
ATOM   308  C  CB  . ARG A 1 38  ? -7.479  7.567   2.530   1.00 81.61  ? 37  ARG A CB  1 
ATOM   309  C  CG  . ARG A 1 38  ? -8.954  7.522   2.173   1.00 94.49  ? 37  ARG A CG  1 
ATOM   310  C  CD  . ARG A 1 38  ? -9.863  7.854   3.335   1.00 108.74 ? 37  ARG A CD  1 
ATOM   311  N  NE  . ARG A 1 38  ? -9.794  9.255   3.725   1.00 112.36 ? 37  ARG A NE  1 
ATOM   312  C  CZ  . ARG A 1 38  ? -10.795 9.936   4.284   1.00 124.55 ? 37  ARG A CZ  1 
ATOM   313  N  NH1 . ARG A 1 38  ? -11.966 9.364   4.514   1.00 122.00 ? 37  ARG A NH1 1 
ATOM   314  N  NH2 . ARG A 1 38  ? -10.622 11.207  4.601   1.00 134.75 ? 37  ARG A NH2 1 
ATOM   315  N  N   . TYR A 1 39  ? -7.349  7.744   -0.790  1.00 83.34  ? 38  TYR A N   1 
ATOM   316  C  CA  . TYR A 1 39  ? -7.617  8.643   -1.934  1.00 77.88  ? 38  TYR A CA  1 
ATOM   317  C  C   . TYR A 1 39  ? -8.040  10.008  -1.384  1.00 82.14  ? 38  TYR A C   1 
ATOM   318  O  O   . TYR A 1 39  ? -8.861  10.005  -0.474  1.00 76.11  ? 38  TYR A O   1 
ATOM   319  C  CB  . TYR A 1 39  ? -8.717  8.030   -2.792  1.00 89.31  ? 38  TYR A CB  1 
ATOM   320  C  CG  . TYR A 1 39  ? -9.142  8.929   -3.912  1.00 96.76  ? 38  TYR A CG  1 
ATOM   321  C  CD1 . TYR A 1 39  ? -8.225  9.327   -4.871  1.00 103.30 ? 38  TYR A CD1 1 
ATOM   322  C  CD2 . TYR A 1 39  ? -10.441 9.398   -3.988  1.00 101.94 ? 38  TYR A CD2 1 
ATOM   323  C  CE1 . TYR A 1 39  ? -8.597  10.171  -5.896  1.00 114.66 ? 38  TYR A CE1 1 
ATOM   324  C  CE2 . TYR A 1 39  ? -10.834 10.233  -5.016  1.00 108.19 ? 38  TYR A CE2 1 
ATOM   325  C  CZ  . TYR A 1 39  ? -9.903  10.622  -5.965  1.00 120.07 ? 38  TYR A CZ  1 
ATOM   326  O  OH  . TYR A 1 39  ? -10.255 11.446  -6.990  1.00 155.26 ? 38  TYR A OH  1 
ATOM   327  N  N   . LYS A 1 40  ? -7.508  11.133  -1.881  1.00 102.55 ? 39  LYS A N   1 
ATOM   328  C  CA  . LYS A 1 40  ? -7.722  12.449  -1.212  1.00 98.05  ? 39  LYS A CA  1 
ATOM   329  C  C   . LYS A 1 40  ? -9.196  12.852  -1.378  1.00 89.18  ? 39  LYS A C   1 
ATOM   330  O  O   . LYS A 1 40  ? -9.665  13.591  -0.522  1.00 92.20  ? 39  LYS A O   1 
ATOM   331  C  CB  . LYS A 1 40  ? -6.703  13.498  -1.667  1.00 108.43 ? 39  LYS A CB  1 
ATOM   332  C  CG  . LYS A 1 40  ? -6.886  14.071  -3.066  1.00 121.29 ? 39  LYS A CG  1 
ATOM   333  C  CD  . LYS A 1 40  ? -5.621  14.734  -3.608  1.00 132.81 ? 39  LYS A CD  1 
ATOM   334  C  CE  . LYS A 1 40  ? -4.878  15.606  -2.608  1.00 139.26 ? 39  LYS A CE  1 
ATOM   335  N  NZ  . LYS A 1 40  ? -5.627  16.848  -2.303  1.00 137.71 ? 39  LYS A NZ  1 
ATOM   336  N  N   . GLY A 1 41  ? -9.925  12.292  -2.357  1.00 87.20  ? 40  GLY A N   1 
ATOM   337  C  CA  . GLY A 1 41  ? -11.377 12.506  -2.551  1.00 87.14  ? 40  GLY A CA  1 
ATOM   338  C  C   . GLY A 1 41  ? -12.293 11.765  -1.568  1.00 95.64  ? 40  GLY A C   1 
ATOM   339  O  O   . GLY A 1 41  ? -13.460 12.202  -1.392  1.00 100.32 ? 40  GLY A O   1 
ATOM   340  N  N   . GLU A 1 42  ? -11.821 10.699  -0.923  1.00 101.84 ? 41  GLU A N   1 
ATOM   341  C  CA  . GLU A 1 42  ? -12.689 9.659   -0.296  1.00 101.96 ? 41  GLU A CA  1 
ATOM   342  C  C   . GLU A 1 42  ? -13.618 10.228  0.791   1.00 98.08  ? 41  GLU A C   1 
ATOM   343  O  O   . GLU A 1 42  ? -13.118 10.855  1.751   1.00 84.94  ? 41  GLU A O   1 
ATOM   344  C  CB  . GLU A 1 42  ? -11.837 8.546   0.313   1.00 96.05  ? 41  GLU A CB  1 
ATOM   345  C  CG  . GLU A 1 42  ? -12.652 7.439   0.972   1.00 84.91  ? 41  GLU A CG  1 
ATOM   346  C  CD  . GLU A 1 42  ? -13.546 6.638   0.043   1.00 77.73  ? 41  GLU A CD  1 
ATOM   347  O  OE1 . GLU A 1 42  ? -13.318 6.676   -1.188  1.00 78.79  ? 41  GLU A OE1 1 
ATOM   348  O  OE2 . GLU A 1 42  ? -14.472 5.960   0.558   1.00 77.58  ? 41  GLU A OE2 1 
ATOM   349  N  N   . LYS A 1 43  ? -14.917 9.912   0.684   1.00 97.24  ? 42  LYS A N   1 
ATOM   350  C  CA  . LYS A 1 43  ? -15.975 10.365  1.623   1.00 109.89 ? 42  LYS A CA  1 
ATOM   351  C  C   . LYS A 1 43  ? -16.304 9.247   2.618   1.00 107.26 ? 42  LYS A C   1 
ATOM   352  O  O   . LYS A 1 43  ? -16.347 9.561   3.821   1.00 112.98 ? 42  LYS A O   1 
ATOM   353  C  CB  . LYS A 1 43  ? -17.183 10.888  0.833   1.00 108.86 ? 42  LYS A CB  1 
ATOM   354  C  CG  . LYS A 1 43  ? -16.889 12.164  0.048   1.00 120.78 ? 42  LYS A CG  1 
ATOM   355  C  CD  . LYS A 1 43  ? -15.830 13.028  0.734   1.00 129.48 ? 42  LYS A CD  1 
ATOM   356  C  CE  . LYS A 1 43  ? -15.527 14.349  0.071   1.00 126.21 ? 42  LYS A CE  1 
ATOM   357  N  NZ  . LYS A 1 43  ? -14.464 15.054  0.826   1.00 130.19 ? 42  LYS A NZ  1 
ATOM   358  N  N   . GLN A 1 44  ? -16.441 7.999   2.160   1.00 100.35 ? 43  GLN A N   1 
ATOM   359  C  CA  . GLN A 1 44  ? -17.035 6.876   2.943   1.00 104.58 ? 43  GLN A CA  1 
ATOM   360  C  C   . GLN A 1 44  ? -16.006 6.258   3.926   1.00 100.92 ? 43  GLN A C   1 
ATOM   361  O  O   . GLN A 1 44  ? -16.256 6.313   5.148   1.00 102.72 ? 43  GLN A O   1 
ATOM   362  C  CB  . GLN A 1 44  ? -17.637 5.830   1.993   1.00 120.69 ? 43  GLN A CB  1 
ATOM   363  C  CG  . GLN A 1 44  ? -18.403 6.408   0.803   1.00 135.37 ? 43  GLN A CG  1 
ATOM   364  C  CD  . GLN A 1 44  ? -19.616 7.216   1.199   1.00 156.85 ? 43  GLN A CD  1 
ATOM   365  O  OE1 . GLN A 1 44  ? -20.588 6.683   1.731   1.00 186.99 ? 43  GLN A OE1 1 
ATOM   366  N  NE2 . GLN A 1 44  ? -19.580 8.510   0.917   1.00 161.60 ? 43  GLN A NE2 1 
ATOM   367  N  N   . LEU A 1 45  ? -14.896 5.669   3.452   1.00 87.28  ? 44  LEU A N   1 
ATOM   368  C  CA  . LEU A 1 45  ? -14.023 4.777   4.267   1.00 72.12  ? 44  LEU A CA  1 
ATOM   369  C  C   . LEU A 1 45  ? -13.198 5.625   5.230   1.00 63.40  ? 44  LEU A C   1 
ATOM   370  O  O   . LEU A 1 45  ? -12.846 6.747   4.906   1.00 76.10  ? 44  LEU A O   1 
ATOM   371  C  CB  . LEU A 1 45  ? -13.098 3.970   3.346   1.00 77.07  ? 44  LEU A CB  1 
ATOM   372  C  CG  . LEU A 1 45  ? -13.770 3.060   2.319   1.00 76.55  ? 44  LEU A CG  1 
ATOM   373  C  CD1 . LEU A 1 45  ? -12.771 2.577   1.268   1.00 77.03  ? 44  LEU A CD1 1 
ATOM   374  C  CD2 . LEU A 1 45  ? -14.440 1.879   2.998   1.00 79.17  ? 44  LEU A CD2 1 
ATOM   375  N  N   . PRO A 1 46  ? -12.829 5.109   6.424   1.00 63.91  ? 45  PRO A N   1 
ATOM   376  C  CA  . PRO A 1 46  ? -11.980 5.841   7.356   1.00 58.14  ? 45  PRO A CA  1 
ATOM   377  C  C   . PRO A 1 46  ? -10.515 5.880   6.910   1.00 72.19  ? 45  PRO A C   1 
ATOM   378  O  O   . PRO A 1 46  ? -10.197 5.105   6.047   1.00 77.58  ? 45  PRO A O   1 
ATOM   379  C  CB  . PRO A 1 46  ? -12.061 5.062   8.685   1.00 62.93  ? 45  PRO A CB  1 
ATOM   380  C  CG  . PRO A 1 46  ? -12.698 3.730   8.363   1.00 63.90  ? 45  PRO A CG  1 
ATOM   381  C  CD  . PRO A 1 46  ? -13.225 3.789   6.938   1.00 64.71  ? 45  PRO A CD  1 
ATOM   382  N  N   . VAL A 1 47  ? -9.683  6.734   7.529   1.00 77.99  ? 46  VAL A N   1 
ATOM   383  C  CA  . VAL A 1 47  ? -8.192  6.723   7.379   1.00 86.14  ? 46  VAL A CA  1 
ATOM   384  C  C   . VAL A 1 47  ? -7.596  5.622   8.271   1.00 78.48  ? 46  VAL A C   1 
ATOM   385  O  O   . VAL A 1 47  ? -8.194  5.320   9.334   1.00 77.52  ? 46  VAL A O   1 
ATOM   386  C  CB  . VAL A 1 47  ? -7.533  8.086   7.688   1.00 90.34  ? 46  VAL A CB  1 
ATOM   387  C  CG1 . VAL A 1 47  ? -8.143  9.202   6.858   1.00 87.79  ? 46  VAL A CG1 1 
ATOM   388  C  CG2 . VAL A 1 47  ? -7.539  8.436   9.176   1.00 92.31  ? 46  VAL A CG2 1 
ATOM   389  N  N   . LEU A 1 48  ? -6.454  5.065   7.844   1.00 74.96  ? 47  LEU A N   1 
ATOM   390  C  CA  . LEU A 1 48  ? -5.681  4.028   8.581   1.00 72.68  ? 47  LEU A CA  1 
ATOM   391  C  C   . LEU A 1 48  ? -4.962  4.711   9.738   1.00 67.13  ? 47  LEU A C   1 
ATOM   392  O  O   . LEU A 1 48  ? -4.631  5.906   9.604   1.00 71.32  ? 47  LEU A O   1 
ATOM   393  C  CB  . LEU A 1 48  ? -4.640  3.378   7.658   1.00 82.49  ? 47  LEU A CB  1 
ATOM   394  C  CG  . LEU A 1 48  ? -5.137  2.587   6.441   1.00 76.08  ? 47  LEU A CG  1 
ATOM   395  C  CD1 . LEU A 1 48  ? -3.979  2.305   5.506   1.00 84.81  ? 47  LEU A CD1 1 
ATOM   396  C  CD2 . LEU A 1 48  ? -5.800  1.279   6.829   1.00 76.24  ? 47  LEU A CD2 1 
ATOM   397  N  N   . ASP A 1 49  ? -4.661  3.951   10.792  1.00 66.81  ? 48  ASP A N   1 
ATOM   398  C  CA  . ASP A 1 49  ? -3.843  4.398   11.947  1.00 60.48  ? 48  ASP A CA  1 
ATOM   399  C  C   . ASP A 1 49  ? -2.450  4.780   11.453  1.00 69.71  ? 48  ASP A C   1 
ATOM   400  O  O   . ASP A 1 49  ? -1.913  5.765   11.954  1.00 77.22  ? 48  ASP A O   1 
ATOM   401  C  CB  . ASP A 1 49  ? -3.857  3.375   13.089  1.00 69.38  ? 48  ASP A CB  1 
ATOM   402  C  CG  . ASP A 1 49  ? -3.609  1.916   12.724  1.00 85.99  ? 48  ASP A CG  1 
ATOM   403  O  OD1 . ASP A 1 49  ? -2.745  1.313   13.388  1.00 100.53 ? 48  ASP A OD1 1 
ATOM   404  O  OD2 . ASP A 1 49  ? -4.298  1.367   11.813  1.00 80.81  ? 48  ASP A OD2 1 
ATOM   405  N  N   . LYS A 1 50  ? -1.893  4.074   10.470  1.00 71.53  ? 49  LYS A N   1 
ATOM   406  C  CA  . LYS A 1 50  ? -0.511  4.371   9.997   1.00 71.13  ? 49  LYS A CA  1 
ATOM   407  C  C   . LYS A 1 50  ? -0.515  4.461   8.465   1.00 64.79  ? 49  LYS A C   1 
ATOM   408  O  O   . LYS A 1 50  ? -1.594  4.263   7.840   1.00 61.58  ? 49  LYS A O   1 
ATOM   409  C  CB  . LYS A 1 50  ? 0.516   3.406   10.623  1.00 74.08  ? 49  LYS A CB  1 
ATOM   410  C  CG  . LYS A 1 50  ? 0.405   1.921   10.287  1.00 89.16  ? 49  LYS A CG  1 
ATOM   411  C  CD  . LYS A 1 50  ? 1.381   1.007   11.059  1.00 93.47  ? 49  LYS A CD  1 
ATOM   412  C  CE  . LYS A 1 50  ? 1.392   -0.426  10.558  1.00 87.87  ? 49  LYS A CE  1 
ATOM   413  N  NZ  . LYS A 1 50  ? 2.643   -1.112  10.936  1.00 93.73  ? 49  LYS A NZ  1 
ATOM   414  N  N   A THR A 1 51  ? 0.634   4.780   7.864   0.06 63.17  ? 50  THR A N   1 
ATOM   415  N  N   B THR A 1 51  ? 0.658   4.795   7.906   0.45 61.32  ? 50  THR A N   1 
ATOM   416  C  CA  A THR A 1 51  ? 0.805   4.899   6.389   0.06 62.76  ? 50  THR A CA  1 
ATOM   417  C  CA  B THR A 1 51  ? 0.917   5.015   6.456   0.45 67.34  ? 50  THR A CA  1 
ATOM   418  C  C   A THR A 1 51  ? 1.786   3.835   5.882   0.06 60.57  ? 50  THR A C   1 
ATOM   419  C  C   B THR A 1 51  ? 1.795   3.887   5.900   0.45 60.59  ? 50  THR A C   1 
ATOM   420  O  O   A THR A 1 51  ? 1.525   3.277   4.798   0.06 59.93  ? 50  THR A O   1 
ATOM   421  O  O   B THR A 1 51  ? 1.491   3.366   4.811   0.45 59.77  ? 50  THR A O   1 
ATOM   422  C  CB  A THR A 1 51  ? 1.234   6.319   5.995   0.06 63.17  ? 50  THR A CB  1 
ATOM   423  C  CB  B THR A 1 51  ? 1.620   6.359   6.227   0.45 69.59  ? 50  THR A CB  1 
ATOM   424  O  OG1 A THR A 1 51  ? 1.505   6.331   4.593   0.06 63.75  ? 50  THR A OG1 1 
ATOM   425  O  OG1 B THR A 1 51  ? 0.832   7.410   6.786   0.45 83.96  ? 50  THR A OG1 1 
ATOM   426  C  CG2 A THR A 1 51  ? 2.444   6.807   6.756   0.06 63.48  ? 50  THR A CG2 1 
ATOM   427  C  CG2 B THR A 1 51  ? 1.868   6.646   4.764   0.45 68.24  ? 50  THR A CG2 1 
ATOM   428  N  N   . LYS A 1 52  ? 2.858   3.563   6.633   1.00 56.42  ? 51  LYS A N   1 
ATOM   429  C  CA  . LYS A 1 52  ? 3.894   2.588   6.243   1.00 63.35  ? 51  LYS A CA  1 
ATOM   430  C  C   . LYS A 1 52  ? 3.733   1.206   6.923   1.00 59.69  ? 51  LYS A C   1 
ATOM   431  O  O   . LYS A 1 52  ? 3.845   1.113   8.185   1.00 51.95  ? 51  LYS A O   1 
ATOM   432  C  CB  . LYS A 1 52  ? 5.181   3.266   6.657   1.00 64.09  ? 51  LYS A CB  1 
ATOM   433  C  CG  . LYS A 1 52  ? 6.428   2.509   6.273   1.00 88.12  ? 51  LYS A CG  1 
ATOM   434  C  CD  . LYS A 1 52  ? 7.629   3.304   6.641   1.00 104.39 ? 51  LYS A CD  1 
ATOM   435  C  CE  . LYS A 1 52  ? 7.390   4.112   7.902   1.00 105.76 ? 51  LYS A CE  1 
ATOM   436  N  NZ  . LYS A 1 52  ? 8.650   4.713   8.381   1.00 114.70 ? 51  LYS A NZ  1 
ATOM   437  N  N   . PHE A 1 53  ? 3.551   0.166   6.105   1.00 49.85  ? 52  PHE A N   1 
ATOM   438  C  CA  . PHE A 1 53  ? 3.358   -1.252  6.506   1.00 47.69  ? 52  PHE A CA  1 
ATOM   439  C  C   . PHE A 1 53  ? 4.527   -2.140  6.063   1.00 49.81  ? 52  PHE A C   1 
ATOM   440  O  O   . PHE A 1 53  ? 5.023   -2.009  4.928   1.00 46.12  ? 52  PHE A O   1 
ATOM   441  C  CB  . PHE A 1 53  ? 2.110   -1.761  5.822   1.00 47.48  ? 52  PHE A CB  1 
ATOM   442  C  CG  . PHE A 1 53  ? 0.906   -1.037  6.326   1.00 57.57  ? 52  PHE A CG  1 
ATOM   443  C  CD1 . PHE A 1 53  ? 0.593   0.218   5.849   1.00 55.97  ? 52  PHE A CD1 1 
ATOM   444  C  CD2 . PHE A 1 53  ? 0.144   -1.582  7.349   1.00 64.03  ? 52  PHE A CD2 1 
ATOM   445  C  CE1 . PHE A 1 53  ? -0.492  0.916   6.358   1.00 61.29  ? 52  PHE A CE1 1 
ATOM   446  C  CE2 . PHE A 1 53  ? -0.943  -0.882  7.848   1.00 67.18  ? 52  PHE A CE2 1 
ATOM   447  C  CZ  . PHE A 1 53  ? -1.255  0.370   7.354   1.00 56.25  ? 52  PHE A CZ  1 
ATOM   448  N  N   . LEU A 1 54  ? 4.910   -3.104  6.895   1.00 49.49  ? 53  LEU A N   1 
ATOM   449  C  CA  . LEU A 1 54  ? 5.815   -4.188  6.428   1.00 47.40  ? 53  LEU A CA  1 
ATOM   450  C  C   . LEU A 1 54  ? 4.995   -5.449  6.145   1.00 45.95  ? 53  LEU A C   1 
ATOM   451  O  O   . LEU A 1 54  ? 4.683   -6.220  7.090   1.00 43.09  ? 53  LEU A O   1 
ATOM   452  C  CB  . LEU A 1 54  ? 6.945   -4.412  7.436   1.00 44.82  ? 53  LEU A CB  1 
ATOM   453  C  CG  . LEU A 1 54  ? 7.531   -3.141  8.041   1.00 52.20  ? 53  LEU A CG  1 
ATOM   454  C  CD1 . LEU A 1 54  ? 8.569   -3.496  9.094   1.00 53.56  ? 53  LEU A CD1 1 
ATOM   455  C  CD2 . LEU A 1 54  ? 8.134   -2.256  6.956   1.00 49.77  ? 53  LEU A CD2 1 
ATOM   456  N  N   . VAL A 1 55  ? 4.779   -5.731  4.858   1.00 45.06  ? 54  VAL A N   1 
ATOM   457  C  CA  . VAL A 1 55  ? 3.953   -6.876  4.364   1.00 43.24  ? 54  VAL A CA  1 
ATOM   458  C  C   . VAL A 1 55  ? 4.855   -8.076  4.084   1.00 43.72  ? 54  VAL A C   1 
ATOM   459  O  O   . VAL A 1 55  ? 5.849   -7.952  3.383   1.00 43.08  ? 54  VAL A O   1 
ATOM   460  C  CB  . VAL A 1 55  ? 3.131   -6.454  3.125   1.00 43.53  ? 54  VAL A CB  1 
ATOM   461  C  CG1 . VAL A 1 55  ? 2.161   -7.547  2.704   1.00 41.05  ? 54  VAL A CG1 1 
ATOM   462  C  CG2 . VAL A 1 55  ? 2.369   -5.156  3.388   1.00 51.35  ? 54  VAL A CG2 1 
ATOM   463  N  N   . PRO A 1 56  ? 4.574   -9.253  4.673   1.00 48.59  ? 55  PRO A N   1 
ATOM   464  C  CA  . PRO A 1 56  ? 5.322   -10.471 4.362   1.00 44.98  ? 55  PRO A CA  1 
ATOM   465  C  C   . PRO A 1 56  ? 5.387   -10.709 2.851   1.00 42.53  ? 55  PRO A C   1 
ATOM   466  O  O   . PRO A 1 56  ? 4.366   -10.690 2.234   1.00 44.99  ? 55  PRO A O   1 
ATOM   467  C  CB  . PRO A 1 56  ? 4.526   -11.611 5.025   1.00 43.59  ? 55  PRO A CB  1 
ATOM   468  C  CG  . PRO A 1 56  ? 3.691   -10.922 6.122   1.00 48.81  ? 55  PRO A CG  1 
ATOM   469  C  CD  . PRO A 1 56  ? 3.507   -9.488  5.668   1.00 51.45  ? 55  PRO A CD  1 
ATOM   470  N  N   . ASP A 1 57  ? 6.574   -11.021 2.311   1.00 48.51  ? 56  ASP A N   1 
ATOM   471  C  CA  . ASP A 1 57  ? 6.824   -11.061 0.838   1.00 42.49  ? 56  ASP A CA  1 
ATOM   472  C  C   . ASP A 1 57  ? 6.085   -12.211 0.122   1.00 47.31  ? 56  ASP A C   1 
ATOM   473  O  O   . ASP A 1 57  ? 5.938   -12.116 -1.133  1.00 48.12  ? 56  ASP A O   1 
ATOM   474  C  CB  . ASP A 1 57  ? 8.314   -10.962 0.537   1.00 47.30  ? 56  ASP A CB  1 
ATOM   475  C  CG  . ASP A 1 57  ? 9.100   -12.251 0.570   1.00 47.05  ? 56  ASP A CG  1 
ATOM   476  O  OD1 . ASP A 1 57  ? 8.811   -13.060 1.428   1.00 45.74  ? 56  ASP A OD1 1 
ATOM   477  O  OD2 . ASP A 1 57  ? 10.005  -12.405 -0.303  1.00 49.23  ? 56  ASP A OD2 1 
ATOM   478  N  N   . HIS A 1 58  ? 5.454   -13.122 0.856   1.00 46.64  ? 57  HIS A N   1 
ATOM   479  C  CA  . HIS A 1 58  ? 4.754   -14.313 0.298   1.00 51.45  ? 57  HIS A CA  1 
ATOM   480  C  C   . HIS A 1 58  ? 3.249   -14.116 0.139   1.00 52.75  ? 57  HIS A C   1 
ATOM   481  O  O   . HIS A 1 58  ? 2.638   -14.953 -0.599  1.00 49.79  ? 57  HIS A O   1 
ATOM   482  C  CB  . HIS A 1 58  ? 4.950   -15.573 1.166   1.00 49.71  ? 57  HIS A CB  1 
ATOM   483  C  CG  . HIS A 1 58  ? 4.469   -15.436 2.570   1.00 51.81  ? 57  HIS A CG  1 
ATOM   484  N  ND1 . HIS A 1 58  ? 3.220   -15.877 2.969   1.00 57.88  ? 57  HIS A ND1 1 
ATOM   485  C  CD2 . HIS A 1 58  ? 5.074   -14.937 3.671   1.00 57.17  ? 57  HIS A CD2 1 
ATOM   486  C  CE1 . HIS A 1 58  ? 3.051   -15.638 4.260   1.00 64.92  ? 57  HIS A CE1 1 
ATOM   487  N  NE2 . HIS A 1 58  ? 4.181   -15.064 4.718   1.00 69.30  ? 57  HIS A NE2 1 
ATOM   488  N  N   . VAL A 1 59  ? 2.642   -13.132 0.819   1.00 47.79  ? 58  VAL A N   1 
ATOM   489  C  CA  . VAL A 1 59  ? 1.176   -12.895 0.645   1.00 50.75  ? 58  VAL A CA  1 
ATOM   490  C  C   . VAL A 1 59  ? 0.911   -12.382 -0.789  1.00 48.86  ? 58  VAL A C   1 
ATOM   491  O  O   . VAL A 1 59  ? 1.650   -11.520 -1.310  1.00 47.88  ? 58  VAL A O   1 
ATOM   492  C  CB  . VAL A 1 59  ? 0.590   -11.995 1.750   1.00 49.51  ? 58  VAL A CB  1 
ATOM   493  C  CG1 . VAL A 1 59  ? 1.049   -12.447 3.111   1.00 45.27  ? 58  VAL A CG1 1 
ATOM   494  C  CG2 . VAL A 1 59  ? 0.905   -10.540 1.532   1.00 51.18  ? 58  VAL A CG2 1 
ATOM   495  N  N   . ASN A 1 60  ? -0.114  -12.924 -1.434  1.00 48.30  ? 59  ASN A N   1 
ATOM   496  C  CA  . ASN A 1 60  ? -0.662  -12.371 -2.697  1.00 46.69  ? 59  ASN A CA  1 
ATOM   497  C  C   . ASN A 1 60  ? -1.528  -11.132 -2.421  1.00 51.68  ? 59  ASN A C   1 
ATOM   498  O  O   . ASN A 1 60  ? -1.899  -10.896 -1.273  1.00 41.56  ? 59  ASN A O   1 
ATOM   499  C  CB  . ASN A 1 60  ? -1.377  -13.450 -3.499  1.00 49.13  ? 59  ASN A CB  1 
ATOM   500  C  CG  . ASN A 1 60  ? -2.698  -13.903 -2.930  1.00 48.86  ? 59  ASN A CG  1 
ATOM   501  O  OD1 . ASN A 1 60  ? -3.315  -13.218 -2.124  1.00 67.07  ? 59  ASN A OD1 1 
ATOM   502  N  ND2 . ASN A 1 60  ? -3.187  -15.022 -3.428  1.00 57.30  ? 59  ASN A ND2 1 
ATOM   503  N  N   . MET A 1 61  ? -1.814  -10.349 -3.457  1.00 53.40  ? 60  MET A N   1 
ATOM   504  C  CA  . MET A 1 61  ? -2.611  -9.100  -3.356  1.00 54.49  ? 60  MET A CA  1 
ATOM   505  C  C   . MET A 1 61  ? -4.017  -9.359  -2.794  1.00 52.04  ? 60  MET A C   1 
ATOM   506  O  O   . MET A 1 61  ? -4.582  -8.457  -2.147  1.00 49.94  ? 60  MET A O   1 
ATOM   507  C  CB  . MET A 1 61  ? -2.724  -8.431  -4.727  1.00 58.54  ? 60  MET A CB  1 
ATOM   508  C  CG  . MET A 1 61  ? -1.378  -7.929  -5.247  1.00 52.97  ? 60  MET A CG  1 
ATOM   509  S  SD  . MET A 1 61  ? -0.608  -6.784  -4.105  1.00 59.37  ? 60  MET A SD  1 
ATOM   510  C  CE  . MET A 1 61  ? -1.844  -5.516  -3.935  1.00 58.10  ? 60  MET A CE  1 
ATOM   511  N  N   A SER A 1 62  ? -4.581  -10.547 -3.044  0.47 50.07  ? 61  SER A N   1 
ATOM   512  N  N   B SER A 1 62  ? -4.581  -10.546 -3.045  0.04 50.82  ? 61  SER A N   1 
ATOM   513  C  CA  A SER A 1 62  ? -5.917  -10.948 -2.528  0.47 50.13  ? 61  SER A CA  1 
ATOM   514  C  CA  B SER A 1 62  ? -5.921  -10.952 -2.541  0.04 50.11  ? 61  SER A CA  1 
ATOM   515  C  C   A SER A 1 62  ? -5.878  -10.965 -0.992  0.47 51.13  ? 61  SER A C   1 
ATOM   516  C  C   B SER A 1 62  ? -5.900  -11.017 -1.008  0.04 49.47  ? 61  SER A C   1 
ATOM   517  O  O   A SER A 1 62  ? -6.822  -10.459 -0.349  0.47 51.12  ? 61  SER A O   1 
ATOM   518  O  O   B SER A 1 62  ? -6.894  -10.588 -0.392  0.04 49.61  ? 61  SER A O   1 
ATOM   519  C  CB  A SER A 1 62  ? -6.334  -12.282 -3.097  0.47 54.63  ? 61  SER A CB  1 
ATOM   520  C  CB  B SER A 1 62  ? -6.385  -12.253 -3.153  0.04 50.43  ? 61  SER A CB  1 
ATOM   521  O  OG  A SER A 1 62  ? -7.513  -12.762 -2.464  0.47 57.80  ? 61  SER A OG  1 
ATOM   522  O  OG  B SER A 1 62  ? -5.645  -13.354 -2.652  0.04 50.46  ? 61  SER A OG  1 
ATOM   523  N  N   . GLU A 1 63  ? -4.808  -11.521 -0.418  1.00 48.37  ? 62  GLU A N   1 
ATOM   524  C  CA  . GLU A 1 63  ? -4.642  -11.552 1.057   1.00 46.34  ? 62  GLU A CA  1 
ATOM   525  C  C   . GLU A 1 63  ? -4.330  -10.132 1.551   1.00 47.11  ? 62  GLU A C   1 
ATOM   526  O  O   . GLU A 1 63  ? -4.787  -9.805  2.614   1.00 46.11  ? 62  GLU A O   1 
ATOM   527  C  CB  . GLU A 1 63  ? -3.614  -12.605 1.462   1.00 43.78  ? 62  GLU A CB  1 
ATOM   528  C  CG  . GLU A 1 63  ? -3.319  -12.620 2.960   1.00 49.28  ? 62  GLU A CG  1 
ATOM   529  C  CD  . GLU A 1 63  ? -4.518  -12.845 3.867   1.00 51.29  ? 62  GLU A CD  1 
ATOM   530  O  OE1 . GLU A 1 63  ? -5.503  -13.430 3.400   1.00 48.70  ? 62  GLU A OE1 1 
ATOM   531  O  OE2 . GLU A 1 63  ? -4.500  -12.377 5.016   1.00 55.87  ? 62  GLU A OE2 1 
ATOM   532  N  N   . LEU A 1 64  ? -3.611  -9.292  0.806   1.00 52.00  ? 63  LEU A N   1 
ATOM   533  C  CA  . LEU A 1 64  ? -3.302  -7.914  1.269   1.00 46.51  ? 63  LEU A CA  1 
ATOM   534  C  C   . LEU A 1 64  ? -4.577  -7.089  1.312   1.00 49.90  ? 63  LEU A C   1 
ATOM   535  O  O   . LEU A 1 64  ? -4.703  -6.263  2.226   1.00 53.54  ? 63  LEU A O   1 
ATOM   536  C  CB  . LEU A 1 64  ? -2.268  -7.220  0.390   1.00 51.68  ? 63  LEU A CB  1 
ATOM   537  C  CG  . LEU A 1 64  ? -1.930  -5.796  0.832   1.00 45.51  ? 63  LEU A CG  1 
ATOM   538  C  CD1 . LEU A 1 64  ? -1.457  -5.775  2.269   1.00 41.25  ? 63  LEU A CD1 1 
ATOM   539  C  CD2 . LEU A 1 64  ? -0.888  -5.170  -0.069  1.00 50.51  ? 63  LEU A CD2 1 
ATOM   540  N  N   . ILE A 1 65  ? -5.494  -7.290  0.380   1.00 57.90  ? 64  ILE A N   1 
ATOM   541  C  CA  . ILE A 1 65  ? -6.809  -6.576  0.392   1.00 59.89  ? 64  ILE A CA  1 
ATOM   542  C  C   . ILE A 1 65  ? -7.582  -7.004  1.642   1.00 54.29  ? 64  ILE A C   1 
ATOM   543  O  O   . ILE A 1 65  ? -8.104  -6.119  2.345   1.00 52.59  ? 64  ILE A O   1 
ATOM   544  C  CB  . ILE A 1 65  ? -7.622  -6.831  -0.904  1.00 65.97  ? 64  ILE A CB  1 
ATOM   545  C  CG1 . ILE A 1 65  ? -6.982  -6.165  -2.128  1.00 60.46  ? 64  ILE A CG1 1 
ATOM   546  C  CG2 . ILE A 1 65  ? -9.073  -6.383  -0.731  1.00 69.81  ? 64  ILE A CG2 1 
ATOM   547  C  CD1 . ILE A 1 65  ? -7.516  -6.666  -3.440  1.00 61.17  ? 64  ILE A CD1 1 
ATOM   548  N  N   . LYS A 1 66  ? -7.665  -8.313  1.914   1.00 52.47  ? 65  LYS A N   1 
ATOM   549  C  CA  . LYS A 1 66  ? -8.349  -8.852  3.124   1.00 50.38  ? 65  LYS A CA  1 
ATOM   550  C  C   . LYS A 1 66  ? -7.757  -8.262  4.410   1.00 49.85  ? 65  LYS A C   1 
ATOM   551  O  O   . LYS A 1 66  ? -8.503  -7.828  5.277   1.00 51.59  ? 65  LYS A O   1 
ATOM   552  C  CB  . LYS A 1 66  ? -8.231  -10.372 3.133   1.00 53.29  ? 65  LYS A CB  1 
ATOM   553  C  CG  . LYS A 1 66  ? -9.088  -11.023 2.075   1.00 52.39  ? 65  LYS A CG  1 
ATOM   554  C  CD  . LYS A 1 66  ? -9.091  -12.511 2.106   1.00 58.80  ? 65  LYS A CD  1 
ATOM   555  C  CE  . LYS A 1 66  ? -9.773  -13.041 0.866   1.00 66.60  ? 65  LYS A CE  1 
ATOM   556  N  NZ  . LYS A 1 66  ? -9.806  -14.511 0.911   1.00 80.52  ? 65  LYS A NZ  1 
ATOM   557  N  N   . ILE A 1 67  ? -6.439  -8.213  4.496   1.00 49.12  ? 66  ILE A N   1 
ATOM   558  C  CA  . ILE A 1 67  ? -5.689  -7.637  5.634   1.00 50.56  ? 66  ILE A CA  1 
ATOM   559  C  C   . ILE A 1 67  ? -6.176  -6.205  5.904   1.00 54.91  ? 66  ILE A C   1 
ATOM   560  O  O   . ILE A 1 67  ? -6.546  -5.895  7.067   1.00 47.23  ? 66  ILE A O   1 
ATOM   561  C  CB  . ILE A 1 67  ? -4.178  -7.695  5.345   1.00 47.22  ? 66  ILE A CB  1 
ATOM   562  C  CG1 . ILE A 1 67  ? -3.651  -9.134  5.352   1.00 52.60  ? 66  ILE A CG1 1 
ATOM   563  C  CG2 . ILE A 1 67  ? -3.386  -6.799  6.305   1.00 47.97  ? 66  ILE A CG2 1 
ATOM   564  C  CD1 . ILE A 1 67  ? -2.203  -9.268  4.886   1.00 49.34  ? 66  ILE A CD1 1 
ATOM   565  N  N   A ILE A 1 68  ? -6.162  -5.349  4.878   0.17 52.56  ? 67  ILE A N   1 
ATOM   566  N  N   B ILE A 1 68  ? -6.150  -5.358  4.870   0.34 52.58  ? 67  ILE A N   1 
ATOM   567  C  CA  A ILE A 1 68  ? -6.459  -3.891  5.015   0.17 54.86  ? 67  ILE A CA  1 
ATOM   568  C  CA  B ILE A 1 68  ? -6.463  -3.900  4.973   0.34 56.96  ? 67  ILE A CA  1 
ATOM   569  C  C   A ILE A 1 68  ? -7.958  -3.681  5.267   0.17 55.21  ? 67  ILE A C   1 
ATOM   570  C  C   B ILE A 1 68  ? -7.951  -3.710  5.295   0.34 57.50  ? 67  ILE A C   1 
ATOM   571  O  O   A ILE A 1 68  ? -8.299  -2.703  5.961   0.17 58.20  ? 67  ILE A O   1 
ATOM   572  O  O   B ILE A 1 68  ? -8.276  -2.782  6.063   0.34 63.07  ? 67  ILE A O   1 
ATOM   573  C  CB  A ILE A 1 68  ? -5.979  -3.097  3.787   0.17 53.63  ? 67  ILE A CB  1 
ATOM   574  C  CB  B ILE A 1 68  ? -6.087  -3.144  3.688   0.34 54.92  ? 67  ILE A CB  1 
ATOM   575  C  CG1 A ILE A 1 68  ? -4.456  -3.150  3.635   0.17 53.30  ? 67  ILE A CG1 1 
ATOM   576  C  CG1 B ILE A 1 68  ? -4.596  -3.264  3.356   0.34 54.58  ? 67  ILE A CG1 1 
ATOM   577  C  CG2 A ILE A 1 68  ? -6.491  -1.667  3.863   0.17 55.77  ? 67  ILE A CG2 1 
ATOM   578  C  CG2 B ILE A 1 68  ? -6.526  -1.695  3.824   0.34 59.34  ? 67  ILE A CG2 1 
ATOM   579  C  CD1 A ILE A 1 68  ? -3.700  -2.989  4.940   0.17 52.19  ? 67  ILE A CD1 1 
ATOM   580  C  CD1 B ILE A 1 68  ? -4.253  -3.001  1.903   0.34 54.26  ? 67  ILE A CD1 1 
ATOM   581  N  N   . ARG A 1 69  ? -8.817  -4.550  4.722   1.00 54.17  ? 68  ARG A N   1 
ATOM   582  C  CA  . ARG A 1 69  ? -10.267 -4.522  5.012   1.00 48.96  ? 68  ARG A CA  1 
ATOM   583  C  C   . ARG A 1 69  ? -10.447 -4.879  6.481   1.00 54.83  ? 68  ARG A C   1 
ATOM   584  O  O   . ARG A 1 69  ? -11.304 -4.237  7.129   1.00 59.95  ? 68  ARG A O   1 
ATOM   585  C  CB  . ARG A 1 69  ? -11.060 -5.502  4.152   1.00 51.69  ? 68  ARG A CB  1 
ATOM   586  C  CG  . ARG A 1 69  ? -11.268 -5.055  2.710   1.00 51.38  ? 68  ARG A CG  1 
ATOM   587  C  CD  . ARG A 1 69  ? -12.013 -6.111  1.906   1.00 58.62  ? 68  ARG A CD  1 
ATOM   588  N  NE  . ARG A 1 69  ? -13.364 -6.251  2.430   1.00 63.97  ? 68  ARG A NE  1 
ATOM   589  C  CZ  . ARG A 1 69  ? -14.426 -5.523  2.067   1.00 74.57  ? 68  ARG A CZ  1 
ATOM   590  N  NH1 . ARG A 1 69  ? -14.339 -4.596  1.117   1.00 67.88  ? 68  ARG A NH1 1 
ATOM   591  N  NH2 . ARG A 1 69  ? -15.589 -5.750  2.660   1.00 70.12  ? 68  ARG A NH2 1 
ATOM   592  N  N   . ARG A 1 70  ? -9.665  -5.839  6.990   1.00 50.14  ? 69  ARG A N   1 
ATOM   593  C  CA  . ARG A 1 70  ? -9.653  -6.154  8.447   1.00 52.05  ? 69  ARG A CA  1 
ATOM   594  C  C   . ARG A 1 70  ? -9.062  -4.975  9.235   1.00 52.56  ? 69  ARG A C   1 
ATOM   595  O  O   . ARG A 1 70  ? -9.538  -4.727  10.331  1.00 59.02  ? 69  ARG A O   1 
ATOM   596  C  CB  . ARG A 1 70  ? -8.968  -7.489  8.754   1.00 49.89  ? 69  ARG A CB  1 
ATOM   597  C  CG  . ARG A 1 70  ? -9.792  -8.713  8.366   1.00 50.79  ? 69  ARG A CG  1 
ATOM   598  C  CD  . ARG A 1 70  ? -9.327  -10.050 8.967   1.00 52.66  ? 69  ARG A CD  1 
ATOM   599  N  NE  . ARG A 1 70  ? -8.023  -10.516 8.540   1.00 48.90  ? 69  ARG A NE  1 
ATOM   600  C  CZ  . ARG A 1 70  ? -7.752  -11.254 7.461   1.00 54.82  ? 69  ARG A CZ  1 
ATOM   601  N  NH1 . ARG A 1 70  ? -8.717  -11.669 6.659   1.00 67.07  ? 69  ARG A NH1 1 
ATOM   602  N  NH2 . ARG A 1 70  ? -6.504  -11.585 7.193   1.00 45.71  ? 69  ARG A NH2 1 
ATOM   603  N  N   . ARG A 1 71  ? -8.080  -4.255  8.710   1.00 63.48  ? 70  ARG A N   1 
ATOM   604  C  CA  . ARG A 1 71  ? -7.476  -3.120  9.454   1.00 70.30  ? 70  ARG A CA  1 
ATOM   605  C  C   . ARG A 1 71  ? -8.491  -1.970  9.561   1.00 74.51  ? 70  ARG A C   1 
ATOM   606  O  O   . ARG A 1 71  ? -8.529  -1.308  10.626  1.00 83.15  ? 70  ARG A O   1 
ATOM   607  C  CB  . ARG A 1 71  ? -6.172  -2.651  8.813   1.00 62.85  ? 70  ARG A CB  1 
ATOM   608  C  CG  . ARG A 1 71  ? -5.438  -1.607  9.644   1.00 73.25  ? 70  ARG A CG  1 
ATOM   609  C  CD  . ARG A 1 71  ? -3.961  -1.880  9.786   1.00 77.45  ? 70  ARG A CD  1 
ATOM   610  N  NE  . ARG A 1 71  ? -3.318  -1.182  10.898  1.00 80.83  ? 70  ARG A NE  1 
ATOM   611  C  CZ  . ARG A 1 71  ? -2.230  -1.630  11.520  1.00 87.61  ? 70  ARG A CZ  1 
ATOM   612  N  NH1 . ARG A 1 71  ? -1.673  -2.779  11.155  1.00 85.14  ? 70  ARG A NH1 1 
ATOM   613  N  NH2 . ARG A 1 71  ? -1.699  -0.926  12.504  1.00 95.76  ? 70  ARG A NH2 1 
ATOM   614  N  N   . LEU A 1 72  ? -9.253  -1.727  8.496   1.00 70.62  ? 71  LEU A N   1 
ATOM   615  C  CA  . LEU A 1 72  ? -10.327 -0.699  8.467   1.00 72.26  ? 71  LEU A CA  1 
ATOM   616  C  C   . LEU A 1 72  ? -11.577 -1.207  9.192   1.00 72.32  ? 71  LEU A C   1 
ATOM   617  O  O   . LEU A 1 72  ? -12.473 -0.380  9.451   1.00 79.01  ? 71  LEU A O   1 
ATOM   618  C  CB  . LEU A 1 72  ? -10.634 -0.344  7.015   1.00 71.66  ? 71  LEU A CB  1 
ATOM   619  C  CG  . LEU A 1 72  ? -9.516  0.402   6.301   1.00 69.35  ? 71  LEU A CG  1 
ATOM   620  C  CD1 . LEU A 1 72  ? -9.753  0.434   4.792   1.00 71.70  ? 71  LEU A CD1 1 
ATOM   621  C  CD2 . LEU A 1 72  ? -9.375  1.788   6.879   1.00 79.98  ? 71  LEU A CD2 1 
ATOM   622  N  N   . GLN A 1 73  ? -11.622 -2.505  9.519   1.00 71.05  ? 72  GLN A N   1 
ATOM   623  C  CA  . GLN A 1 73  ? -12.747 -3.167  10.229  1.00 73.59  ? 72  GLN A CA  1 
ATOM   624  C  C   . GLN A 1 73  ? -14.042 -3.060  9.394   1.00 71.59  ? 72  GLN A C   1 
ATOM   625  O  O   . GLN A 1 73  ? -15.128 -2.999  9.977   1.00 83.14  ? 72  GLN A O   1 
ATOM   626  C  CB  . GLN A 1 73  ? -12.877 -2.564  11.636  1.00 80.29  ? 72  GLN A CB  1 
ATOM   627  C  CG  . GLN A 1 73  ? -11.973 -3.204  12.685  1.00 86.69  ? 72  GLN A CG  1 
ATOM   628  C  CD  . GLN A 1 73  ? -12.382 -4.611  13.097  1.00 91.00  ? 72  GLN A CD  1 
ATOM   629  O  OE1 . GLN A 1 73  ? -13.236 -4.803  13.962  1.00 84.74  ? 72  GLN A OE1 1 
ATOM   630  N  NE2 . GLN A 1 73  ? -11.741 -5.626  12.518  1.00 85.06  ? 72  GLN A NE2 1 
ATOM   631  N  N   . LEU A 1 74  ? -13.964 -3.115  8.063   1.00 74.16  ? 73  LEU A N   1 
ATOM   632  C  CA  . LEU A 1 74  ? -15.165 -3.042  7.171   1.00 67.06  ? 73  LEU A CA  1 
ATOM   633  C  C   . LEU A 1 74  ? -16.109 -4.217  7.460   1.00 64.54  ? 73  LEU A C   1 
ATOM   634  O  O   . LEU A 1 74  ? -15.803 -5.017  8.356   1.00 65.08  ? 73  LEU A O   1 
ATOM   635  C  CB  . LEU A 1 74  ? -14.734 -3.030  5.698   1.00 65.50  ? 73  LEU A CB  1 
ATOM   636  C  CG  . LEU A 1 74  ? -13.707 -1.968  5.277   1.00 63.24  ? 73  LEU A CG  1 
ATOM   637  C  CD1 . LEU A 1 74  ? -13.551 -1.943  3.773   1.00 64.42  ? 73  LEU A CD1 1 
ATOM   638  C  CD2 . LEU A 1 74  ? -14.072 -0.577  5.754   1.00 69.26  ? 73  LEU A CD2 1 
ATOM   639  N  N   . ASN A 1 75  ? -17.257 -4.259  6.778   1.00 71.42  ? 74  ASN A N   1 
ATOM   640  C  CA  . ASN A 1 75  ? -18.227 -5.392  6.779   1.00 78.81  ? 74  ASN A CA  1 
ATOM   641  C  C   . ASN A 1 75  ? -18.507 -5.801  5.325   1.00 77.97  ? 74  ASN A C   1 
ATOM   642  O  O   . ASN A 1 75  ? -18.013 -5.127  4.400   1.00 69.40  ? 74  ASN A O   1 
ATOM   643  C  CB  . ASN A 1 75  ? -19.529 -5.053  7.511   1.00 87.71  ? 74  ASN A CB  1 
ATOM   644  C  CG  . ASN A 1 75  ? -20.155 -3.795  6.940   1.00 94.88  ? 74  ASN A CG  1 
ATOM   645  O  OD1 . ASN A 1 75  ? -20.574 -3.772  5.772   1.00 87.53  ? 74  ASN A OD1 1 
ATOM   646  N  ND2 . ASN A 1 75  ? -20.158 -2.727  7.730   1.00 84.17  ? 74  ASN A ND2 1 
ATOM   647  N  N   . ALA A 1 76  ? -19.312 -6.838  5.136   1.00 72.51  ? 75  ALA A N   1 
ATOM   648  C  CA  . ALA A 1 76  ? -19.350 -7.638  3.901   1.00 79.87  ? 75  ALA A CA  1 
ATOM   649  C  C   . ALA A 1 76  ? -19.782 -6.794  2.703   1.00 89.33  ? 75  ALA A C   1 
ATOM   650  O  O   . ALA A 1 76  ? -19.430 -7.181  1.598   1.00 96.43  ? 75  ALA A O   1 
ATOM   651  C  CB  . ALA A 1 76  ? -20.285 -8.802  4.089   1.00 84.52  ? 75  ALA A CB  1 
ATOM   652  N  N   . ASN A 1 77  ? -20.568 -5.730  2.866   1.00 101.43 ? 76  ASN A N   1 
ATOM   653  C  CA  . ASN A 1 77  ? -21.124 -5.060  1.658   1.00 112.90 ? 76  ASN A CA  1 
ATOM   654  C  C   . ASN A 1 77  ? -20.591 -3.626  1.541   1.00 110.14 ? 76  ASN A C   1 
ATOM   655  O  O   . ASN A 1 77  ? -21.066 -2.941  0.607   1.00 138.73 ? 76  ASN A O   1 
ATOM   656  C  CB  . ASN A 1 77  ? -22.648 -5.186  1.567   1.00 116.11 ? 76  ASN A CB  1 
ATOM   657  C  CG  . ASN A 1 77  ? -23.333 -4.853  2.868   1.00 121.18 ? 76  ASN A CG  1 
ATOM   658  O  OD1 . ASN A 1 77  ? -22.703 -4.320  3.777   1.00 125.42 ? 76  ASN A OD1 1 
ATOM   659  N  ND2 . ASN A 1 77  ? -24.607 -5.186  2.970   1.00 127.12 ? 76  ASN A ND2 1 
ATOM   660  N  N   . GLN A 1 78  ? -19.609 -3.205  2.364   1.00 89.89  ? 77  GLN A N   1 
ATOM   661  C  CA  . GLN A 1 78  ? -18.785 -1.986  2.076   1.00 80.45  ? 77  GLN A CA  1 
ATOM   662  C  C   . GLN A 1 78  ? -17.825 -2.315  0.923   1.00 78.44  ? 77  GLN A C   1 
ATOM   663  O  O   . GLN A 1 78  ? -17.411 -3.474  0.804   1.00 78.51  ? 77  GLN A O   1 
ATOM   664  C  CB  . GLN A 1 78  ? -17.980 -1.457  3.264   1.00 77.13  ? 77  GLN A CB  1 
ATOM   665  C  CG  . GLN A 1 78  ? -18.833 -0.990  4.430   1.00 81.76  ? 77  GLN A CG  1 
ATOM   666  C  CD  . GLN A 1 78  ? -18.054 -0.750  5.706   1.00 91.49  ? 77  GLN A CD  1 
ATOM   667  O  OE1 . GLN A 1 78  ? -18.078 -1.548  6.645   1.00 93.04  ? 77  GLN A OE1 1 
ATOM   668  N  NE2 . GLN A 1 78  ? -17.360 0.375   5.764   1.00 95.50  ? 77  GLN A NE2 1 
ATOM   669  N  N   . ALA A 1 79  ? -17.538 -1.329  0.071   1.00 76.46  ? 78  ALA A N   1 
ATOM   670  C  CA  . ALA A 1 79  ? -16.753 -1.502  -1.168  1.00 76.37  ? 78  ALA A CA  1 
ATOM   671  C  C   . ALA A 1 79  ? -15.356 -0.982  -0.887  1.00 72.18  ? 78  ALA A C   1 
ATOM   672  O  O   . ALA A 1 79  ? -15.209 -0.031  -0.100  1.00 66.74  ? 78  ALA A O   1 
ATOM   673  C  CB  . ALA A 1 79  ? -17.364 -0.782  -2.349  1.00 82.14  ? 78  ALA A CB  1 
ATOM   674  N  N   . PHE A 1 80  ? -14.381 -1.608  -1.529  1.00 68.08  ? 79  PHE A N   1 
ATOM   675  C  CA  . PHE A 1 80  ? -12.948 -1.322  -1.319  1.00 68.35  ? 79  PHE A CA  1 
ATOM   676  C  C   . PHE A 1 80  ? -12.265 -1.625  -2.646  1.00 69.81  ? 79  PHE A C   1 
ATOM   677  O  O   . PHE A 1 80  ? -12.553 -2.696  -3.238  1.00 73.61  ? 79  PHE A O   1 
ATOM   678  C  CB  . PHE A 1 80  ? -12.440 -2.110  -0.109  1.00 66.49  ? 79  PHE A CB  1 
ATOM   679  C  CG  . PHE A 1 80  ? -10.996 -1.887  0.236   1.00 66.72  ? 79  PHE A CG  1 
ATOM   680  C  CD1 . PHE A 1 80  ? -10.625 -0.948  1.177   1.00 64.32  ? 79  PHE A CD1 1 
ATOM   681  C  CD2 . PHE A 1 80  ? -10.007 -2.632  -0.381  1.00 60.02  ? 79  PHE A CD2 1 
ATOM   682  C  CE1 . PHE A 1 80  ? -9.289  -0.748  1.486   1.00 67.65  ? 79  PHE A CE1 1 
ATOM   683  C  CE2 . PHE A 1 80  ? -8.674  -2.436  -0.063  1.00 56.20  ? 79  PHE A CE2 1 
ATOM   684  C  CZ  . PHE A 1 80  ? -8.313  -1.488  0.859   1.00 61.23  ? 79  PHE A CZ  1 
ATOM   685  N  N   . PHE A 1 81  ? -11.493 -0.650  -3.135  1.00 67.73  ? 80  PHE A N   1 
ATOM   686  C  CA  . PHE A 1 81  ? -10.682 -0.733  -4.373  1.00 68.81  ? 80  PHE A CA  1 
ATOM   687  C  C   . PHE A 1 81  ? -9.272  -0.337  -3.974  1.00 67.33  ? 80  PHE A C   1 
ATOM   688  O  O   . PHE A 1 81  ? -9.124  0.588   -3.147  1.00 56.46  ? 80  PHE A O   1 
ATOM   689  C  CB  . PHE A 1 81  ? -11.314 0.139   -5.462  1.00 71.59  ? 80  PHE A CB  1 
ATOM   690  C  CG  . PHE A 1 81  ? -12.725 -0.290  -5.769  1.00 70.73  ? 80  PHE A CG  1 
ATOM   691  C  CD1 . PHE A 1 81  ? -13.819 0.335   -5.174  1.00 65.92  ? 80  PHE A CD1 1 
ATOM   692  C  CD2 . PHE A 1 81  ? -12.941 -1.413  -6.558  1.00 65.32  ? 80  PHE A CD2 1 
ATOM   693  C  CE1 . PHE A 1 81  ? -15.108 -0.114  -5.429  1.00 69.17  ? 80  PHE A CE1 1 
ATOM   694  C  CE2 . PHE A 1 81  ? -14.228 -1.862  -6.804  1.00 62.06  ? 80  PHE A CE2 1 
ATOM   695  C  CZ  . PHE A 1 81  ? -15.304 -1.207  -6.248  1.00 73.19  ? 80  PHE A CZ  1 
ATOM   696  N  N   . LEU A 1 82  ? -8.291  -1.082  -4.471  1.00 70.82  ? 81  LEU A N   1 
ATOM   697  C  CA  . LEU A 1 82  ? -6.865  -0.850  -4.139  1.00 68.81  ? 81  LEU A CA  1 
ATOM   698  C  C   . LEU A 1 82  ? -6.114  -0.632  -5.445  1.00 64.20  ? 81  LEU A C   1 
ATOM   699  O  O   . LEU A 1 82  ? -6.079  -1.548  -6.260  1.00 69.46  ? 81  LEU A O   1 
ATOM   700  C  CB  . LEU A 1 82  ? -6.300  -2.041  -3.358  1.00 73.20  ? 81  LEU A CB  1 
ATOM   701  C  CG  . LEU A 1 82  ? -4.934  -1.825  -2.705  1.00 65.80  ? 81  LEU A CG  1 
ATOM   702  C  CD1 . LEU A 1 82  ? -5.031  -0.819  -1.562  1.00 60.90  ? 81  LEU A CD1 1 
ATOM   703  C  CD2 . LEU A 1 82  ? -4.349  -3.151  -2.222  1.00 68.22  ? 81  LEU A CD2 1 
ATOM   704  N  N   . LEU A 1 83  ? -5.597  0.575   -5.614  1.00 62.15  ? 82  LEU A N   1 
ATOM   705  C  CA  . LEU A 1 83  ? -4.639  0.944   -6.671  1.00 61.18  ? 82  LEU A CA  1 
ATOM   706  C  C   . LEU A 1 83  ? -3.226  0.672   -6.185  1.00 56.44  ? 82  LEU A C   1 
ATOM   707  O  O   . LEU A 1 83  ? -2.953  0.835   -5.011  1.00 63.21  ? 82  LEU A O   1 
ATOM   708  C  CB  . LEU A 1 83  ? -4.780  2.431   -6.968  1.00 65.67  ? 82  LEU A CB  1 
ATOM   709  C  CG  . LEU A 1 83  ? -6.085  2.866   -7.624  1.00 65.86  ? 82  LEU A CG  1 
ATOM   710  C  CD1 . LEU A 1 83  ? -5.962  4.297   -8.094  1.00 65.68  ? 82  LEU A CD1 1 
ATOM   711  C  CD2 . LEU A 1 83  ? -6.474  1.973   -8.795  1.00 70.47  ? 82  LEU A CD2 1 
ATOM   712  N  N   . VAL A 1 84  ? -2.358  0.328   -7.108  1.00 53.27  ? 83  VAL A N   1 
ATOM   713  C  CA  . VAL A 1 84  ? -0.936  0.039   -6.841  1.00 58.42  ? 83  VAL A CA  1 
ATOM   714  C  C   . VAL A 1 84  ? -0.164  0.857   -7.855  1.00 53.50  ? 83  VAL A C   1 
ATOM   715  O  O   . VAL A 1 84  ? -0.495  0.761   -9.047  1.00 50.27  ? 83  VAL A O   1 
ATOM   716  C  CB  . VAL A 1 84  ? -0.630  -1.460  -6.945  1.00 58.12  ? 83  VAL A CB  1 
ATOM   717  C  CG1 . VAL A 1 84  ? 0.815   -1.747  -6.608  1.00 63.48  ? 83  VAL A CG1 1 
ATOM   718  C  CG2 . VAL A 1 84  ? -1.571  -2.258  -6.063  1.00 61.20  ? 83  VAL A CG2 1 
ATOM   719  N  N   . ASN A 1 85  ? 0.780   1.650   -7.363  1.00 49.99  ? 84  ASN A N   1 
ATOM   720  C  CA  . ASN A 1 85  ? 1.630   2.526   -8.186  1.00 55.81  ? 84  ASN A CA  1 
ATOM   721  C  C   . ASN A 1 85  ? 0.708   3.332   -9.111  1.00 49.44  ? 84  ASN A C   1 
ATOM   722  O  O   . ASN A 1 85  ? 1.011   3.433   -10.285 1.00 48.58  ? 84  ASN A O   1 
ATOM   723  C  CB  . ASN A 1 85  ? 2.649   1.633   -8.900  1.00 61.00  ? 84  ASN A CB  1 
ATOM   724  C  CG  . ASN A 1 85  ? 3.405   2.338   -10.004 1.00 56.34  ? 84  ASN A CG  1 
ATOM   725  O  OD1 . ASN A 1 85  ? 3.894   3.437   -9.813  1.00 74.89  ? 84  ASN A OD1 1 
ATOM   726  N  ND2 . ASN A 1 85  ? 3.544   1.695   -11.146 1.00 68.96  ? 84  ASN A ND2 1 
ATOM   727  N  N   . GLY A 1 86  ? -0.470  3.766   -8.644  1.00 54.18  ? 85  GLY A N   1 
ATOM   728  C  CA  . GLY A 1 86  ? -1.363  4.590   -9.478  1.00 58.54  ? 85  GLY A CA  1 
ATOM   729  C  C   . GLY A 1 86  ? -2.444  3.817   -10.235 1.00 68.93  ? 85  GLY A C   1 
ATOM   730  O  O   . GLY A 1 86  ? -3.537  4.367   -10.351 1.00 74.55  ? 85  GLY A O   1 
ATOM   731  N  N   . HIS A 1 87  ? -2.206  2.616   -10.772 1.00 57.94  ? 86  HIS A N   1 
ATOM   732  C  CA  . HIS A 1 87  ? -3.230  1.908   -11.589 1.00 57.19  ? 86  HIS A CA  1 
ATOM   733  C  C   . HIS A 1 87  ? -3.943  0.769   -10.832 1.00 62.50  ? 86  HIS A C   1 
ATOM   734  O  O   . HIS A 1 87  ? -3.529  0.396   -9.723  1.00 65.45  ? 86  HIS A O   1 
ATOM   735  C  CB  . HIS A 1 87  ? -2.581  1.364   -12.856 1.00 64.95  ? 86  HIS A CB  1 
ATOM   736  C  CG  . HIS A 1 87  ? -1.327  0.622   -12.569 1.00 58.96  ? 86  HIS A CG  1 
ATOM   737  N  ND1 . HIS A 1 87  ? -1.330  -0.739  -12.249 1.00 66.07  ? 86  HIS A ND1 1 
ATOM   738  C  CD2 . HIS A 1 87  ? -0.056  1.050   -12.484 1.00 56.08  ? 86  HIS A CD2 1 
ATOM   739  C  CE1 . HIS A 1 87  ? -0.091  -1.124  -12.028 1.00 75.47  ? 86  HIS A CE1 1 
ATOM   740  N  NE2 . HIS A 1 87  ? 0.715   -0.037  -12.159 1.00 72.29  ? 86  HIS A NE2 1 
ATOM   741  N  N   A SER A 1 88  ? -5.003  0.233   -11.447 0.06 63.09  ? 87  SER A N   1 
ATOM   742  N  N   B SER A 1 88  ? -5.014  0.240   -11.436 0.44 62.92  ? 87  SER A N   1 
ATOM   743  C  CA  A SER A 1 88  ? -5.751  -0.958  -10.972 0.06 64.09  ? 87  SER A CA  1 
ATOM   744  C  CA  B SER A 1 88  ? -5.732  -0.985  -11.004 0.44 65.05  ? 87  SER A CA  1 
ATOM   745  C  C   A SER A 1 88  ? -4.831  -2.179  -11.023 0.06 65.61  ? 87  SER A C   1 
ATOM   746  C  C   B SER A 1 88  ? -4.758  -2.151  -10.971 0.44 64.92  ? 87  SER A C   1 
ATOM   747  O  O   A SER A 1 88  ? -3.949  -2.217  -11.906 0.06 65.23  ? 87  SER A O   1 
ATOM   748  O  O   B SER A 1 88  ? -3.798  -2.130  -11.768 0.44 65.89  ? 87  SER A O   1 
ATOM   749  C  CB  A SER A 1 88  ? -6.999  -1.183  -11.787 0.06 64.24  ? 87  SER A CB  1 
ATOM   750  C  CB  B SER A 1 88  ? -6.866  -1.326  -11.926 0.44 69.21  ? 87  SER A CB  1 
ATOM   751  O  OG  A SER A 1 88  ? -6.684  -1.753  -13.049 0.06 63.80  ? 87  SER A OG  1 
ATOM   752  O  OG  B SER A 1 88  ? -8.028  -0.601  -11.579 0.44 78.29  ? 87  SER A OG  1 
ATOM   753  N  N   . MET A 1 89  ? -5.030  -3.129  -10.107 1.00 65.70  ? 88  MET A N   1 
ATOM   754  C  CA  . MET A 1 89  ? -4.279  -4.400  -10.088 1.00 77.83  ? 88  MET A CA  1 
ATOM   755  C  C   . MET A 1 89  ? -4.753  -5.277  -11.241 1.00 79.03  ? 88  MET A C   1 
ATOM   756  O  O   . MET A 1 89  ? -5.954  -5.551  -11.310 1.00 84.34  ? 88  MET A O   1 
ATOM   757  C  CB  . MET A 1 89  ? -4.549  -5.126  -8.785  1.00 82.22  ? 88  MET A CB  1 
ATOM   758  C  CG  . MET A 1 89  ? -3.920  -4.397  -7.641  1.00 93.67  ? 88  MET A CG  1 
ATOM   759  S  SD  . MET A 1 89  ? -4.772  -4.871  -6.174  1.00 91.08  ? 88  MET A SD  1 
ATOM   760  C  CE  . MET A 1 89  ? -5.000  -6.613  -6.527  1.00 101.25 ? 88  MET A CE  1 
ATOM   761  N  N   . VAL A 1 90  ? -3.836  -5.721  -12.091 1.00 79.01  ? 89  VAL A N   1 
ATOM   762  C  CA  . VAL A 1 90  ? -4.161  -6.654  -13.202 1.00 91.24  ? 89  VAL A CA  1 
ATOM   763  C  C   . VAL A 1 90  ? -4.649  -7.990  -12.618 1.00 87.84  ? 89  VAL A C   1 
ATOM   764  O  O   . VAL A 1 90  ? -5.518  -8.597  -13.271 1.00 69.55  ? 89  VAL A O   1 
ATOM   765  C  CB  . VAL A 1 90  ? -2.951  -6.846  -14.130 1.00 105.23 ? 89  VAL A CB  1 
ATOM   766  C  CG1 . VAL A 1 90  ? -3.264  -7.825  -15.251 1.00 101.22 ? 89  VAL A CG1 1 
ATOM   767  C  CG2 . VAL A 1 90  ? -2.462  -5.513  -14.686 1.00 116.40 ? 89  VAL A CG2 1 
ATOM   768  N  N   . SER A 1 91  ? -4.092  -8.432  -11.471 1.00 95.86  ? 90  SER A N   1 
ATOM   769  C  CA  . SER A 1 91  ? -4.402  -9.719  -10.783 1.00 88.85  ? 90  SER A CA  1 
ATOM   770  C  C   . SER A 1 91  ? -4.056  -9.652  -9.291  1.00 79.85  ? 90  SER A C   1 
ATOM   771  O  O   . SER A 1 91  ? -2.881  -9.400  -8.934  1.00 81.04  ? 90  SER A O   1 
ATOM   772  C  CB  . SER A 1 91  ? -3.705  -10.920 -11.411 1.00 90.49  ? 90  SER A CB  1 
ATOM   773  O  OG  . SER A 1 91  ? -4.054  -12.125 -10.730 1.00 87.34  ? 90  SER A OG  1 
ATOM   774  N  N   . VAL A 1 92  ? -5.050  -10.010 -8.485  1.00 63.05  ? 91  VAL A N   1 
ATOM   775  C  CA  . VAL A 1 92  ? -4.980  -10.210 -7.017  1.00 66.23  ? 91  VAL A CA  1 
ATOM   776  C  C   . VAL A 1 92  ? -4.223  -11.508 -6.671  1.00 57.14  ? 91  VAL A C   1 
ATOM   777  O  O   . VAL A 1 92  ? -3.893  -11.696 -5.497  1.00 59.86  ? 91  VAL A O   1 
ATOM   778  C  CB  . VAL A 1 92  ? -6.398  -10.201 -6.411  1.00 73.56  ? 91  VAL A CB  1 
ATOM   779  C  CG1 . VAL A 1 92  ? -7.179  -8.952  -6.812  1.00 67.08  ? 91  VAL A CG1 1 
ATOM   780  C  CG2 . VAL A 1 92  ? -7.182  -11.469 -6.745  1.00 76.01  ? 91  VAL A CG2 1 
ATOM   781  N  N   . SER A 1 93  ? -3.938  -12.391 -7.622  1.00 50.17  ? 92  SER A N   1 
ATOM   782  C  CA  . SER A 1 93  ? -3.383  -13.708 -7.280  1.00 60.64  ? 92  SER A CA  1 
ATOM   783  C  C   . SER A 1 93  ? -1.862  -13.574 -7.239  1.00 60.61  ? 92  SER A C   1 
ATOM   784  O  O   . SER A 1 93  ? -1.190  -14.478 -6.756  1.00 64.18  ? 92  SER A O   1 
ATOM   785  C  CB  . SER A 1 93  ? -3.836  -14.755 -8.254  1.00 71.28  ? 92  SER A CB  1 
ATOM   786  O  OG  . SER A 1 93  ? -3.001  -14.748 -9.399  1.00 79.16  ? 92  SER A OG  1 
ATOM   787  N  N   . THR A 1 94  ? -1.330  -12.480 -7.757  1.00 64.69  ? 93  THR A N   1 
ATOM   788  C  CA  . THR A 1 94  ? 0.136   -12.267 -7.871  1.00 63.29  ? 93  THR A CA  1 
ATOM   789  C  C   . THR A 1 94  ? 0.712   -12.054 -6.477  1.00 62.55  ? 93  THR A C   1 
ATOM   790  O  O   . THR A 1 94  ? 0.157   -11.278 -5.702  1.00 61.29  ? 93  THR A O   1 
ATOM   791  C  CB  . THR A 1 94  ? 0.434   -11.023 -8.711  1.00 66.84  ? 93  THR A CB  1 
ATOM   792  O  OG1 . THR A 1 94  ? -0.623  -10.833 -9.663  1.00 69.85  ? 93  THR A OG1 1 
ATOM   793  C  CG2 . THR A 1 94  ? 1.798   -11.098 -9.348  1.00 58.88  ? 93  THR A CG2 1 
ATOM   794  N  N   . PRO A 1 95  ? 1.832   -12.721 -6.140  1.00 54.69  ? 94  PRO A N   1 
ATOM   795  C  CA  . PRO A 1 95  ? 2.574   -12.506 -4.896  1.00 55.25  ? 94  PRO A CA  1 
ATOM   796  C  C   . PRO A 1 95  ? 3.230   -11.127 -4.745  1.00 59.85  ? 94  PRO A C   1 
ATOM   797  O  O   . PRO A 1 95  ? 3.694   -10.571 -5.734  1.00 63.55  ? 94  PRO A O   1 
ATOM   798  C  CB  . PRO A 1 95  ? 3.745   -13.501 -4.952  1.00 55.22  ? 94  PRO A CB  1 
ATOM   799  C  CG  . PRO A 1 95  ? 3.297   -14.512 -5.959  1.00 57.20  ? 94  PRO A CG  1 
ATOM   800  C  CD  . PRO A 1 95  ? 2.448   -13.757 -6.965  1.00 65.55  ? 94  PRO A CD  1 
ATOM   801  N  N   . ILE A 1 96  ? 3.289   -10.607 -3.515  1.00 56.20  ? 95  ILE A N   1 
ATOM   802  C  CA  . ILE A 1 96  ? 3.702   -9.193  -3.303  1.00 47.71  ? 95  ILE A CA  1 
ATOM   803  C  C   . ILE A 1 96  ? 5.216   -9.112  -3.581  1.00 48.07  ? 95  ILE A C   1 
ATOM   804  O  O   . ILE A 1 96  ? 5.688   -8.047  -3.956  1.00 50.44  ? 95  ILE A O   1 
ATOM   805  C  CB  . ILE A 1 96  ? 3.198   -8.602  -1.963  1.00 45.48  ? 95  ILE A CB  1 
ATOM   806  C  CG1 . ILE A 1 96  ? 3.128   -7.077  -2.039  1.00 44.37  ? 95  ILE A CG1 1 
ATOM   807  C  CG2 . ILE A 1 96  ? 4.022   -9.047  -0.775  1.00 45.84  ? 95  ILE A CG2 1 
ATOM   808  C  CD1 . ILE A 1 96  ? 2.836   -6.430  -0.713  1.00 51.77  ? 95  ILE A CD1 1 
ATOM   809  N  N   . SER A 1 97  ? 5.960   -10.208 -3.554  1.00 47.05  ? 96  SER A N   1 
ATOM   810  C  CA  . SER A 1 97  ? 7.405   -10.159 -3.934  1.00 49.07  ? 96  SER A CA  1 
ATOM   811  C  C   . SER A 1 97  ? 7.538   -9.775  -5.414  1.00 55.83  ? 96  SER A C   1 
ATOM   812  O  O   . SER A 1 97  ? 8.378   -8.870  -5.701  1.00 50.13  ? 96  SER A O   1 
ATOM   813  C  CB  . SER A 1 97  ? 8.090   -11.446 -3.633  1.00 53.47  ? 96  SER A CB  1 
ATOM   814  O  OG  . SER A 1 97  ? 7.287   -12.562 -4.028  1.00 58.06  ? 96  SER A OG  1 
ATOM   815  N  N   . GLU A 1 98  ? 6.702   -10.378 -6.289  1.00 53.50  ? 97  GLU A N   1 
ATOM   816  C  CA  . GLU A 1 98  ? 6.663   -10.161 -7.764  1.00 52.73  ? 97  GLU A CA  1 
ATOM   817  C  C   . GLU A 1 98  ? 6.131   -8.758  -8.058  1.00 56.89  ? 97  GLU A C   1 
ATOM   818  O  O   . GLU A 1 98  ? 6.740   -8.069  -8.912  1.00 55.78  ? 97  GLU A O   1 
ATOM   819  C  CB  . GLU A 1 98  ? 5.686   -11.086 -8.489  1.00 70.96  ? 97  GLU A CB  1 
ATOM   820  C  CG  . GLU A 1 98  ? 6.268   -12.380 -9.043  1.00 86.04  ? 97  GLU A CG  1 
ATOM   821  C  CD  . GLU A 1 98  ? 5.208   -13.404 -9.473  1.00 96.59  ? 97  GLU A CD  1 
ATOM   822  O  OE1 . GLU A 1 98  ? 5.245   -14.567 -8.975  1.00 89.15  ? 97  GLU A OE1 1 
ATOM   823  O  OE2 . GLU A 1 98  ? 4.324   -13.042 -10.293 1.00 93.85  ? 97  GLU A OE2 1 
ATOM   824  N  N   . VAL A 1 99  ? 4.999   -8.389  -7.439  1.00 48.01  ? 98  VAL A N   1 
ATOM   825  C  CA  . VAL A 1 99  ? 4.371   -7.042  -7.578  1.00 48.37  ? 98  VAL A CA  1 
ATOM   826  C  C   . VAL A 1 99  ? 5.386   -5.964  -7.166  1.00 50.38  ? 98  VAL A C   1 
ATOM   827  O  O   . VAL A 1 99  ? 5.528   -4.938  -7.874  1.00 58.16  ? 98  VAL A O   1 
ATOM   828  C  CB  . VAL A 1 99  ? 3.083   -6.943  -6.753  1.00 49.23  ? 98  VAL A CB  1 
ATOM   829  C  CG1 . VAL A 1 99  ? 2.465   -5.549  -6.822  1.00 48.76  ? 98  VAL A CG1 1 
ATOM   830  C  CG2 . VAL A 1 99  ? 2.094   -7.997  -7.197  1.00 54.26  ? 98  VAL A CG2 1 
ATOM   831  N  N   . TYR A 1 100 ? 6.149   -6.179  -6.101  1.00 43.11  ? 99  TYR A N   1 
ATOM   832  C  CA  . TYR A 1 100 ? 7.193   -5.195  -5.712  1.00 45.03  ? 99  TYR A CA  1 
ATOM   833  C  C   . TYR A 1 100 ? 8.166   -4.936  -6.870  1.00 45.38  ? 99  TYR A C   1 
ATOM   834  O  O   . TYR A 1 100 ? 8.489   -3.796  -7.117  1.00 52.85  ? 99  TYR A O   1 
ATOM   835  C  CB  . TYR A 1 100 ? 7.935   -5.629  -4.452  1.00 40.91  ? 99  TYR A CB  1 
ATOM   836  C  CG  . TYR A 1 100 ? 8.961   -4.625  -3.976  1.00 40.50  ? 99  TYR A CG  1 
ATOM   837  C  CD1 . TYR A 1 100 ? 8.596   -3.454  -3.335  1.00 36.71  ? 99  TYR A CD1 1 
ATOM   838  C  CD2 . TYR A 1 100 ? 10.310  -4.855  -4.166  1.00 41.16  ? 99  TYR A CD2 1 
ATOM   839  C  CE1 . TYR A 1 100 ? 9.547   -2.575  -2.853  1.00 37.77  ? 99  TYR A CE1 1 
ATOM   840  C  CE2 . TYR A 1 100 ? 11.267  -3.943  -3.758  1.00 38.62  ? 99  TYR A CE2 1 
ATOM   841  C  CZ  . TYR A 1 100 ? 10.883  -2.803  -3.082  1.00 39.60  ? 99  TYR A CZ  1 
ATOM   842  O  OH  . TYR A 1 100 ? 11.848  -1.915  -2.683  1.00 49.46  ? 99  TYR A OH  1 
ATOM   843  N  N   . GLU A 1 101 ? 8.669   -5.982  -7.514  1.00 46.21  ? 100 GLU A N   1 
ATOM   844  C  CA  . GLU A 1 101 ? 9.793   -5.907  -8.477  1.00 52.12  ? 100 GLU A CA  1 
ATOM   845  C  C   . GLU A 1 101 ? 9.395   -5.135  -9.735  1.00 47.68  ? 100 GLU A C   1 
ATOM   846  O  O   . GLU A 1 101 ? 10.291  -4.593  -10.414 1.00 54.41  ? 100 GLU A O   1 
ATOM   847  C  CB  . GLU A 1 101 ? 10.265  -7.308  -8.842  1.00 51.91  ? 100 GLU A CB  1 
ATOM   848  C  CG  . GLU A 1 101 ? 11.211  -7.877  -7.813  1.00 65.97  ? 100 GLU A CG  1 
ATOM   849  C  CD  . GLU A 1 101 ? 12.239  -8.831  -8.393  1.00 77.84  ? 100 GLU A CD  1 
ATOM   850  O  OE1 . GLU A 1 101 ? 12.159  -9.116  -9.611  1.00 67.44  ? 100 GLU A OE1 1 
ATOM   851  O  OE2 . GLU A 1 101 ? 13.114  -9.286  -7.616  1.00 84.52  ? 100 GLU A OE2 1 
ATOM   852  N  N   . SER A 1 102 ? 8.126   -5.155  -10.070 1.00 51.69  ? 101 SER A N   1 
ATOM   853  C  CA  . SER A 1 102 ? 7.612   -4.491  -11.285 1.00 51.00  ? 101 SER A CA  1 
ATOM   854  C  C   . SER A 1 102 ? 6.958   -3.152  -10.911 1.00 51.30  ? 101 SER A C   1 
ATOM   855  O  O   . SER A 1 102 ? 7.020   -2.280  -11.754 1.00 74.70  ? 101 SER A O   1 
ATOM   856  C  CB  . SER A 1 102 ? 6.713   -5.432  -12.044 1.00 48.49  ? 101 SER A CB  1 
ATOM   857  O  OG  . SER A 1 102 ? 5.374   -5.138  -11.760 1.00 69.87  ? 101 SER A OG  1 
ATOM   858  N  N   . GLU A 1 103 ? 6.480   -2.918  -9.684  1.00 45.44  ? 102 GLU A N   1 
ATOM   859  C  CA  . GLU A 1 103 ? 5.564   -1.779  -9.380  1.00 44.47  ? 102 GLU A CA  1 
ATOM   860  C  C   . GLU A 1 103 ? 6.164   -0.821  -8.368  1.00 47.51  ? 102 GLU A C   1 
ATOM   861  O  O   . GLU A 1 103 ? 5.480   0.168   -7.990  1.00 57.75  ? 102 GLU A O   1 
ATOM   862  C  CB  . GLU A 1 103 ? 4.222   -2.249  -8.839  1.00 48.68  ? 102 GLU A CB  1 
ATOM   863  C  CG  . GLU A 1 103 ? 3.364   -3.006  -9.823  1.00 58.26  ? 102 GLU A CG  1 
ATOM   864  C  CD  . GLU A 1 103 ? 3.132   -2.309  -11.150 1.00 61.14  ? 102 GLU A CD  1 
ATOM   865  O  OE1 . GLU A 1 103 ? 2.953   -1.070  -11.178 1.00 63.21  ? 102 GLU A OE1 1 
ATOM   866  O  OE2 . GLU A 1 103 ? 3.192   -3.012  -12.154 1.00 68.76  ? 102 GLU A OE2 1 
ATOM   867  N  N   . LYS A 1 104 ? 7.372   -1.096  -7.902  1.00 51.30  ? 103 LYS A N   1 
ATOM   868  C  CA  . LYS A 1 104 ? 8.020   -0.266  -6.858  1.00 53.15  ? 103 LYS A CA  1 
ATOM   869  C  C   . LYS A 1 104 ? 8.293   1.130   -7.423  1.00 61.01  ? 103 LYS A C   1 
ATOM   870  O  O   . LYS A 1 104 ? 8.409   1.251   -8.656  1.00 63.87  ? 103 LYS A O   1 
ATOM   871  C  CB  . LYS A 1 104 ? 9.313   -0.929  -6.384  1.00 50.26  ? 103 LYS A CB  1 
ATOM   872  C  CG  . LYS A 1 104 ? 10.286  -1.319  -7.469  1.00 48.25  ? 103 LYS A CG  1 
ATOM   873  C  CD  . LYS A 1 104 ? 11.504  -1.975  -6.899  1.00 46.96  ? 103 LYS A CD  1 
ATOM   874  C  CE  . LYS A 1 104 ? 12.600  -2.122  -7.922  1.00 53.02  ? 103 LYS A CE  1 
ATOM   875  N  NZ  . LYS A 1 104 ? 12.208  -2.865  -9.136  1.00 61.58  ? 103 LYS A NZ  1 
ATOM   876  N  N   . ASP A 1 105 ? 8.388   2.139   -6.554  1.00 58.97  ? 104 ASP A N   1 
ATOM   877  C  CA  . ASP A 1 105 ? 8.852   3.518   -6.873  1.00 53.54  ? 104 ASP A CA  1 
ATOM   878  C  C   . ASP A 1 105 ? 10.392  3.594   -6.902  1.00 62.75  ? 104 ASP A C   1 
ATOM   879  O  O   . ASP A 1 105 ? 11.074  2.663   -6.385  1.00 56.53  ? 104 ASP A O   1 
ATOM   880  C  CB  . ASP A 1 105 ? 8.265   4.449   -5.814  1.00 67.85  ? 104 ASP A CB  1 
ATOM   881  C  CG  . ASP A 1 105 ? 8.310   5.907   -6.178  1.00 60.85  ? 104 ASP A CG  1 
ATOM   882  O  OD1 . ASP A 1 105 ? 7.267   6.379   -6.684  1.00 54.64  ? 104 ASP A OD1 1 
ATOM   883  O  OD2 . ASP A 1 105 ? 9.381   6.535   -5.945  1.00 62.52  ? 104 ASP A OD2 1 
ATOM   884  N  N   . GLU A 1 106 ? 10.971  4.685   -7.422  1.00 69.54  ? 105 GLU A N   1 
ATOM   885  C  CA  . GLU A 1 106 ? 12.459  4.834   -7.470  1.00 63.17  ? 105 GLU A CA  1 
ATOM   886  C  C   . GLU A 1 106 ? 13.027  4.930   -6.046  1.00 56.03  ? 105 GLU A C   1 
ATOM   887  O  O   . GLU A 1 106 ? 14.223  4.579   -5.906  1.00 50.65  ? 105 GLU A O   1 
ATOM   888  C  CB  . GLU A 1 106 ? 12.921  6.048   -8.280  1.00 77.78  ? 105 GLU A CB  1 
ATOM   889  C  CG  . GLU A 1 106 ? 12.575  5.992   -9.766  1.00 86.27  ? 105 GLU A CG  1 
ATOM   890  C  CD  . GLU A 1 106 ? 13.581  6.651   -10.709 1.00 91.81  ? 105 GLU A CD  1 
ATOM   891  O  OE1 . GLU A 1 106 ? 14.388  7.517   -10.239 1.00 69.63  ? 105 GLU A OE1 1 
ATOM   892  O  OE2 . GLU A 1 106 ? 13.594  6.260   -11.917 1.00 95.39  ? 105 GLU A OE2 1 
ATOM   893  N  N   . ASP A 1 107 ? 12.237  5.402   -5.054  1.00 56.35  ? 106 ASP A N   1 
ATOM   894  C  CA  . ASP A 1 107 ? 12.609  5.525   -3.603  1.00 59.27  ? 106 ASP A CA  1 
ATOM   895  C  C   . ASP A 1 107 ? 12.645  4.137   -2.917  1.00 59.64  ? 106 ASP A C   1 
ATOM   896  O  O   . ASP A 1 107 ? 13.277  4.044   -1.847  1.00 65.64  ? 106 ASP A O   1 
ATOM   897  C  CB  . ASP A 1 107 ? 11.664  6.468   -2.837  1.00 53.41  ? 106 ASP A CB  1 
ATOM   898  C  CG  . ASP A 1 107 ? 10.287  5.872   -2.660  1.00 55.00  ? 106 ASP A CG  1 
ATOM   899  O  OD1 . ASP A 1 107 ? 10.137  4.749   -3.126  1.00 57.79  ? 106 ASP A OD1 1 
ATOM   900  O  OD2 . ASP A 1 107 ? 9.364   6.535   -2.074  1.00 45.76  ? 106 ASP A OD2 1 
ATOM   901  N  N   . GLY A 1 108 ? 11.976  3.115   -3.484  1.00 62.86  ? 107 GLY A N   1 
ATOM   902  C  CA  . GLY A 1 108 ? 11.983  1.703   -3.028  1.00 57.31  ? 107 GLY A CA  1 
ATOM   903  C  C   . GLY A 1 108 ? 10.724  1.287   -2.266  1.00 51.77  ? 107 GLY A C   1 
ATOM   904  O  O   . GLY A 1 108 ? 10.630  0.100   -1.878  1.00 48.60  ? 107 GLY A O   1 
ATOM   905  N  N   . PHE A 1 109 ? 9.772   2.185   -2.031  1.00 50.88  ? 108 PHE A N   1 
ATOM   906  C  CA  . PHE A 1 109 ? 8.454   1.828   -1.434  1.00 50.41  ? 108 PHE A CA  1 
ATOM   907  C  C   . PHE A 1 109 ? 7.525   1.273   -2.515  1.00 49.95  ? 108 PHE A C   1 
ATOM   908  O  O   . PHE A 1 109 ? 7.768   1.455   -3.711  1.00 52.26  ? 108 PHE A O   1 
ATOM   909  C  CB  . PHE A 1 109 ? 7.796   3.019   -0.729  1.00 59.64  ? 108 PHE A CB  1 
ATOM   910  C  CG  . PHE A 1 109 ? 8.357   3.309   0.633   1.00 62.48  ? 108 PHE A CG  1 
ATOM   911  C  CD1 . PHE A 1 109 ? 7.979   2.550   1.733   1.00 53.69  ? 108 PHE A CD1 1 
ATOM   912  C  CD2 . PHE A 1 109 ? 9.297   4.310   0.805   1.00 56.84  ? 108 PHE A CD2 1 
ATOM   913  C  CE1 . PHE A 1 109 ? 8.539   2.787   2.975   1.00 62.23  ? 108 PHE A CE1 1 
ATOM   914  C  CE2 . PHE A 1 109 ? 9.846   4.552   2.060   1.00 62.34  ? 108 PHE A CE2 1 
ATOM   915  C  CZ  . PHE A 1 109 ? 9.469   3.792   3.139   1.00 62.63  ? 108 PHE A CZ  1 
ATOM   916  N  N   . LEU A 1 110 ? 6.443   0.627   -2.088  1.00 49.73  ? 109 LEU A N   1 
ATOM   917  C  CA  . LEU A 1 110 ? 5.336   0.217   -2.980  1.00 52.88  ? 109 LEU A CA  1 
ATOM   918  C  C   . LEU A 1 110 ? 4.078   1.008   -2.563  1.00 54.15  ? 109 LEU A C   1 
ATOM   919  O  O   . LEU A 1 110 ? 3.539   0.811   -1.441  1.00 52.27  ? 109 LEU A O   1 
ATOM   920  C  CB  . LEU A 1 110 ? 5.181   -1.312  -2.913  1.00 54.08  ? 109 LEU A CB  1 
ATOM   921  C  CG  . LEU A 1 110 ? 4.100   -1.925  -3.805  1.00 51.64  ? 109 LEU A CG  1 
ATOM   922  C  CD1 . LEU A 1 110 ? 4.411   -1.707  -5.289  1.00 48.51  ? 109 LEU A CD1 1 
ATOM   923  C  CD2 . LEU A 1 110 ? 3.874   -3.394  -3.477  1.00 47.46  ? 109 LEU A CD2 1 
ATOM   924  N  N   . TYR A 1 111 ? 3.635   1.884   -3.452  1.00 48.10  ? 110 TYR A N   1 
ATOM   925  C  CA  . TYR A 1 111 ? 2.587   2.896   -3.207  1.00 52.15  ? 110 TYR A CA  1 
ATOM   926  C  C   . TYR A 1 111 ? 1.224   2.340   -3.617  1.00 55.51  ? 110 TYR A C   1 
ATOM   927  O  O   . TYR A 1 111 ? 1.106   1.700   -4.685  1.00 52.59  ? 110 TYR A O   1 
ATOM   928  C  CB  . TYR A 1 111 ? 2.923   4.200   -3.932  1.00 52.55  ? 110 TYR A CB  1 
ATOM   929  C  CG  . TYR A 1 111 ? 4.046   4.959   -3.268  1.00 52.62  ? 110 TYR A CG  1 
ATOM   930  C  CD1 . TYR A 1 111 ? 5.363   4.729   -3.608  1.00 43.93  ? 110 TYR A CD1 1 
ATOM   931  C  CD2 . TYR A 1 111 ? 3.797   5.885   -2.268  1.00 51.97  ? 110 TYR A CD2 1 
ATOM   932  C  CE1 . TYR A 1 111 ? 6.408   5.406   -2.988  1.00 47.09  ? 110 TYR A CE1 1 
ATOM   933  C  CE2 . TYR A 1 111 ? 4.825   6.565   -1.632  1.00 48.39  ? 110 TYR A CE2 1 
ATOM   934  C  CZ  . TYR A 1 111 ? 6.139   6.329   -1.997  1.00 46.46  ? 110 TYR A CZ  1 
ATOM   935  O  OH  . TYR A 1 111 ? 7.159   6.996   -1.379  1.00 39.00  ? 110 TYR A OH  1 
ATOM   936  N  N   . MET A 1 112 ? 0.252   2.534   -2.725  1.00 50.78  ? 111 MET A N   1 
ATOM   937  C  CA  . MET A 1 112 ? -1.126  2.017   -2.845  1.00 56.05  ? 111 MET A CA  1 
ATOM   938  C  C   . MET A 1 112 ? -2.092  3.065   -2.320  1.00 55.19  ? 111 MET A C   1 
ATOM   939  O  O   . MET A 1 112 ? -1.767  3.786   -1.363  1.00 56.54  ? 111 MET A O   1 
ATOM   940  C  CB  . MET A 1 112 ? -1.306  0.734   -2.041  1.00 57.43  ? 111 MET A CB  1 
ATOM   941  C  CG  . MET A 1 112 ? -0.341  -0.321  -2.480  1.00 61.36  ? 111 MET A CG  1 
ATOM   942  S  SD  . MET A 1 112 ? -0.818  -1.930  -1.902  1.00 56.53  ? 111 MET A SD  1 
ATOM   943  C  CE  . MET A 1 112 ? 0.573   -2.838  -2.586  1.00 59.32  ? 111 MET A CE  1 
ATOM   944  N  N   A VAL A 1 113 ? -3.271  3.108   -2.939  0.41 59.32  ? 112 VAL A N   1 
ATOM   945  N  N   B VAL A 1 113 ? -3.243  3.195   -2.982  0.10 55.37  ? 112 VAL A N   1 
ATOM   946  C  CA  A VAL A 1 113 ? -4.359  4.088   -2.667  0.41 62.24  ? 112 VAL A CA  1 
ATOM   947  C  CA  B VAL A 1 113 ? -4.345  4.112   -2.564  0.10 55.27  ? 112 VAL A CA  1 
ATOM   948  C  C   A VAL A 1 113 ? -5.672  3.310   -2.704  0.41 58.53  ? 112 VAL A C   1 
ATOM   949  C  C   B VAL A 1 113 ? -5.669  3.364   -2.721  0.10 56.85  ? 112 VAL A C   1 
ATOM   950  O  O   A VAL A 1 113 ? -5.796  2.440   -3.575  0.41 64.75  ? 112 VAL A O   1 
ATOM   951  O  O   B VAL A 1 113 ? -5.807  2.595   -3.690  0.10 58.52  ? 112 VAL A O   1 
ATOM   952  C  CB  A VAL A 1 113 ? -4.346  5.237   -3.697  0.41 67.15  ? 112 VAL A CB  1 
ATOM   953  C  CB  B VAL A 1 113 ? -4.333  5.444   -3.342  0.10 53.44  ? 112 VAL A CB  1 
ATOM   954  C  CG1 A VAL A 1 113 ? -5.399  6.283   -3.373  0.41 70.49  ? 112 VAL A CG1 1 
ATOM   955  C  CG1 B VAL A 1 113 ? -3.116  6.288   -2.994  0.10 53.86  ? 112 VAL A CG1 1 
ATOM   956  C  CG2 A VAL A 1 113 ? -2.966  5.876   -3.824  0.41 72.47  ? 112 VAL A CG2 1 
ATOM   957  C  CG2 B VAL A 1 113 ? -4.433  5.237   -4.845  0.10 50.95  ? 112 VAL A CG2 1 
ATOM   958  N  N   . TYR A 1 114 ? -6.591  3.593   -1.783  1.00 59.45  ? 113 TYR A N   1 
ATOM   959  C  CA  . TYR A 1 114 ? -7.864  2.842   -1.655  1.00 65.85  ? 113 TYR A CA  1 
ATOM   960  C  C   . TYR A 1 114 ? -9.052  3.812   -1.660  1.00 64.79  ? 113 TYR A C   1 
ATOM   961  O  O   . TYR A 1 114 ? -8.918  4.962   -1.209  1.00 68.66  ? 113 TYR A O   1 
ATOM   962  C  CB  . TYR A 1 114 ? -7.836  1.986   -0.381  1.00 68.85  ? 113 TYR A CB  1 
ATOM   963  C  CG  . TYR A 1 114 ? -7.783  2.730   0.934   1.00 58.84  ? 113 TYR A CG  1 
ATOM   964  C  CD1 . TYR A 1 114 ? -6.579  2.978   1.569   1.00 57.31  ? 113 TYR A CD1 1 
ATOM   965  C  CD2 . TYR A 1 114 ? -8.946  3.146   1.577   1.00 61.53  ? 113 TYR A CD2 1 
ATOM   966  C  CE1 . TYR A 1 114 ? -6.533  3.649   2.789   1.00 65.73  ? 113 TYR A CE1 1 
ATOM   967  C  CE2 . TYR A 1 114 ? -8.917  3.797   2.810   1.00 50.63  ? 113 TYR A CE2 1 
ATOM   968  C  CZ  . TYR A 1 114 ? -7.705  4.064   3.415   1.00 59.95  ? 113 TYR A CZ  1 
ATOM   969  O  OH  . TYR A 1 114 ? -7.667  4.698   4.635   1.00 61.47  ? 113 TYR A OH  1 
ATOM   970  N  N   . ALA A 1 115 ? -10.191 3.322   -2.145  1.00 73.96  ? 114 ALA A N   1 
ATOM   971  C  CA  . ALA A 1 115 ? -11.454 4.073   -2.261  1.00 75.25  ? 114 ALA A CA  1 
ATOM   972  C  C   . ALA A 1 115 ? -12.647 3.111   -2.321  1.00 79.75  ? 114 ALA A C   1 
ATOM   973  O  O   . ALA A 1 115 ? -12.419 1.900   -2.590  1.00 74.47  ? 114 ALA A O   1 
ATOM   974  C  CB  . ALA A 1 115 ? -11.375 4.953   -3.482  1.00 90.89  ? 114 ALA A CB  1 
ATOM   975  N  N   . SER A 1 116 ? -13.857 3.648   -2.082  1.00 76.47  ? 115 SER A N   1 
ATOM   976  C  CA  . SER A 1 116 ? -15.164 2.933   -2.155  1.00 74.80  ? 115 SER A CA  1 
ATOM   977  C  C   . SER A 1 116 ? -15.661 2.916   -3.604  1.00 79.82  ? 115 SER A C   1 
ATOM   978  O  O   . SER A 1 116 ? -16.362 1.942   -3.968  1.00 80.20  ? 115 SER A O   1 
ATOM   979  C  CB  . SER A 1 116 ? -16.179 3.519   -1.209  1.00 73.02  ? 115 SER A CB  1 
ATOM   980  O  OG  . SER A 1 116 ? -15.758 4.776   -0.708  1.00 69.18  ? 115 SER A OG  1 
ATOM   981  N  N   . GLN A 1 117 ? -15.249 3.922   -4.390  1.00 79.62  ? 116 GLN A N   1 
ATOM   982  C  CA  . GLN A 1 117 ? -15.489 4.053   -5.854  1.00 89.28  ? 116 GLN A CA  1 
ATOM   983  C  C   . GLN A 1 117 ? -14.328 3.411   -6.625  1.00 98.33  ? 116 GLN A C   1 
ATOM   984  O  O   . GLN A 1 117 ? -13.195 3.503   -6.146  1.00 96.56  ? 116 GLN A O   1 
ATOM   985  C  CB  . GLN A 1 117 ? -15.564 5.535   -6.231  1.00 82.99  ? 116 GLN A CB  1 
ATOM   986  N  N   . GLU A 1 118 ? -14.595 2.817   -7.794  1.00 111.74 ? 117 GLU A N   1 
ATOM   987  C  CA  . GLU A 1 118 ? -13.568 2.429   -8.809  1.00 110.66 ? 117 GLU A CA  1 
ATOM   988  C  C   . GLU A 1 118 ? -13.002 3.665   -9.526  1.00 125.24 ? 117 GLU A C   1 
ATOM   989  O  O   . GLU A 1 118 ? -11.833 3.589   -9.933  1.00 124.12 ? 117 GLU A O   1 
ATOM   990  C  CB  . GLU A 1 118 ? -14.162 1.534   -9.896  1.00 117.54 ? 117 GLU A CB  1 
ATOM   991  C  CG  . GLU A 1 118 ? -13.675 0.102   -9.857  1.00 129.02 ? 117 GLU A CG  1 
ATOM   992  C  CD  . GLU A 1 118 ? -14.457 -0.845  -10.757 1.00 139.99 ? 117 GLU A CD  1 
ATOM   993  O  OE1 . GLU A 1 118 ? -15.690 -0.683  -10.843 1.00 143.90 ? 117 GLU A OE1 1 
ATOM   994  O  OE2 . GLU A 1 118 ? -13.835 -1.742  -11.372 1.00 138.72 ? 117 GLU A OE2 1 
ATOM   995  N  N   . THR A 1 119 ? -13.820 4.711   -9.747  1.00 142.83 ? 118 THR A N   1 
ATOM   996  C  CA  . THR A 1 119 ? -13.426 6.010   -10.367 1.00 138.40 ? 118 THR A CA  1 
ATOM   997  C  C   . THR A 1 119 ? -12.818 6.908   -9.278  1.00 145.63 ? 118 THR A C   1 
ATOM   998  O  O   . THR A 1 119 ? -13.589 7.661   -8.643  1.00 162.96 ? 118 THR A O   1 
ATOM   999  C  CB  . THR A 1 119 ? -14.611 6.686   -11.079 1.00 119.88 ? 118 THR A CB  1 
ATOM   1000 N  N   . PHE A 1 120 ? -11.496 6.803   -9.064  1.00 142.60 ? 119 PHE A N   1 
ATOM   1001 C  CA  . PHE A 1 120 ? -10.701 7.568   -8.063  1.00 131.91 ? 119 PHE A CA  1 
ATOM   1002 C  C   . PHE A 1 120 ? -10.673 9.036   -8.495  1.00 139.57 ? 119 PHE A C   1 
ATOM   1003 O  O   . PHE A 1 120 ? -9.953  9.414   -9.416  1.00 140.32 ? 119 PHE A O   1 
ATOM   1004 C  CB  . PHE A 1 120 ? -9.279  7.008   -7.913  1.00 130.85 ? 119 PHE A CB  1 
ATOM   1005 C  CG  . PHE A 1 120 ? -9.173  5.744   -7.090  1.00 144.63 ? 119 PHE A CG  1 
ATOM   1006 C  CD1 . PHE A 1 120 ? -9.838  4.585   -7.481  1.00 143.18 ? 119 PHE A CD1 1 
ATOM   1007 C  CD2 . PHE A 1 120 ? -8.400  5.696   -5.934  1.00 136.19 ? 119 PHE A CD2 1 
ATOM   1008 C  CE1 . PHE A 1 120 ? -9.741  3.416   -6.738  1.00 133.91 ? 119 PHE A CE1 1 
ATOM   1009 C  CE2 . PHE A 1 120 ? -8.314  4.527   -5.185  1.00 130.17 ? 119 PHE A CE2 1 
ATOM   1010 C  CZ  . PHE A 1 120 ? -8.984  3.391   -5.586  1.00 132.71 ? 119 PHE A CZ  1 
HETATM 1011 C  CAA . EYK B 2 .   ? 11.531  -1.900  11.531  0.84 106.74 ? 201 EYK A CAA 1 
HETATM 1012 C  CAL . EYK B 2 .   ? 12.079  -0.533  11.117  0.84 103.55 ? 201 EYK A CAL 1 
HETATM 1013 C  CAB . EYK B 2 .   ? 13.153  -0.751  10.036  0.84 98.10  ? 201 EYK A CAB 1 
HETATM 1014 C  CAC . EYK B 2 .   ? 12.736  0.082   12.364  0.84 104.05 ? 201 EYK A CAC 1 
HETATM 1015 C  CAK . EYK B 2 .   ? 10.943  0.368   10.607  0.84 98.08  ? 201 EYK A CAK 1 
HETATM 1016 C  CAH . EYK B 2 .   ? 9.602   -0.031  10.712  0.84 91.58  ? 201 EYK A CAH 1 
HETATM 1017 C  CAI . EYK B 2 .   ? 8.564   0.787   10.273  0.84 97.17  ? 201 EYK A CAI 1 
HETATM 1018 O  OAD . EYK B 2 .   ? 7.252   0.391   10.365  0.84 87.66  ? 201 EYK A OAD 1 
HETATM 1019 C  CAF . EYK B 2 .   ? 8.865   2.023   9.728   0.84 96.73  ? 201 EYK A CAF 1 
HETATM 1020 C  CAG . EYK B 2 .   ? 10.182  2.448   9.619   0.84 100.96 ? 201 EYK A CAG 1 
HETATM 1021 C  CAJ . EYK B 2 .   ? 11.214  1.639   10.057  0.84 100.88 ? 201 EYK A CAJ 1 
HETATM 1022 O  OAE . EYK B 2 .   ? 12.498  2.093   9.941   0.84 100.36 ? 201 EYK A OAE 1 
HETATM 1023 C  C1  . EDO C 3 .   ? -4.293  -2.490  -15.276 1.00 106.94 ? 202 EDO A C1  1 
HETATM 1024 O  O1  . EDO C 3 .   ? -4.129  -1.075  -15.128 1.00 106.00 ? 202 EDO A O1  1 
HETATM 1025 C  C2  . EDO C 3 .   ? -5.540  -2.913  -16.013 1.00 107.68 ? 202 EDO A C2  1 
HETATM 1026 O  O2  . EDO C 3 .   ? -5.344  -3.454  -17.327 1.00 85.24  ? 202 EDO A O2  1 
HETATM 1027 C  C1  . EDO D 3 .   ? 0.649   -5.262  7.940   1.00 82.27  ? 203 EDO A C1  1 
HETATM 1028 O  O1  . EDO D 3 .   ? 0.442   -6.589  7.525   1.00 83.77  ? 203 EDO A O1  1 
HETATM 1029 C  C2  . EDO D 3 .   ? 0.889   -5.178  9.399   1.00 86.85  ? 203 EDO A C2  1 
HETATM 1030 O  O2  . EDO D 3 .   ? 2.156   -4.666  9.732   1.00 79.96  ? 203 EDO A O2  1 
HETATM 1031 C  C1  . EDO E 3 .   ? 9.044   9.445   -7.899  1.00 100.49 ? 204 EDO A C1  1 
HETATM 1032 O  O1  . EDO E 3 .   ? 8.294   10.616  -7.619  1.00 85.73  ? 204 EDO A O1  1 
HETATM 1033 C  C2  . EDO E 3 .   ? 10.421  9.429   -7.332  1.00 93.80  ? 204 EDO A C2  1 
HETATM 1034 O  O2  . EDO E 3 .   ? 10.415  9.319   -5.929  1.00 89.17  ? 204 EDO A O2  1 
HETATM 1035 C  C1  . EDO F 3 .   ? -14.199 -11.286 2.840   1.00 93.35  ? 205 EDO A C1  1 
HETATM 1036 O  O1  . EDO F 3 .   ? -13.829 -12.592 2.440   1.00 87.99  ? 205 EDO A O1  1 
HETATM 1037 C  C2  . EDO F 3 .   ? -13.023 -10.399 2.954   1.00 90.27  ? 205 EDO A C2  1 
HETATM 1038 O  O2  . EDO F 3 .   ? -12.452 -10.058 1.710   1.00 99.51  ? 205 EDO A O2  1 
HETATM 1039 C  C1  . EDO G 3 .   ? -10.455 -10.186 -3.301  1.00 101.36 ? 206 EDO A C1  1 
HETATM 1040 O  O1  . EDO G 3 .   ? -10.228 -8.916  -3.914  1.00 87.88  ? 206 EDO A O1  1 
HETATM 1041 C  C2  . EDO G 3 .   ? -9.606  -10.477 -2.096  1.00 93.69  ? 206 EDO A C2  1 
HETATM 1042 O  O2  . EDO G 3 .   ? -10.013 -9.888  -0.874  1.00 83.69  ? 206 EDO A O2  1 
HETATM 1043 C  C1  . EDO H 3 .   ? -3.292  10.428  -2.297  1.00 108.51 ? 207 EDO A C1  1 
HETATM 1044 O  O1  . EDO H 3 .   ? -2.081  9.876   -2.750  1.00 90.76  ? 207 EDO A O1  1 
HETATM 1045 C  C2  . EDO H 3 .   ? -4.488  9.846   -2.970  1.00 116.80 ? 207 EDO A C2  1 
HETATM 1046 O  O2  . EDO H 3 .   ? -4.546  9.945   -4.399  1.00 110.27 ? 207 EDO A O2  1 
HETATM 1047 C  C1  . EDO I 3 .   ? 10.634  7.162   5.859   1.00 106.41 ? 208 EDO A C1  1 
HETATM 1048 O  O1  . EDO I 3 .   ? 11.948  7.365   5.388   1.00 103.34 ? 208 EDO A O1  1 
HETATM 1049 C  C2  . EDO I 3 .   ? 10.485  7.385   7.331   1.00 118.64 ? 208 EDO A C2  1 
HETATM 1050 O  O2  . EDO I 3 .   ? 9.146   7.255   7.825   1.00 124.36 ? 208 EDO A O2  1 
HETATM 1051 C  C1  . EDO J 3 .   ? 1.437   9.805   -8.758  1.00 117.50 ? 209 EDO A C1  1 
HETATM 1052 O  O1  . EDO J 3 .   ? 1.097   11.150  -8.509  1.00 92.45  ? 209 EDO A O1  1 
HETATM 1053 C  C2  . EDO J 3 .   ? 0.318   9.009   -9.321  1.00 125.00 ? 209 EDO A C2  1 
HETATM 1054 O  O2  . EDO J 3 .   ? 0.431   8.803   -10.731 1.00 111.38 ? 209 EDO A O2  1 
HETATM 1055 C  C1  . EDO K 3 .   ? -0.298  -4.910  -9.715  1.00 96.60  ? 210 EDO A C1  1 
HETATM 1056 O  O1  . EDO K 3 .   ? -0.720  -4.280  -10.905 1.00 102.68 ? 210 EDO A O1  1 
HETATM 1057 C  C2  . EDO K 3 .   ? -1.280  -5.891  -9.174  1.00 100.18 ? 210 EDO A C2  1 
HETATM 1058 O  O2  . EDO K 3 .   ? -1.063  -7.252  -9.529  1.00 97.90  ? 210 EDO A O2  1 
HETATM 1059 CL CL  . CL  L 4 .   ? 12.298  -10.033 8.364   1.00 60.56  ? 211 CL  A CL  1 
HETATM 1060 O  O   . HOH M 5 .   ? 2.103   12.856  -2.293  1.00 76.68  ? 301 HOH A O   1 
HETATM 1061 O  O   . HOH M 5 .   ? 4.621   -11.446 -11.595 1.00 93.94  ? 302 HOH A O   1 
HETATM 1062 O  O   . HOH M 5 .   ? -6.989  -2.297  -7.993  1.00 55.48  ? 303 HOH A O   1 
HETATM 1063 O  O   . HOH M 5 .   ? 3.602   -2.989  9.709   1.00 59.79  ? 304 HOH A O   1 
HETATM 1064 O  O   . HOH M 5 .   ? -11.554 12.474  1.449   1.00 89.54  ? 305 HOH A O   1 
HETATM 1065 O  O   . HOH M 5 .   ? 19.756  -1.828  2.982   1.00 65.74  ? 306 HOH A O   1 
HETATM 1066 O  O   . HOH M 5 .   ? -6.453  1.923   11.164  1.00 64.53  ? 307 HOH A O   1 
HETATM 1067 O  O   . HOH M 5 .   ? -8.538  11.211  1.518   1.00 83.57  ? 308 HOH A O   1 
HETATM 1068 O  O   . HOH M 5 .   ? 4.675   5.158   -11.259 1.00 92.67  ? 309 HOH A O   1 
HETATM 1069 O  O   . HOH M 5 .   ? 13.234  1.722   -6.719  1.00 72.20  ? 310 HOH A O   1 
HETATM 1070 O  O   . HOH M 5 .   ? 3.629   8.124   -6.583  1.00 68.19  ? 311 HOH A O   1 
HETATM 1071 O  O   . HOH M 5 .   ? 2.447   9.451   -0.940  1.00 68.01  ? 312 HOH A O   1 
HETATM 1072 O  O   . HOH M 5 .   ? 7.180   -14.371 -2.300  1.00 71.79  ? 313 HOH A O   1 
HETATM 1073 O  O   . HOH M 5 .   ? -13.384 -13.855 0.318   1.00 90.60  ? 314 HOH A O   1 
HETATM 1074 O  O   . HOH M 5 .   ? 18.140  15.929  0.179   1.00 110.89 ? 315 HOH A O   1 
HETATM 1075 O  O   . HOH M 5 .   ? -5.602  -0.373  13.197  1.00 62.67  ? 316 HOH A O   1 
HETATM 1076 O  O   . HOH M 5 .   ? -5.185  6.042   5.766   1.00 66.52  ? 317 HOH A O   1 
HETATM 1077 O  O   . HOH M 5 .   ? 12.844  -5.456  2.872   1.00 50.84  ? 318 HOH A O   1 
HETATM 1078 O  O   . HOH M 5 .   ? 10.559  -8.921  -4.218  1.00 39.82  ? 319 HOH A O   1 
HETATM 1079 O  O   . HOH M 5 .   ? 3.420   10.616  -7.342  1.00 64.32  ? 320 HOH A O   1 
HETATM 1080 O  O   . HOH M 5 .   ? -7.071  -14.157 -0.246  1.00 51.69  ? 321 HOH A O   1 
HETATM 1081 O  O   . HOH M 5 .   ? 5.959   8.921   8.022   1.00 72.49  ? 322 HOH A O   1 
HETATM 1082 O  O   . HOH M 5 .   ? -16.909 1.568   -8.307  1.00 89.01  ? 323 HOH A O   1 
HETATM 1083 O  O   . HOH M 5 .   ? 12.433  -10.034 -5.130  1.00 52.83  ? 324 HOH A O   1 
HETATM 1084 O  O   . HOH M 5 .   ? -11.010 7.647   9.678   1.00 93.64  ? 325 HOH A O   1 
HETATM 1085 O  O   . HOH M 5 .   ? 8.283   -14.066 3.864   1.00 52.31  ? 326 HOH A O   1 
HETATM 1086 O  O   . HOH M 5 .   ? -2.585  5.609   5.728   1.00 70.00  ? 327 HOH A O   1 
HETATM 1087 O  O   . HOH M 5 .   ? 10.798  -8.614  10.272  1.00 52.28  ? 328 HOH A O   1 
HETATM 1088 O  O   . HOH M 5 .   ? -1.351  4.006   -6.077  1.00 60.17  ? 329 HOH A O   1 
HETATM 1089 O  O   . HOH M 5 .   ? -1.410  7.743   5.260   1.00 130.22 ? 330 HOH A O   1 
HETATM 1090 O  O   . HOH M 5 .   ? -17.739 1.247   0.965   1.00 86.45  ? 331 HOH A O   1 
HETATM 1091 O  O   . HOH M 5 .   ? 0.116   5.761   -1.632  1.00 56.72  ? 332 HOH A O   1 
HETATM 1092 O  O   . HOH M 5 .   ? -6.793  -12.306 -11.076 1.00 73.33  ? 333 HOH A O   1 
HETATM 1093 O  O   . HOH M 5 .   ? -14.982 -3.948  -3.703  1.00 51.43  ? 334 HOH A O   1 
HETATM 1094 O  O   . HOH M 5 .   ? 15.149  7.795   6.717   1.00 65.41  ? 335 HOH A O   1 
HETATM 1095 O  O   . HOH M 5 .   ? -9.538  -1.505  -13.756 1.00 83.25  ? 336 HOH A O   1 
HETATM 1096 O  O   . HOH M 5 .   ? -5.070  -6.464  9.378   1.00 47.80  ? 337 HOH A O   1 
HETATM 1097 O  O   . HOH M 5 .   ? 4.696   2.240   -6.055  1.00 45.57  ? 338 HOH A O   1 
HETATM 1098 O  O   . HOH M 5 .   ? 7.792   -12.193 5.685   1.00 47.56  ? 339 HOH A O   1 
HETATM 1099 O  O   . HOH M 5 .   ? 9.309   5.790   -9.492  1.00 76.55  ? 340 HOH A O   1 
HETATM 1100 O  O   . HOH M 5 .   ? 14.410  -7.001  1.407   1.00 34.61  ? 341 HOH A O   1 
HETATM 1101 O  O   . HOH M 5 .   ? 16.152  6.082   -8.467  1.00 90.65  ? 342 HOH A O   1 
HETATM 1102 O  O   . HOH M 5 .   ? 17.133  1.502   -3.272  1.00 76.01  ? 343 HOH A O   1 
HETATM 1103 O  O   . HOH M 5 .   ? 7.338   -9.211  -11.497 1.00 99.50  ? 344 HOH A O   1 
HETATM 1104 O  O   . HOH M 5 .   ? 12.026  -0.885  -11.232 1.00 71.08  ? 345 HOH A O   1 
HETATM 1105 O  O   . HOH M 5 .   ? 9.130   -0.524  -10.823 1.00 69.22  ? 346 HOH A O   1 
HETATM 1106 O  O   . HOH M 5 .   ? 4.614   4.795   -7.308  1.00 48.41  ? 347 HOH A O   1 
HETATM 1107 O  O   . HOH M 5 .   ? 15.703  2.007   -2.026  1.00 59.03  ? 348 HOH A O   1 
HETATM 1108 O  O   . HOH M 5 .   ? -15.433 0.524   -13.542 1.00 90.71  ? 349 HOH A O   1 
HETATM 1109 O  O   . HOH M 5 .   ? -8.285  -7.033  -10.214 1.00 75.28  ? 350 HOH A O   1 
HETATM 1110 O  O   . HOH M 5 .   ? 8.759   -15.398 -0.408  1.00 49.06  ? 351 HOH A O   1 
HETATM 1111 O  O   . HOH M 5 .   ? -10.928 -1.603  -10.652 1.00 82.72  ? 352 HOH A O   1 
HETATM 1112 O  O   . HOH M 5 .   ? -0.350  7.715   10.274  1.00 82.19  ? 353 HOH A O   1 
HETATM 1113 O  O   . HOH M 5 .   ? -9.407  -3.808  -5.104  1.00 70.34  ? 354 HOH A O   1 
HETATM 1114 O  O   . HOH M 5 .   ? 2.200   6.552   -9.716  1.00 90.88  ? 355 HOH A O   1 
HETATM 1115 O  O   . HOH M 5 .   ? 7.661   2.979   -11.044 1.00 57.14  ? 356 HOH A O   1 
HETATM 1116 O  O   . HOH M 5 .   ? 13.416  -3.327  -0.471  1.00 70.67  ? 357 HOH A O   1 
HETATM 1117 O  O   . HOH M 5 .   ? -12.743 -5.371  -1.392  1.00 52.72  ? 358 HOH A O   1 
HETATM 1118 O  O   . HOH M 5 .   ? -2.615  8.239   9.434   1.00 54.30  ? 359 HOH A O   1 
HETATM 1119 O  O   . HOH M 5 .   ? -18.070 -3.199  11.025  1.00 86.40  ? 360 HOH A O   1 
HETATM 1120 O  O   . HOH M 5 .   ? 12.800  -2.568  1.910   1.00 56.10  ? 361 HOH A O   1 
HETATM 1121 O  O   . HOH M 5 .   ? -1.597  -15.092 0.299   1.00 52.54  ? 362 HOH A O   1 
HETATM 1122 O  O   . HOH M 5 .   ? 9.430   -10.070 -10.898 1.00 79.37  ? 363 HOH A O   1 
HETATM 1123 O  O   . HOH M 5 .   ? 2.997   -14.022 7.482   1.00 55.30  ? 364 HOH A O   1 
HETATM 1124 O  O   . HOH M 5 .   ? -13.164 -6.776  8.702   1.00 75.81  ? 365 HOH A O   1 
HETATM 1125 O  O   . HOH M 5 .   ? 13.018  15.737  -1.593  1.00 54.95  ? 366 HOH A O   1 
HETATM 1126 O  O   . HOH M 5 .   ? -1.381  9.114   -5.819  1.00 82.91  ? 367 HOH A O   1 
HETATM 1127 O  O   . HOH M 5 .   ? -15.852 7.698   -2.964  1.00 78.68  ? 368 HOH A O   1 
HETATM 1128 O  O   . HOH M 5 .   ? 18.719  -6.956  2.714   1.00 51.37  ? 369 HOH A O   1 
HETATM 1129 O  O   . HOH M 5 .   ? -8.628  2.456   10.899  1.00 71.11  ? 370 HOH A O   1 
HETATM 1130 O  O   . HOH M 5 .   ? 14.233  8.818   10.603  1.00 75.57  ? 371 HOH A O   1 
HETATM 1131 O  O   . HOH M 5 .   ? -4.009  8.441   4.532   1.00 62.78  ? 372 HOH A O   1 
HETATM 1132 O  O   . HOH M 5 .   ? 3.548   4.948   9.684   1.00 54.78  ? 373 HOH A O   1 
HETATM 1133 O  O   . HOH M 5 .   ? 13.832  2.918   12.972  1.00 122.47 ? 374 HOH A O   1 
HETATM 1134 O  O   . HOH M 5 .   ? -17.441 8.072   -1.741  1.00 99.98  ? 375 HOH A O   1 
HETATM 1135 O  O   . HOH M 5 .   ? 16.729  2.122   14.488  1.00 61.17  ? 376 HOH A O   1 
HETATM 1136 O  O   . HOH M 5 .   ? 0.149   -16.638 4.547   1.00 89.48  ? 377 HOH A O   1 
HETATM 1137 O  O   . HOH M 5 .   ? 0.151   6.429   -6.259  1.00 59.92  ? 378 HOH A O   1 
HETATM 1138 O  O   . HOH M 5 .   ? 15.953  -9.655  11.171  1.00 57.49  ? 379 HOH A O   1 
HETATM 1139 O  O   . HOH M 5 .   ? -2.688  -15.799 2.917   1.00 79.57  ? 380 HOH A O   1 
HETATM 1140 O  O   . HOH M 5 .   ? -19.381 1.835   -1.000  1.00 70.61  ? 381 HOH A O   1 
HETATM 1141 O  O   . HOH M 5 .   ? 2.324   9.173   -4.503  1.00 83.24  ? 382 HOH A O   1 
HETATM 1142 O  O   . HOH M 5 .   ? 4.437   6.968   8.962   1.00 81.51  ? 383 HOH A O   1 
HETATM 1143 O  O   . HOH M 5 .   ? -2.535  7.252   -7.604  1.00 105.74 ? 384 HOH A O   1 
HETATM 1144 O  O   . HOH M 5 .   ? 5.298   3.925   11.149  1.00 74.26  ? 385 HOH A O   1 
HETATM 1145 O  O   . HOH M 5 .   ? 0.273   6.734   -4.057  1.00 65.54  ? 386 HOH A O   1 
HETATM 1146 O  O   . HOH M 5 .   ? -8.763  -4.743  -6.341  1.00 63.03  ? 387 HOH A O   1 
HETATM 1147 O  O   . HOH M 5 .   ? 2.386   6.139   -6.802  1.00 59.10  ? 388 HOH A O   1 
HETATM 1148 O  O   . HOH M 5 .   ? 13.328  11.755  12.677  1.00 114.11 ? 389 HOH A O   1 
HETATM 1149 O  O   . HOH M 5 .   ? 18.433  5.278   -5.005  1.00 57.91  ? 390 HOH A O   1 
HETATM 1150 O  O   . HOH M 5 .   ? -10.743 -10.862 -8.188  1.00 82.38  ? 391 HOH A O   1 
HETATM 1151 O  O   . HOH M 5 .   ? 2.945   6.243   11.869  1.00 97.40  ? 392 HOH A O   1 
# 
